data_4TLX
#
_entry.id   4TLX
#
_cell.length_a   84.150
_cell.length_b   156.906
_cell.length_c   163.639
_cell.angle_alpha   90.00
_cell.angle_beta   90.00
_cell.angle_gamma   90.00
#
_symmetry.space_group_name_H-M   'P 21 21 21'
#
loop_
_entity.id
_entity.type
_entity.pdbx_description
1 polymer KtzI
2 non-polymer 'DIHYDROFLAVINE-ADENINE DINUCLEOTIDE'
3 non-polymer 'NADP NICOTINAMIDE-ADENINE-DINUCLEOTIDE PHOSPHATE'
4 non-polymer L-ornithine
5 non-polymer 'POTASSIUM ION'
6 water water
#
_entity_poly.entity_id   1
_entity_poly.type   'polypeptide(L)'
_entity_poly.pdbx_seq_one_letter_code
;MGSSHHHHHHSSGLVPRGSHMVAHAGESPTHDVVGVGFGPANLSLAVALEESPAALTSAFFERRASISWHQGMLLPAAKM
QVSFLKDLATFRNPASRFSFVSFLHERGRLVRFANNHDFFPTRREFHDYLEWAESKLAHEVSYDSEVTAIRPGPGRPVDS
VLVDVSTPEATRTVEARNIVISTGLVPRMPAGVQSDEFVWHSSRFLDHFRDRDPRSLRRVAVAGGGQSAAEIVRFLHDNR
PDTVVHAIMPSYGYVVADNTPFANQIFDPAAVDDYFDGSKQAKDAFWRYHRNTNYSVVDDEVIRDLYRRGYDDEVAGAPR
LNFVNLAHVVGAKRIADDTRVTVYSMAREESYDLDVDVLVCATGYDPMDPGDLLGELAEHCVQDAEGRWQVDRDYRMVTT
PDLRCGIYLQGGTEHTHGLSSSLLSNLATRSGEIVSSIERRKS
;
_entity_poly.pdbx_strand_id   A,B,C,D
#
# COMPACT_ATOMS: atom_id res chain seq x y z
N PRO A 29 -29.75 -40.99 -28.15
CA PRO A 29 -28.39 -40.54 -27.81
C PRO A 29 -28.30 -40.12 -26.34
N THR A 30 -27.68 -40.96 -25.51
CA THR A 30 -27.51 -40.63 -24.10
C THR A 30 -26.14 -40.02 -23.80
N HIS A 31 -26.14 -38.81 -23.25
CA HIS A 31 -24.91 -38.12 -22.85
C HIS A 31 -24.34 -38.67 -21.53
N ASP A 32 -23.00 -38.68 -21.43
CA ASP A 32 -22.33 -38.93 -20.15
C ASP A 32 -22.70 -37.88 -19.11
N VAL A 33 -22.72 -36.62 -19.54
CA VAL A 33 -23.03 -35.51 -18.63
C VAL A 33 -23.75 -34.34 -19.29
N VAL A 34 -24.76 -33.83 -18.59
CA VAL A 34 -25.47 -32.62 -19.01
C VAL A 34 -25.26 -31.53 -17.97
N GLY A 35 -24.88 -30.35 -18.41
CA GLY A 35 -24.71 -29.23 -17.50
C GLY A 35 -25.89 -28.27 -17.56
N VAL A 36 -26.52 -28.02 -16.40
CA VAL A 36 -27.60 -27.02 -16.33
C VAL A 36 -27.03 -25.66 -15.90
N GLY A 37 -27.14 -24.66 -16.78
CA GLY A 37 -26.57 -23.34 -16.56
C GLY A 37 -25.20 -23.23 -17.23
N PHE A 38 -24.86 -22.04 -17.74
CA PHE A 38 -23.52 -21.86 -18.26
C PHE A 38 -22.85 -20.57 -17.78
N GLY A 39 -22.62 -20.51 -16.47
CA GLY A 39 -21.74 -19.53 -15.87
C GLY A 39 -20.32 -20.08 -15.72
N PRO A 40 -19.47 -19.33 -14.99
CA PRO A 40 -18.08 -19.75 -14.83
C PRO A 40 -17.96 -21.21 -14.33
N ALA A 41 -18.87 -21.65 -13.49
CA ALA A 41 -18.76 -23.02 -12.92
C ALA A 41 -18.85 -24.08 -14.03
N ASN A 42 -19.91 -24.04 -14.83
CA ASN A 42 -20.04 -25.00 -15.90
C ASN A 42 -19.07 -24.78 -17.07
N LEU A 43 -18.69 -23.52 -17.27
CA LEU A 43 -17.65 -23.18 -18.22
C LEU A 43 -16.34 -23.87 -17.85
N SER A 44 -16.01 -23.87 -16.56
CA SER A 44 -14.81 -24.57 -16.10
C SER A 44 -14.99 -26.08 -16.21
N LEU A 45 -16.23 -26.56 -16.06
CA LEU A 45 -16.51 -27.98 -16.25
C LEU A 45 -16.24 -28.36 -17.71
N ALA A 46 -16.75 -27.57 -18.64
CA ALA A 46 -16.53 -27.81 -20.09
C ALA A 46 -15.05 -27.84 -20.39
N VAL A 47 -14.29 -26.92 -19.79
CA VAL A 47 -12.85 -26.88 -20.00
C VAL A 47 -12.22 -28.15 -19.44
N ALA A 48 -12.60 -28.53 -18.23
CA ALA A 48 -12.10 -29.78 -17.65
C ALA A 48 -12.43 -31.00 -18.55
N LEU A 49 -13.63 -31.02 -19.12
CA LEU A 49 -14.03 -32.10 -20.02
C LEU A 49 -13.11 -32.13 -21.22
N GLU A 50 -12.89 -30.99 -21.84
CA GLU A 50 -12.04 -30.94 -23.01
C GLU A 50 -10.58 -31.32 -22.72
N GLU A 51 -10.04 -30.87 -21.58
CA GLU A 51 -8.63 -31.17 -21.26
C GLU A 51 -8.44 -32.62 -20.81
N SER A 52 -9.51 -33.26 -20.31
CA SER A 52 -9.41 -34.63 -19.83
C SER A 52 -9.19 -35.56 -20.99
N PRO A 53 -8.34 -36.58 -20.81
CA PRO A 53 -8.14 -37.62 -21.84
C PRO A 53 -9.39 -38.48 -21.99
N ALA A 54 -10.23 -38.51 -20.95
CA ALA A 54 -11.47 -39.26 -20.98
C ALA A 54 -12.37 -38.78 -22.12
N ALA A 55 -12.93 -39.74 -22.85
CA ALA A 55 -13.90 -39.44 -23.92
C ALA A 55 -15.29 -39.39 -23.30
N LEU A 56 -15.76 -38.20 -22.97
CA LEU A 56 -17.07 -38.07 -22.33
C LEU A 56 -17.94 -37.18 -23.18
N THR A 57 -19.16 -37.63 -23.46
CA THR A 57 -20.09 -36.84 -24.25
C THR A 57 -20.80 -35.88 -23.29
N SER A 58 -21.18 -34.70 -23.77
CA SER A 58 -21.78 -33.71 -22.89
C SER A 58 -22.67 -32.74 -23.66
N ALA A 59 -23.60 -32.10 -22.96
CA ALA A 59 -24.36 -30.98 -23.52
C ALA A 59 -24.57 -29.97 -22.40
N PHE A 60 -24.51 -28.69 -22.75
CA PHE A 60 -24.75 -27.62 -21.77
C PHE A 60 -25.92 -26.75 -22.19
N PHE A 61 -26.76 -26.38 -21.22
CA PHE A 61 -27.91 -25.53 -21.53
C PHE A 61 -27.90 -24.26 -20.69
N GLU A 62 -28.00 -23.11 -21.36
CA GLU A 62 -28.08 -21.82 -20.70
C GLU A 62 -29.36 -21.13 -21.16
N ARG A 63 -30.15 -20.63 -20.21
CA ARG A 63 -31.40 -19.97 -20.53
C ARG A 63 -31.20 -18.68 -21.33
N ARG A 64 -30.17 -17.91 -20.96
CA ARG A 64 -29.90 -16.63 -21.61
C ARG A 64 -29.35 -16.81 -23.03
N ALA A 65 -29.28 -15.69 -23.77
CA ALA A 65 -28.84 -15.72 -25.16
C ALA A 65 -27.36 -16.00 -25.26
N SER A 66 -26.63 -15.71 -24.20
CA SER A 66 -25.18 -15.91 -24.17
C SER A 66 -24.74 -15.92 -22.72
N ILE A 67 -23.44 -16.03 -22.49
CA ILE A 67 -22.93 -15.95 -21.13
C ILE A 67 -23.29 -14.58 -20.57
N SER A 68 -23.88 -14.56 -19.39
CA SER A 68 -24.33 -13.31 -18.79
C SER A 68 -23.93 -13.32 -17.32
N TRP A 69 -22.77 -12.76 -17.02
CA TRP A 69 -22.20 -12.93 -15.70
C TRP A 69 -22.43 -11.69 -14.82
N HIS A 70 -23.53 -11.71 -14.07
CA HIS A 70 -23.97 -10.58 -13.25
C HIS A 70 -23.86 -9.22 -13.95
N GLN A 71 -24.45 -9.15 -15.14
CA GLN A 71 -24.44 -7.92 -15.95
C GLN A 71 -25.17 -6.77 -15.28
N GLY A 72 -26.22 -7.08 -14.53
CA GLY A 72 -26.91 -6.08 -13.70
C GLY A 72 -25.97 -5.31 -12.79
N MET A 73 -24.80 -5.88 -12.50
CA MET A 73 -23.87 -5.24 -11.57
C MET A 73 -22.54 -4.90 -12.23
N LEU A 74 -22.47 -4.93 -13.57
CA LEU A 74 -21.24 -4.54 -14.27
C LEU A 74 -21.02 -3.03 -14.23
N LEU A 75 -20.81 -2.49 -13.03
CA LEU A 75 -20.57 -1.06 -12.84
C LEU A 75 -19.17 -0.70 -13.33
N PRO A 76 -19.00 0.55 -13.78
CA PRO A 76 -17.79 1.12 -14.38
C PRO A 76 -16.47 0.72 -13.71
N ALA A 77 -16.40 0.79 -12.40
CA ALA A 77 -15.08 0.58 -11.81
C ALA A 77 -14.94 -0.80 -11.13
N ALA A 78 -15.90 -1.70 -11.39
CA ALA A 78 -16.02 -2.93 -10.61
C ALA A 78 -14.82 -3.89 -10.84
N LYS A 79 -14.23 -4.39 -9.78
CA LYS A 79 -13.09 -5.27 -9.87
C LYS A 79 -13.41 -6.67 -9.41
N MET A 80 -12.67 -7.63 -9.91
CA MET A 80 -12.76 -9.00 -9.42
C MET A 80 -12.42 -9.03 -7.91
N GLN A 81 -13.05 -9.94 -7.17
CA GLN A 81 -12.70 -10.15 -5.77
C GLN A 81 -11.69 -11.29 -5.64
N VAL A 82 -11.20 -11.79 -6.76
CA VAL A 82 -10.32 -12.94 -6.72
C VAL A 82 -9.12 -12.70 -7.63
N SER A 83 -7.95 -13.19 -7.20
CA SER A 83 -6.73 -13.13 -8.01
C SER A 83 -6.91 -13.76 -9.40
N PHE A 84 -6.27 -13.18 -10.42
CA PHE A 84 -6.40 -13.71 -11.78
C PHE A 84 -5.89 -15.17 -11.88
N LEU A 85 -5.00 -15.59 -10.96
CA LEU A 85 -4.52 -16.98 -10.95
C LEU A 85 -5.64 -17.96 -10.66
N LYS A 86 -6.71 -17.50 -10.02
CA LYS A 86 -7.87 -18.37 -9.80
C LYS A 86 -8.84 -18.21 -10.95
N ASP A 87 -8.53 -18.90 -12.03
CA ASP A 87 -9.33 -18.74 -13.24
C ASP A 87 -10.05 -20.06 -13.51
N LEU A 88 -10.25 -20.39 -14.78
CA LEU A 88 -11.01 -21.56 -15.16
C LEU A 88 -10.25 -22.86 -14.98
N ALA A 89 -8.91 -22.80 -14.85
CA ALA A 89 -8.12 -24.03 -14.93
C ALA A 89 -6.80 -24.07 -14.18
N THR A 90 -6.21 -22.90 -13.95
CA THR A 90 -4.79 -22.82 -13.61
C THR A 90 -4.35 -23.67 -12.42
N PHE A 91 -5.13 -23.67 -11.34
CA PHE A 91 -4.76 -24.43 -10.14
C PHE A 91 -4.70 -25.94 -10.43
N ARG A 92 -5.42 -26.38 -11.44
CA ARG A 92 -5.43 -27.80 -11.82
C ARG A 92 -4.37 -28.04 -12.87
N ASN A 93 -4.35 -27.18 -13.89
CA ASN A 93 -3.46 -27.32 -15.04
C ASN A 93 -2.77 -26.00 -15.27
N PRO A 94 -1.52 -25.87 -14.77
CA PRO A 94 -0.73 -24.63 -14.77
C PRO A 94 -0.33 -24.17 -16.16
N ALA A 95 -0.65 -24.94 -17.20
CA ALA A 95 -0.34 -24.55 -18.56
C ALA A 95 -1.53 -24.75 -19.48
N SER A 96 -2.70 -24.35 -18.98
CA SER A 96 -3.93 -24.49 -19.74
C SER A 96 -4.02 -23.44 -20.83
N ARG A 97 -4.49 -23.85 -22.00
CA ARG A 97 -4.81 -22.93 -23.09
C ARG A 97 -5.98 -22.03 -22.69
N PHE A 98 -6.64 -22.35 -21.57
CA PHE A 98 -7.81 -21.56 -21.13
C PHE A 98 -7.52 -20.68 -19.92
N SER A 99 -6.24 -20.54 -19.57
CA SER A 99 -5.88 -19.70 -18.44
C SER A 99 -6.09 -18.20 -18.73
N PHE A 100 -6.19 -17.41 -17.66
CA PHE A 100 -6.34 -15.97 -17.80
C PHE A 100 -5.11 -15.40 -18.52
N VAL A 101 -3.94 -15.96 -18.19
CA VAL A 101 -2.70 -15.55 -18.83
C VAL A 101 -2.74 -15.79 -20.34
N SER A 102 -3.24 -16.95 -20.76
CA SER A 102 -3.38 -17.25 -22.20
C SER A 102 -4.32 -16.24 -22.85
N PHE A 103 -5.43 -15.98 -22.17
CA PHE A 103 -6.39 -14.97 -22.64
C PHE A 103 -5.71 -13.60 -22.85
N LEU A 104 -4.98 -13.13 -21.84
CA LEU A 104 -4.29 -11.84 -21.95
C LEU A 104 -3.32 -11.84 -23.11
N HIS A 105 -2.60 -12.96 -23.26
CA HIS A 105 -1.61 -13.06 -24.34
C HIS A 105 -2.29 -12.97 -25.71
N GLU A 106 -3.37 -13.72 -25.90
CA GLU A 106 -4.08 -13.65 -27.19
C GLU A 106 -4.66 -12.27 -27.44
N ARG A 107 -5.08 -11.59 -26.37
CA ARG A 107 -5.62 -10.25 -26.50
C ARG A 107 -4.52 -9.19 -26.51
N GLY A 108 -3.27 -9.62 -26.69
CA GLY A 108 -2.16 -8.66 -26.73
C GLY A 108 -2.17 -7.69 -25.55
N ARG A 109 -2.63 -8.12 -24.38
CA ARG A 109 -2.69 -7.27 -23.18
C ARG A 109 -1.87 -7.79 -22.01
N LEU A 110 -1.13 -8.87 -22.22
CA LEU A 110 -0.42 -9.49 -21.10
C LEU A 110 0.64 -8.56 -20.52
N VAL A 111 1.42 -7.95 -21.40
CA VAL A 111 2.47 -7.03 -21.00
C VAL A 111 1.88 -5.81 -20.24
N ARG A 112 0.84 -5.23 -20.81
CA ARG A 112 0.15 -4.11 -20.19
C ARG A 112 -0.37 -4.50 -18.81
N PHE A 113 -1.04 -5.65 -18.74
CA PHE A 113 -1.57 -6.13 -17.47
C PHE A 113 -0.45 -6.32 -16.44
N ALA A 114 0.64 -6.95 -16.86
CA ALA A 114 1.77 -7.14 -15.94
C ALA A 114 2.36 -5.81 -15.44
N ASN A 115 2.35 -4.79 -16.29
CA ASN A 115 2.88 -3.47 -15.88
C ASN A 115 2.08 -2.87 -14.73
N ASN A 116 0.82 -3.22 -14.65
CA ASN A 116 -0.06 -2.75 -13.62
C ASN A 116 0.25 -3.28 -12.24
N HIS A 117 0.82 -4.46 -12.17
CA HIS A 117 1.08 -5.17 -10.90
C HIS A 117 -0.13 -5.25 -9.99
N ASP A 118 -1.28 -5.57 -10.58
CA ASP A 118 -2.52 -5.73 -9.82
C ASP A 118 -3.06 -7.13 -10.08
N PHE A 119 -3.25 -7.91 -9.02
CA PHE A 119 -3.73 -9.30 -9.16
C PHE A 119 -5.20 -9.38 -9.57
N PHE A 120 -5.92 -8.28 -9.42
CA PHE A 120 -7.37 -8.29 -9.59
C PHE A 120 -7.77 -7.55 -10.87
N PRO A 121 -8.21 -8.32 -11.88
CA PRO A 121 -8.71 -7.73 -13.13
C PRO A 121 -10.01 -6.97 -12.87
N THR A 122 -10.50 -6.24 -13.87
CA THR A 122 -11.80 -5.63 -13.72
C THR A 122 -12.85 -6.69 -14.04
N ARG A 123 -14.07 -6.50 -13.54
CA ARG A 123 -15.13 -7.43 -13.90
C ARG A 123 -15.40 -7.45 -15.41
N ARG A 124 -15.25 -6.30 -16.08
CA ARG A 124 -15.50 -6.19 -17.52
C ARG A 124 -14.54 -7.12 -18.24
N GLU A 125 -13.27 -7.05 -17.85
CA GLU A 125 -12.25 -7.86 -18.51
C GLU A 125 -12.49 -9.35 -18.26
N PHE A 126 -12.88 -9.68 -17.04
CA PHE A 126 -13.15 -11.08 -16.71
C PHE A 126 -14.34 -11.59 -17.51
N HIS A 127 -15.36 -10.73 -17.70
CA HIS A 127 -16.53 -11.14 -18.46
C HIS A 127 -16.05 -11.50 -19.88
N ASP A 128 -15.11 -10.73 -20.38
CA ASP A 128 -14.51 -10.92 -21.66
C ASP A 128 -13.73 -12.23 -21.73
N TYR A 129 -13.00 -12.54 -20.67
CA TYR A 129 -12.29 -13.80 -20.52
C TYR A 129 -13.26 -14.97 -20.65
N LEU A 130 -14.39 -14.92 -19.96
CA LEU A 130 -15.39 -15.98 -20.05
C LEU A 130 -15.84 -16.22 -21.52
N GLU A 131 -16.11 -15.13 -22.23
CA GLU A 131 -16.65 -15.27 -23.57
C GLU A 131 -15.56 -15.79 -24.49
N TRP A 132 -14.34 -15.34 -24.24
CA TRP A 132 -13.20 -15.80 -25.03
C TRP A 132 -12.98 -17.30 -24.81
N ALA A 133 -13.14 -17.77 -23.58
CA ALA A 133 -12.91 -19.18 -23.24
C ALA A 133 -14.01 -20.02 -23.88
N GLU A 134 -15.23 -19.50 -23.79
CA GLU A 134 -16.37 -20.17 -24.36
C GLU A 134 -16.19 -20.34 -25.88
N SER A 135 -15.71 -19.32 -26.56
CA SER A 135 -15.50 -19.40 -28.01
C SER A 135 -14.42 -20.41 -28.37
N LYS A 136 -13.35 -20.42 -27.59
CA LYS A 136 -12.21 -21.33 -27.82
C LYS A 136 -12.63 -22.80 -27.64
N LEU A 137 -13.52 -23.05 -26.68
CA LEU A 137 -14.09 -24.40 -26.47
C LEU A 137 -14.49 -25.03 -27.80
N ALA A 138 -14.17 -26.32 -27.97
CA ALA A 138 -14.65 -27.06 -29.12
C ALA A 138 -16.18 -27.22 -29.02
N HIS A 139 -16.67 -27.69 -27.88
CA HIS A 139 -18.09 -27.91 -27.66
C HIS A 139 -18.92 -26.67 -27.97
N GLU A 140 -20.17 -26.88 -28.36
CA GLU A 140 -21.08 -25.78 -28.65
C GLU A 140 -22.20 -25.75 -27.62
N VAL A 141 -22.27 -24.66 -26.86
CA VAL A 141 -23.28 -24.54 -25.80
C VAL A 141 -24.64 -24.25 -26.42
N SER A 142 -25.71 -24.77 -25.83
CA SER A 142 -27.06 -24.46 -26.31
C SER A 142 -27.62 -23.29 -25.52
N TYR A 143 -27.70 -22.11 -26.14
CA TYR A 143 -28.29 -20.93 -25.48
C TYR A 143 -29.81 -20.84 -25.66
N ASP A 144 -30.42 -19.84 -25.03
CA ASP A 144 -31.87 -19.67 -25.08
C ASP A 144 -32.57 -20.97 -24.74
N SER A 145 -31.93 -21.76 -23.88
CA SER A 145 -32.41 -23.10 -23.55
C SER A 145 -32.57 -23.22 -22.05
N GLU A 146 -33.79 -23.13 -21.56
CA GLU A 146 -34.02 -23.18 -20.11
C GLU A 146 -34.44 -24.56 -19.65
N VAL A 147 -33.66 -25.15 -18.73
CA VAL A 147 -34.03 -26.45 -18.17
C VAL A 147 -35.22 -26.22 -17.26
N THR A 148 -36.33 -26.89 -17.54
CA THR A 148 -37.56 -26.66 -16.80
C THR A 148 -37.82 -27.75 -15.77
N ALA A 149 -37.20 -28.92 -16.00
CA ALA A 149 -37.35 -30.05 -15.09
C ALA A 149 -36.29 -31.12 -15.32
N ILE A 150 -36.06 -31.92 -14.28
CA ILE A 150 -35.22 -33.08 -14.42
C ILE A 150 -36.01 -34.28 -13.92
N ARG A 151 -36.18 -35.29 -14.77
CA ARG A 151 -36.99 -36.45 -14.43
C ARG A 151 -36.21 -37.76 -14.48
N PRO A 152 -36.69 -38.77 -13.74
CA PRO A 152 -36.13 -40.13 -13.76
C PRO A 152 -36.15 -40.70 -15.17
N GLY A 153 -35.01 -41.22 -15.64
CA GLY A 153 -34.99 -41.97 -16.87
C GLY A 153 -35.72 -43.29 -16.66
N PRO A 154 -35.79 -44.10 -17.72
CA PRO A 154 -36.54 -45.36 -17.67
C PRO A 154 -35.81 -46.42 -16.84
N GLY A 155 -36.58 -47.23 -16.10
CA GLY A 155 -36.01 -48.41 -15.47
C GLY A 155 -35.77 -48.22 -13.99
N ARG A 156 -35.55 -49.33 -13.29
CA ARG A 156 -35.18 -49.32 -11.89
C ARG A 156 -34.11 -50.38 -11.64
N PRO A 157 -33.01 -49.99 -11.02
CA PRO A 157 -32.85 -48.60 -10.54
C PRO A 157 -32.69 -47.58 -11.69
N VAL A 158 -32.93 -46.31 -11.36
CA VAL A 158 -32.81 -45.23 -12.34
C VAL A 158 -31.34 -45.00 -12.72
N ASP A 159 -30.99 -45.21 -13.99
CA ASP A 159 -29.60 -45.13 -14.41
C ASP A 159 -29.28 -43.86 -15.21
N SER A 160 -30.33 -43.13 -15.57
CA SER A 160 -30.19 -41.91 -16.35
C SER A 160 -31.26 -40.95 -15.88
N VAL A 161 -31.10 -39.66 -16.22
CA VAL A 161 -32.15 -38.69 -16.00
C VAL A 161 -32.62 -38.11 -17.34
N LEU A 162 -33.84 -37.59 -17.33
CA LEU A 162 -34.37 -36.94 -18.51
C LEU A 162 -34.39 -35.46 -18.23
N VAL A 163 -33.86 -34.68 -19.18
CA VAL A 163 -33.72 -33.25 -18.98
C VAL A 163 -34.65 -32.50 -19.93
N ASP A 164 -35.65 -31.82 -19.37
CA ASP A 164 -36.64 -31.07 -20.16
C ASP A 164 -36.15 -29.67 -20.47
N VAL A 165 -35.95 -29.43 -21.76
CA VAL A 165 -35.40 -28.16 -22.18
C VAL A 165 -36.38 -27.38 -23.03
N SER A 166 -36.59 -26.12 -22.65
CA SER A 166 -37.52 -25.25 -23.33
C SER A 166 -36.76 -24.15 -24.07
N THR A 167 -36.91 -24.13 -25.39
CA THR A 167 -36.39 -23.05 -26.22
C THR A 167 -37.54 -22.14 -26.69
N PRO A 168 -37.21 -21.02 -27.35
CA PRO A 168 -38.27 -20.08 -27.77
C PRO A 168 -39.23 -20.71 -28.78
N GLU A 169 -38.69 -21.53 -29.68
CA GLU A 169 -39.51 -22.25 -30.65
C GLU A 169 -40.18 -23.50 -30.07
N ALA A 170 -39.38 -24.40 -29.51
CA ALA A 170 -39.84 -25.74 -29.16
C ALA A 170 -39.59 -26.12 -27.71
N THR A 171 -39.85 -27.39 -27.42
CA THR A 171 -39.44 -28.02 -26.17
C THR A 171 -38.86 -29.37 -26.57
N ARG A 172 -37.91 -29.86 -25.79
CA ARG A 172 -37.28 -31.14 -26.07
C ARG A 172 -36.78 -31.79 -24.79
N THR A 173 -36.35 -33.05 -24.89
CA THR A 173 -35.86 -33.78 -23.74
C THR A 173 -34.59 -34.48 -24.13
N VAL A 174 -33.57 -34.36 -23.26
CA VAL A 174 -32.31 -35.06 -23.51
C VAL A 174 -32.07 -35.99 -22.35
N GLU A 175 -31.30 -37.03 -22.61
CA GLU A 175 -31.07 -38.06 -21.61
C GLU A 175 -29.58 -38.04 -21.24
N ALA A 176 -29.29 -38.26 -19.96
CA ALA A 176 -27.91 -38.20 -19.51
C ALA A 176 -27.70 -39.09 -18.30
N ARG A 177 -26.52 -39.68 -18.21
CA ARG A 177 -26.18 -40.57 -17.11
C ARG A 177 -25.76 -39.75 -15.88
N ASN A 178 -25.33 -38.51 -16.12
CA ASN A 178 -24.99 -37.58 -15.05
C ASN A 178 -25.45 -36.17 -15.38
N ILE A 179 -25.71 -35.40 -14.34
CA ILE A 179 -26.11 -34.02 -14.52
C ILE A 179 -25.37 -33.11 -13.52
N VAL A 180 -24.94 -31.95 -13.99
CA VAL A 180 -24.25 -31.01 -13.11
C VAL A 180 -25.08 -29.74 -13.03
N ILE A 181 -25.60 -29.45 -11.84
CA ILE A 181 -26.48 -28.32 -11.65
C ILE A 181 -25.66 -27.13 -11.15
N SER A 182 -25.60 -26.08 -11.96
CA SER A 182 -24.78 -24.91 -11.64
C SER A 182 -25.54 -23.64 -12.04
N THR A 183 -26.68 -23.41 -11.38
CA THR A 183 -27.61 -22.36 -11.78
C THR A 183 -27.46 -21.05 -11.01
N GLY A 184 -26.50 -21.00 -10.10
CA GLY A 184 -26.06 -19.76 -9.52
C GLY A 184 -26.80 -19.29 -8.29
N LEU A 185 -26.26 -18.27 -7.62
CA LEU A 185 -26.90 -17.63 -6.47
C LEU A 185 -28.29 -17.11 -6.84
N VAL A 186 -29.19 -17.08 -5.86
CA VAL A 186 -30.54 -16.60 -6.06
C VAL A 186 -30.77 -15.33 -5.24
N PRO A 187 -31.14 -14.26 -5.94
CA PRO A 187 -31.34 -12.94 -5.28
C PRO A 187 -32.26 -13.07 -4.07
N ARG A 188 -31.91 -12.40 -2.97
CA ARG A 188 -32.73 -12.40 -1.77
C ARG A 188 -33.12 -10.95 -1.45
N MET A 189 -34.43 -10.72 -1.35
CA MET A 189 -34.96 -9.40 -0.95
C MET A 189 -35.18 -9.43 0.55
N PRO A 190 -35.26 -8.24 1.16
CA PRO A 190 -35.58 -8.19 2.59
C PRO A 190 -36.96 -8.79 2.81
N ALA A 191 -37.17 -9.39 3.98
CA ALA A 191 -38.49 -9.87 4.36
C ALA A 191 -39.47 -8.70 4.38
N GLY A 192 -40.59 -8.85 3.66
CA GLY A 192 -41.64 -7.86 3.66
C GLY A 192 -41.45 -6.81 2.57
N VAL A 193 -40.53 -7.08 1.66
CA VAL A 193 -40.26 -6.15 0.57
C VAL A 193 -40.24 -6.92 -0.74
N GLN A 194 -41.01 -6.45 -1.71
CA GLN A 194 -41.05 -7.12 -2.99
C GLN A 194 -40.49 -6.24 -4.07
N SER A 195 -39.91 -6.82 -5.10
CA SER A 195 -39.42 -6.02 -6.19
C SER A 195 -40.56 -5.46 -7.00
N ASP A 196 -40.29 -4.39 -7.69
CA ASP A 196 -41.29 -3.67 -8.40
C ASP A 196 -40.62 -2.66 -9.24
N GLU A 197 -41.41 -1.78 -9.78
CA GLU A 197 -40.95 -0.79 -10.69
C GLU A 197 -39.98 0.15 -10.00
N PHE A 198 -40.17 0.35 -8.72
CA PHE A 198 -39.31 1.24 -7.97
C PHE A 198 -38.57 0.62 -6.78
N VAL A 199 -38.67 -0.67 -6.63
CA VAL A 199 -37.89 -1.41 -5.66
C VAL A 199 -37.11 -2.47 -6.39
N TRP A 200 -35.83 -2.26 -6.59
CA TRP A 200 -35.00 -3.21 -7.34
C TRP A 200 -34.05 -4.01 -6.44
N HIS A 201 -33.82 -5.26 -6.80
CA HIS A 201 -32.67 -5.97 -6.22
C HIS A 201 -31.38 -5.52 -6.94
N SER A 202 -30.28 -5.45 -6.20
CA SER A 202 -29.00 -5.02 -6.76
C SER A 202 -28.61 -5.81 -8.02
N SER A 203 -28.97 -7.09 -8.06
CA SER A 203 -28.66 -7.90 -9.25
C SER A 203 -29.22 -7.33 -10.56
N ARG A 204 -30.28 -6.55 -10.46
CA ARG A 204 -30.90 -5.96 -11.64
C ARG A 204 -30.78 -4.45 -11.62
N PHE A 205 -29.73 -3.96 -10.97
CA PHE A 205 -29.53 -2.51 -10.88
C PHE A 205 -29.34 -1.82 -12.23
N LEU A 206 -28.37 -2.25 -13.03
CA LEU A 206 -28.13 -1.58 -14.29
C LEU A 206 -29.28 -1.79 -15.30
N ASP A 207 -29.93 -2.96 -15.26
CA ASP A 207 -31.11 -3.21 -16.10
C ASP A 207 -32.10 -2.04 -15.94
N HIS A 208 -32.46 -1.73 -14.69
CA HIS A 208 -33.46 -0.69 -14.43
C HIS A 208 -32.88 0.70 -14.62
N PHE A 209 -31.65 0.88 -14.16
CA PHE A 209 -31.05 2.20 -14.18
C PHE A 209 -30.86 2.79 -15.58
N ARG A 210 -30.53 1.94 -16.55
CA ARG A 210 -30.34 2.38 -17.92
C ARG A 210 -31.65 2.45 -18.67
N ASP A 211 -32.76 2.48 -17.93
CA ASP A 211 -34.08 2.55 -18.53
C ASP A 211 -34.90 3.70 -17.94
N ARG A 212 -34.25 4.48 -17.07
CA ARG A 212 -34.92 5.61 -16.43
C ARG A 212 -34.18 6.91 -16.72
N ASP A 213 -34.93 8.01 -16.75
CA ASP A 213 -34.34 9.33 -16.98
C ASP A 213 -33.48 9.75 -15.79
N PRO A 214 -32.24 10.15 -16.08
CA PRO A 214 -31.30 10.57 -15.03
C PRO A 214 -31.92 11.59 -14.06
N ARG A 215 -32.58 12.60 -14.63
CA ARG A 215 -33.20 13.65 -13.83
C ARG A 215 -34.40 13.14 -13.02
N SER A 216 -34.63 11.82 -13.05
CA SER A 216 -35.76 11.23 -12.35
C SER A 216 -35.32 10.39 -11.14
N LEU A 217 -34.00 10.24 -10.97
CA LEU A 217 -33.47 9.48 -9.84
C LEU A 217 -32.58 10.36 -8.97
N ARG A 218 -33.15 11.46 -8.47
CA ARG A 218 -32.39 12.38 -7.64
C ARG A 218 -32.27 11.87 -6.19
N ARG A 219 -33.14 10.95 -5.80
CA ARG A 219 -33.12 10.41 -4.46
C ARG A 219 -33.14 8.89 -4.48
N VAL A 220 -32.06 8.27 -3.99
CA VAL A 220 -31.98 6.81 -3.98
C VAL A 220 -31.64 6.29 -2.60
N ALA A 221 -32.40 5.29 -2.13
CA ALA A 221 -32.06 4.52 -0.94
C ALA A 221 -31.45 3.18 -1.39
N VAL A 222 -30.30 2.84 -0.81
CA VAL A 222 -29.65 1.54 -1.06
C VAL A 222 -29.55 0.81 0.28
N ALA A 223 -30.24 -0.32 0.40
CA ALA A 223 -30.17 -1.13 1.61
C ALA A 223 -29.03 -2.16 1.53
N GLY A 224 -28.19 -2.19 2.56
CA GLY A 224 -27.15 -3.21 2.64
C GLY A 224 -25.81 -2.66 3.03
N GLY A 225 -24.96 -3.51 3.61
CA GLY A 225 -23.62 -3.11 3.99
C GLY A 225 -22.53 -3.94 3.32
N GLY A 226 -22.90 -4.68 2.28
CA GLY A 226 -21.96 -5.56 1.59
C GLY A 226 -21.35 -4.95 0.33
N GLN A 227 -20.64 -5.77 -0.43
CA GLN A 227 -19.93 -5.29 -1.62
C GLN A 227 -20.88 -4.65 -2.65
N SER A 228 -22.03 -5.28 -2.88
CA SER A 228 -23.00 -4.74 -3.82
C SER A 228 -23.48 -3.34 -3.38
N ALA A 229 -23.90 -3.22 -2.12
CA ALA A 229 -24.38 -1.94 -1.61
C ALA A 229 -23.31 -0.85 -1.80
N ALA A 230 -22.06 -1.18 -1.43
CA ALA A 230 -20.99 -0.21 -1.50
C ALA A 230 -20.75 0.22 -2.93
N GLU A 231 -20.70 -0.75 -3.85
CA GLU A 231 -20.40 -0.39 -5.25
C GLU A 231 -21.51 0.49 -5.85
N ILE A 232 -22.76 0.15 -5.55
CA ILE A 232 -23.89 0.90 -6.07
C ILE A 232 -23.87 2.35 -5.53
N VAL A 233 -23.66 2.51 -4.22
CA VAL A 233 -23.57 3.85 -3.65
C VAL A 233 -22.43 4.65 -4.28
N ARG A 234 -21.27 4.04 -4.44
CA ARG A 234 -20.14 4.71 -5.04
C ARG A 234 -20.47 5.12 -6.46
N PHE A 235 -21.07 4.20 -7.20
CA PHE A 235 -21.47 4.51 -8.57
C PHE A 235 -22.47 5.69 -8.63
N LEU A 236 -23.53 5.64 -7.84
CA LEU A 236 -24.47 6.76 -7.79
C LEU A 236 -23.75 8.08 -7.46
N HIS A 237 -22.79 8.04 -6.55
CA HIS A 237 -22.11 9.28 -6.17
C HIS A 237 -21.30 9.81 -7.33
N ASP A 238 -20.67 8.91 -8.08
CA ASP A 238 -19.78 9.32 -9.17
C ASP A 238 -20.56 9.68 -10.42
N ASN A 239 -21.75 9.10 -10.59
CA ASN A 239 -22.49 9.19 -11.85
C ASN A 239 -23.15 10.54 -12.07
N ARG A 240 -23.78 11.09 -11.04
CA ARG A 240 -24.33 12.46 -11.14
C ARG A 240 -24.03 13.24 -9.86
N PRO A 241 -23.65 14.52 -10.01
CA PRO A 241 -23.18 15.38 -8.89
C PRO A 241 -24.26 15.76 -7.87
N ASP A 242 -25.52 15.51 -8.19
CA ASP A 242 -26.63 16.03 -7.39
C ASP A 242 -27.53 14.94 -6.80
N THR A 243 -27.24 13.68 -7.10
CA THR A 243 -28.01 12.58 -6.53
C THR A 243 -27.79 12.53 -5.01
N VAL A 244 -28.87 12.35 -4.26
CA VAL A 244 -28.77 12.18 -2.82
C VAL A 244 -29.01 10.71 -2.53
N VAL A 245 -28.13 10.13 -1.70
CA VAL A 245 -28.15 8.68 -1.47
C VAL A 245 -28.24 8.34 0.01
N HIS A 246 -29.19 7.48 0.34
CA HIS A 246 -29.31 6.98 1.71
C HIS A 246 -28.81 5.53 1.74
N ALA A 247 -27.67 5.32 2.40
CA ALA A 247 -27.09 4.00 2.56
C ALA A 247 -27.57 3.43 3.91
N ILE A 248 -28.47 2.45 3.85
CA ILE A 248 -29.10 1.94 5.05
C ILE A 248 -28.57 0.54 5.35
N MET A 249 -27.95 0.38 6.52
CA MET A 249 -27.31 -0.88 6.86
C MET A 249 -27.27 -1.15 8.36
N PRO A 250 -27.27 -2.43 8.75
CA PRO A 250 -27.33 -2.80 10.16
C PRO A 250 -26.06 -2.53 10.94
N SER A 251 -24.91 -2.48 10.28
CA SER A 251 -23.66 -2.28 11.01
C SER A 251 -23.46 -0.78 11.27
N TYR A 252 -22.44 -0.41 12.03
CA TYR A 252 -22.20 1.01 12.32
C TYR A 252 -21.45 1.66 11.15
N GLY A 253 -20.80 0.83 10.35
CA GLY A 253 -20.13 1.26 9.13
C GLY A 253 -19.77 0.00 8.33
N TYR A 254 -19.40 0.17 7.06
CA TYR A 254 -18.90 -0.94 6.24
C TYR A 254 -17.83 -1.71 7.00
N VAL A 255 -17.92 -3.04 6.95
CA VAL A 255 -16.91 -3.91 7.53
C VAL A 255 -15.95 -4.39 6.43
N VAL A 256 -14.64 -4.34 6.68
CA VAL A 256 -13.67 -4.67 5.64
C VAL A 256 -13.68 -6.18 5.31
N ALA A 257 -13.56 -6.52 4.03
CA ALA A 257 -13.46 -7.91 3.61
C ALA A 257 -12.04 -8.41 3.94
N ASP A 258 -11.94 -9.60 4.51
CA ASP A 258 -10.63 -10.13 4.86
C ASP A 258 -10.12 -11.03 3.75
N ASN A 259 -9.02 -10.63 3.11
CA ASN A 259 -8.29 -11.61 2.29
C ASN A 259 -6.80 -11.69 2.62
N THR A 260 -6.45 -11.35 3.86
CA THR A 260 -5.08 -11.55 4.32
C THR A 260 -4.75 -13.06 4.25
N PRO A 261 -3.47 -13.38 4.09
CA PRO A 261 -3.04 -14.70 3.57
C PRO A 261 -3.46 -15.92 4.42
N PHE A 262 -3.44 -15.83 5.76
CA PHE A 262 -3.81 -17.00 6.57
C PHE A 262 -5.32 -17.24 6.53
N ALA A 263 -6.11 -16.17 6.70
CA ALA A 263 -7.58 -16.34 6.62
C ALA A 263 -7.95 -16.79 5.24
N ASN A 264 -7.21 -16.30 4.24
CA ASN A 264 -7.53 -16.63 2.86
C ASN A 264 -7.33 -18.10 2.52
N GLN A 265 -6.60 -18.81 3.37
CA GLN A 265 -6.38 -20.24 3.14
C GLN A 265 -7.67 -21.04 3.21
N ILE A 266 -8.74 -20.47 3.76
CA ILE A 266 -10.03 -21.19 3.76
C ILE A 266 -10.51 -21.44 2.34
N PHE A 267 -9.94 -20.72 1.38
CA PHE A 267 -10.33 -20.91 -0.01
C PHE A 267 -9.44 -21.90 -0.77
N ASP A 268 -8.40 -22.41 -0.09
CA ASP A 268 -7.48 -23.37 -0.70
C ASP A 268 -8.23 -24.63 -1.10
N PRO A 269 -7.79 -25.27 -2.19
CA PRO A 269 -8.34 -26.59 -2.53
C PRO A 269 -8.28 -27.52 -1.32
N ALA A 270 -7.14 -27.53 -0.61
CA ALA A 270 -6.99 -28.45 0.51
C ALA A 270 -7.95 -28.11 1.65
N ALA A 271 -8.36 -26.85 1.75
CA ALA A 271 -9.26 -26.41 2.83
C ALA A 271 -10.65 -27.00 2.63
N VAL A 272 -10.97 -27.36 1.37
CA VAL A 272 -12.20 -28.04 1.08
C VAL A 272 -12.22 -29.33 1.89
N ASP A 273 -11.13 -30.11 1.83
CA ASP A 273 -11.02 -31.33 2.64
C ASP A 273 -11.16 -31.05 4.15
N ASP A 274 -10.44 -30.06 4.66
CA ASP A 274 -10.52 -29.73 6.08
C ASP A 274 -11.96 -29.46 6.51
N TYR A 275 -12.65 -28.61 5.75
CA TYR A 275 -14.04 -28.31 6.04
C TYR A 275 -14.92 -29.55 5.90
N PHE A 276 -14.80 -30.24 4.78
CA PHE A 276 -15.61 -31.42 4.51
C PHE A 276 -15.46 -32.51 5.58
N ASP A 277 -14.21 -32.84 5.95
CA ASP A 277 -13.94 -33.93 6.90
C ASP A 277 -14.12 -33.46 8.32
N GLY A 278 -14.18 -32.15 8.52
CA GLY A 278 -14.26 -31.64 9.87
C GLY A 278 -15.63 -31.88 10.49
N SER A 279 -15.67 -31.93 11.82
CA SER A 279 -16.92 -32.04 12.55
C SER A 279 -17.79 -30.81 12.29
N LYS A 280 -19.08 -30.90 12.63
CA LYS A 280 -19.98 -29.75 12.51
C LYS A 280 -19.42 -28.59 13.32
N GLN A 281 -18.83 -28.89 14.46
CA GLN A 281 -18.27 -27.87 15.33
C GLN A 281 -17.18 -27.11 14.58
N ALA A 282 -16.34 -27.82 13.82
CA ALA A 282 -15.29 -27.18 13.05
C ALA A 282 -15.89 -26.35 11.91
N LYS A 283 -16.87 -26.92 11.22
CA LYS A 283 -17.53 -26.21 10.14
C LYS A 283 -18.10 -24.89 10.68
N ASP A 284 -18.73 -24.93 11.86
CA ASP A 284 -19.27 -23.70 12.48
C ASP A 284 -18.16 -22.68 12.74
N ALA A 285 -16.99 -23.17 13.15
CA ALA A 285 -15.86 -22.28 13.42
C ALA A 285 -15.43 -21.53 12.17
N PHE A 286 -15.48 -22.18 11.01
CA PHE A 286 -15.11 -21.50 9.76
C PHE A 286 -16.03 -20.29 9.60
N TRP A 287 -17.33 -20.49 9.75
CA TRP A 287 -18.30 -19.40 9.56
C TRP A 287 -18.15 -18.32 10.65
N ARG A 288 -17.96 -18.78 11.88
CA ARG A 288 -17.86 -17.88 13.01
C ARG A 288 -16.65 -16.95 12.85
N TYR A 289 -15.53 -17.49 12.39
CA TYR A 289 -14.31 -16.68 12.30
C TYR A 289 -14.03 -16.02 10.94
N HIS A 290 -14.56 -16.62 9.86
CA HIS A 290 -14.11 -16.22 8.52
C HIS A 290 -15.23 -15.88 7.54
N ARG A 291 -16.45 -15.75 8.07
CA ARG A 291 -17.56 -15.25 7.30
C ARG A 291 -17.17 -13.92 6.62
N ASN A 292 -16.37 -13.12 7.33
CA ASN A 292 -15.95 -11.80 6.87
C ASN A 292 -14.92 -11.84 5.71
N THR A 293 -14.67 -13.03 5.16
CA THR A 293 -13.86 -13.14 3.95
C THR A 293 -14.72 -12.93 2.70
N ASN A 294 -16.04 -12.91 2.88
CA ASN A 294 -16.92 -12.78 1.74
C ASN A 294 -18.28 -12.13 1.99
N TYR A 295 -18.95 -12.49 3.08
CA TYR A 295 -20.34 -12.06 3.25
C TYR A 295 -20.45 -10.75 4.05
N SER A 296 -21.28 -9.82 3.56
CA SER A 296 -21.57 -8.60 4.34
C SER A 296 -20.30 -7.80 4.62
N VAL A 297 -19.41 -7.74 3.63
CA VAL A 297 -18.15 -7.03 3.81
C VAL A 297 -17.78 -6.33 2.52
N VAL A 298 -16.89 -5.35 2.62
CA VAL A 298 -16.54 -4.53 1.46
C VAL A 298 -15.04 -4.47 1.27
N ASP A 299 -14.62 -4.48 0.01
CA ASP A 299 -13.21 -4.37 -0.30
C ASP A 299 -12.64 -3.08 0.29
N ASP A 300 -11.48 -3.21 0.93
CA ASP A 300 -10.73 -2.09 1.49
C ASP A 300 -10.73 -0.82 0.64
N GLU A 301 -10.31 -0.95 -0.63
CA GLU A 301 -10.20 0.21 -1.49
C GLU A 301 -11.54 0.89 -1.76
N VAL A 302 -12.59 0.10 -1.91
CA VAL A 302 -13.90 0.70 -2.16
C VAL A 302 -14.35 1.47 -0.91
N ILE A 303 -14.06 0.91 0.27
CA ILE A 303 -14.42 1.57 1.51
C ILE A 303 -13.75 2.93 1.58
N ARG A 304 -12.46 2.94 1.30
CA ARG A 304 -11.69 4.17 1.39
C ARG A 304 -12.12 5.19 0.35
N ASP A 305 -12.48 4.72 -0.84
CA ASP A 305 -12.95 5.64 -1.88
C ASP A 305 -14.24 6.32 -1.42
N LEU A 306 -15.15 5.55 -0.82
CA LEU A 306 -16.41 6.11 -0.33
C LEU A 306 -16.16 7.12 0.78
N TYR A 307 -15.22 6.79 1.68
CA TYR A 307 -14.91 7.69 2.79
C TYR A 307 -14.32 9.01 2.31
N ARG A 308 -13.43 8.94 1.31
CA ARG A 308 -12.85 10.15 0.71
C ARG A 308 -13.92 11.02 0.05
N ARG A 309 -14.89 10.37 -0.62
CA ARG A 309 -15.98 11.10 -1.27
C ARG A 309 -16.84 11.84 -0.24
N GLY A 310 -17.12 11.16 0.87
CA GLY A 310 -17.98 11.73 1.89
C GLY A 310 -17.24 12.92 2.48
N TYR A 311 -15.95 12.72 2.73
CA TYR A 311 -15.11 13.76 3.31
C TYR A 311 -15.06 15.02 2.44
N ASP A 312 -14.83 14.83 1.13
CA ASP A 312 -14.70 15.98 0.22
C ASP A 312 -16.02 16.75 0.11
N ASP A 313 -17.14 16.02 0.11
CA ASP A 313 -18.44 16.65 0.08
C ASP A 313 -18.63 17.53 1.32
N GLU A 314 -18.16 17.03 2.46
CA GLU A 314 -18.23 17.76 3.71
C GLU A 314 -17.42 19.04 3.61
N VAL A 315 -16.18 18.91 3.13
CA VAL A 315 -15.32 20.06 2.93
C VAL A 315 -15.99 21.08 2.01
N ALA A 316 -16.68 20.58 0.98
CA ALA A 316 -17.34 21.45 -0.01
C ALA A 316 -18.65 22.03 0.53
N GLY A 317 -19.08 21.58 1.70
CA GLY A 317 -20.34 22.00 2.27
C GLY A 317 -21.55 21.49 1.51
N ALA A 318 -21.41 20.38 0.79
CA ALA A 318 -22.49 19.83 -0.01
C ALA A 318 -22.64 18.32 0.20
N PRO A 319 -23.08 17.91 1.39
CA PRO A 319 -23.26 16.47 1.69
C PRO A 319 -24.34 15.84 0.82
N ARG A 320 -24.09 14.63 0.32
CA ARG A 320 -25.04 13.92 -0.56
C ARG A 320 -25.22 12.48 -0.04
N LEU A 321 -24.19 11.95 0.62
CA LEU A 321 -24.23 10.57 1.10
C LEU A 321 -24.73 10.57 2.51
N ASN A 322 -25.88 9.96 2.73
CA ASN A 322 -26.43 9.87 4.06
C ASN A 322 -26.35 8.42 4.56
N PHE A 323 -25.48 8.18 5.53
CA PHE A 323 -25.30 6.83 6.07
C PHE A 323 -26.26 6.55 7.23
N VAL A 324 -27.15 5.61 7.00
CA VAL A 324 -28.17 5.32 7.99
C VAL A 324 -27.81 3.97 8.61
N ASN A 325 -27.04 4.05 9.68
CA ASN A 325 -26.43 2.87 10.27
C ASN A 325 -27.28 2.32 11.39
N LEU A 326 -26.97 1.09 11.80
CA LEU A 326 -27.76 0.40 12.81
C LEU A 326 -29.23 0.43 12.41
N ALA A 327 -29.51 0.08 11.16
CA ALA A 327 -30.89 0.16 10.65
C ALA A 327 -31.15 -0.93 9.60
N HIS A 328 -32.43 -1.28 9.43
CA HIS A 328 -32.86 -2.26 8.40
C HIS A 328 -34.01 -1.66 7.61
N VAL A 329 -34.05 -1.93 6.31
CA VAL A 329 -35.24 -1.61 5.53
C VAL A 329 -36.24 -2.71 5.84
N VAL A 330 -37.46 -2.34 6.24
CA VAL A 330 -38.48 -3.34 6.62
C VAL A 330 -39.74 -3.27 5.75
N GLY A 331 -39.86 -2.25 4.91
CA GLY A 331 -40.99 -2.17 4.02
C GLY A 331 -40.82 -1.10 2.96
N ALA A 332 -41.59 -1.23 1.88
CA ALA A 332 -41.60 -0.22 0.82
C ALA A 332 -42.99 -0.17 0.18
N LYS A 333 -43.48 1.03 -0.09
CA LYS A 333 -44.79 1.26 -0.70
C LYS A 333 -44.63 2.43 -1.65
N ARG A 334 -45.37 2.40 -2.75
CA ARG A 334 -45.37 3.53 -3.69
C ARG A 334 -46.54 4.45 -3.32
N ILE A 335 -46.25 5.73 -3.13
CA ILE A 335 -47.27 6.72 -2.76
C ILE A 335 -47.10 7.94 -3.65
N ALA A 336 -47.90 8.02 -4.71
CA ALA A 336 -47.82 9.14 -5.65
C ALA A 336 -46.48 9.00 -6.38
N ASP A 337 -45.72 10.10 -6.41
CA ASP A 337 -44.41 10.11 -7.06
C ASP A 337 -43.24 9.68 -6.16
N ASP A 338 -43.57 9.16 -4.99
CA ASP A 338 -42.54 8.78 -4.02
C ASP A 338 -42.55 7.29 -3.71
N THR A 339 -41.34 6.73 -3.57
CA THR A 339 -41.22 5.41 -2.98
C THR A 339 -40.98 5.62 -1.49
N ARG A 340 -41.90 5.10 -0.68
CA ARG A 340 -41.83 5.30 0.75
C ARG A 340 -41.23 4.09 1.44
N VAL A 341 -40.01 4.26 1.94
CA VAL A 341 -39.26 3.16 2.56
C VAL A 341 -39.44 3.22 4.07
N THR A 342 -39.92 2.12 4.65
CA THR A 342 -39.97 2.01 6.10
C THR A 342 -38.64 1.48 6.67
N VAL A 343 -38.02 2.28 7.53
CA VAL A 343 -36.72 1.94 8.13
C VAL A 343 -36.90 1.65 9.61
N TYR A 344 -36.31 0.56 10.08
CA TYR A 344 -36.30 0.28 11.51
C TYR A 344 -34.94 0.67 12.11
N SER A 345 -34.95 1.57 13.09
CA SER A 345 -33.72 2.00 13.76
C SER A 345 -33.50 1.14 14.99
N MET A 346 -32.43 0.34 15.00
CA MET A 346 -32.07 -0.43 16.19
C MET A 346 -31.72 0.44 17.39
N ALA A 347 -31.09 1.60 17.17
CA ALA A 347 -30.67 2.46 18.28
C ALA A 347 -31.87 2.98 19.08
N ARG A 348 -32.92 3.38 18.36
CA ARG A 348 -34.11 3.93 19.00
C ARG A 348 -35.25 2.92 19.09
N GLU A 349 -35.05 1.75 18.48
CA GLU A 349 -36.07 0.70 18.49
C GLU A 349 -37.43 1.22 18.05
N GLU A 350 -37.48 1.83 16.89
CA GLU A 350 -38.70 2.33 16.31
C GLU A 350 -38.52 2.46 14.82
N SER A 351 -39.60 2.50 14.06
CA SER A 351 -39.48 2.63 12.62
C SER A 351 -39.99 3.98 12.18
N TYR A 352 -39.59 4.38 10.97
CA TYR A 352 -39.97 5.67 10.41
C TYR A 352 -39.89 5.56 8.90
N ASP A 353 -40.43 6.55 8.21
CA ASP A 353 -40.48 6.52 6.74
C ASP A 353 -39.47 7.44 6.09
N LEU A 354 -39.02 7.03 4.91
CA LEU A 354 -38.03 7.78 4.16
C LEU A 354 -38.58 7.79 2.74
N ASP A 355 -38.75 8.97 2.16
CA ASP A 355 -39.24 9.06 0.78
C ASP A 355 -38.09 9.24 -0.19
N VAL A 356 -38.06 8.36 -1.20
CA VAL A 356 -37.05 8.46 -2.25
C VAL A 356 -37.72 8.14 -3.59
N ASP A 357 -36.96 8.24 -4.67
CA ASP A 357 -37.49 7.85 -5.97
C ASP A 357 -37.38 6.34 -6.16
N VAL A 358 -36.24 5.78 -5.73
CA VAL A 358 -35.99 4.35 -5.90
C VAL A 358 -35.35 3.73 -4.66
N LEU A 359 -35.83 2.54 -4.30
CA LEU A 359 -35.16 1.70 -3.29
C LEU A 359 -34.39 0.58 -4.00
N VAL A 360 -33.08 0.54 -3.81
CA VAL A 360 -32.28 -0.59 -4.32
C VAL A 360 -31.92 -1.47 -3.15
N CYS A 361 -32.34 -2.73 -3.19
CA CYS A 361 -32.01 -3.68 -2.13
C CYS A 361 -30.75 -4.47 -2.50
N ALA A 362 -29.62 -4.13 -1.89
CA ALA A 362 -28.39 -4.87 -2.13
C ALA A 362 -28.29 -5.80 -0.95
N THR A 363 -29.32 -6.62 -0.77
CA THR A 363 -29.49 -7.43 0.44
C THR A 363 -29.04 -8.90 0.26
N GLY A 364 -28.28 -9.14 -0.80
CA GLY A 364 -27.60 -10.42 -0.95
C GLY A 364 -28.37 -11.50 -1.69
N TYR A 365 -27.92 -12.75 -1.50
CA TYR A 365 -28.41 -13.89 -2.25
C TYR A 365 -28.54 -15.09 -1.35
N ASP A 366 -29.36 -16.04 -1.77
CA ASP A 366 -29.40 -17.35 -1.16
C ASP A 366 -28.57 -18.29 -2.01
N PRO A 367 -28.02 -19.34 -1.38
CA PRO A 367 -27.24 -20.37 -2.10
C PRO A 367 -28.11 -21.02 -3.19
N MET A 368 -27.48 -21.51 -4.25
CA MET A 368 -28.15 -22.40 -5.20
C MET A 368 -28.79 -23.58 -4.46
N ASP A 369 -29.98 -23.99 -4.89
CA ASP A 369 -30.60 -25.17 -4.29
C ASP A 369 -31.26 -25.99 -5.39
N PRO A 370 -30.74 -27.20 -5.62
CA PRO A 370 -31.15 -28.06 -6.72
C PRO A 370 -32.61 -28.56 -6.56
N GLY A 371 -33.17 -28.38 -5.37
CA GLY A 371 -34.47 -28.92 -5.03
C GLY A 371 -35.56 -28.74 -6.08
N ASP A 372 -35.81 -27.48 -6.45
CA ASP A 372 -36.87 -27.16 -7.39
C ASP A 372 -36.70 -27.91 -8.72
N LEU A 373 -35.51 -27.80 -9.29
CA LEU A 373 -35.23 -28.44 -10.56
C LEU A 373 -35.36 -29.97 -10.49
N LEU A 374 -35.10 -30.52 -9.32
CA LEU A 374 -35.03 -31.99 -9.19
C LEU A 374 -36.40 -32.66 -9.23
N GLY A 375 -37.44 -31.95 -8.77
CA GLY A 375 -38.78 -32.51 -8.71
C GLY A 375 -38.85 -33.87 -8.07
N GLU A 376 -39.31 -34.86 -8.84
CA GLU A 376 -39.50 -36.21 -8.33
C GLU A 376 -38.22 -36.84 -7.77
N LEU A 377 -37.09 -36.56 -8.43
CA LEU A 377 -35.82 -37.17 -8.03
C LEU A 377 -35.45 -36.82 -6.59
N ALA A 378 -36.00 -35.71 -6.09
CA ALA A 378 -35.71 -35.25 -4.74
C ALA A 378 -36.11 -36.25 -3.67
N GLU A 379 -37.15 -37.00 -3.92
CA GLU A 379 -37.59 -37.97 -2.97
C GLU A 379 -36.42 -38.85 -2.61
N HIS A 380 -35.58 -39.11 -3.58
CA HIS A 380 -34.48 -40.01 -3.42
C HIS A 380 -33.18 -39.37 -3.04
N CYS A 381 -33.17 -38.08 -2.82
CA CYS A 381 -31.97 -37.42 -2.37
C CYS A 381 -31.96 -37.36 -0.86
N VAL A 382 -30.89 -37.81 -0.27
CA VAL A 382 -30.86 -37.89 1.19
C VAL A 382 -30.56 -36.55 1.86
N GLN A 383 -31.32 -36.22 2.89
CA GLN A 383 -31.08 -35.00 3.63
C GLN A 383 -30.35 -35.24 4.94
N ASP A 384 -29.80 -34.19 5.52
CA ASP A 384 -29.12 -34.29 6.82
C ASP A 384 -30.08 -33.94 7.95
N ALA A 385 -29.53 -33.80 9.15
CA ALA A 385 -30.32 -33.43 10.33
C ALA A 385 -31.07 -32.11 10.12
N GLU A 386 -30.36 -31.09 9.67
CA GLU A 386 -30.95 -29.76 9.47
C GLU A 386 -31.77 -29.60 8.20
N GLY A 387 -32.09 -30.72 7.54
CA GLY A 387 -32.91 -30.69 6.33
C GLY A 387 -32.23 -30.28 5.04
N ARG A 388 -30.91 -30.37 4.98
CA ARG A 388 -30.19 -29.95 3.78
C ARG A 388 -29.71 -31.19 3.01
N TRP A 389 -29.39 -31.01 1.73
CA TRP A 389 -28.93 -32.13 0.90
C TRP A 389 -27.59 -32.66 1.38
N GLN A 390 -27.47 -33.96 1.51
CA GLN A 390 -26.19 -34.57 1.75
C GLN A 390 -25.45 -34.59 0.44
N VAL A 391 -24.16 -34.29 0.47
CA VAL A 391 -23.34 -34.30 -0.72
C VAL A 391 -21.99 -34.96 -0.44
N ASP A 392 -21.55 -35.82 -1.35
CA ASP A 392 -20.25 -36.47 -1.22
C ASP A 392 -19.10 -35.53 -1.54
N ARG A 393 -17.89 -35.96 -1.17
CA ARG A 393 -16.69 -35.15 -1.35
C ARG A 393 -16.52 -34.74 -2.81
N ASP A 394 -16.90 -35.62 -3.73
CA ASP A 394 -16.79 -35.33 -5.17
C ASP A 394 -17.99 -34.51 -5.72
N TYR A 395 -18.73 -33.84 -4.82
CA TYR A 395 -19.80 -32.92 -5.20
C TYR A 395 -21.05 -33.62 -5.70
N ARG A 396 -21.10 -34.93 -5.52
CA ARG A 396 -22.26 -35.71 -5.96
C ARG A 396 -23.27 -35.88 -4.84
N MET A 397 -24.53 -35.55 -5.12
CA MET A 397 -25.58 -35.67 -4.10
C MET A 397 -25.69 -37.11 -3.63
N VAL A 398 -25.82 -37.31 -2.33
CA VAL A 398 -26.09 -38.65 -1.81
C VAL A 398 -27.52 -39.07 -2.14
N THR A 399 -27.66 -40.20 -2.82
CA THR A 399 -28.97 -40.77 -3.12
C THR A 399 -29.15 -42.18 -2.56
N THR A 400 -30.41 -42.60 -2.44
CA THR A 400 -30.74 -43.99 -2.14
C THR A 400 -30.38 -44.85 -3.35
N PRO A 401 -30.37 -46.18 -3.16
CA PRO A 401 -29.96 -47.11 -4.23
C PRO A 401 -30.95 -47.11 -5.40
N ASP A 402 -32.07 -46.43 -5.21
CA ASP A 402 -33.06 -46.31 -6.28
C ASP A 402 -32.52 -45.43 -7.40
N LEU A 403 -31.55 -44.59 -7.07
CA LEU A 403 -30.94 -43.70 -8.05
C LEU A 403 -29.44 -43.97 -8.20
N ARG A 404 -29.04 -44.34 -9.42
CA ARG A 404 -27.64 -44.62 -9.72
C ARG A 404 -27.01 -43.51 -10.54
N CYS A 405 -27.84 -42.68 -11.17
CA CYS A 405 -27.32 -41.60 -12.00
C CYS A 405 -26.67 -40.53 -11.10
N GLY A 406 -25.64 -39.88 -11.62
CA GLY A 406 -24.92 -38.88 -10.83
C GLY A 406 -25.52 -37.47 -10.91
N ILE A 407 -25.80 -36.90 -9.74
CA ILE A 407 -26.25 -35.51 -9.67
C ILE A 407 -25.21 -34.66 -8.93
N TYR A 408 -24.51 -33.83 -9.68
CA TYR A 408 -23.44 -33.03 -9.08
C TYR A 408 -23.85 -31.57 -8.94
N LEU A 409 -23.32 -30.93 -7.90
CA LEU A 409 -23.64 -29.55 -7.57
C LEU A 409 -22.40 -28.65 -7.62
N GLN A 410 -22.44 -27.63 -8.47
CA GLN A 410 -21.46 -26.55 -8.39
C GLN A 410 -22.24 -25.34 -7.92
N GLY A 411 -22.09 -25.01 -6.63
CA GLY A 411 -23.03 -24.14 -5.94
C GLY A 411 -23.84 -24.99 -4.98
N GLY A 412 -24.42 -24.38 -3.96
CA GLY A 412 -25.29 -25.11 -3.04
C GLY A 412 -24.57 -26.08 -2.13
N THR A 413 -23.25 -25.94 -2.01
CA THR A 413 -22.48 -26.85 -1.16
C THR A 413 -21.81 -26.11 0.00
N GLU A 414 -22.31 -24.91 0.31
CA GLU A 414 -21.78 -24.12 1.42
C GLU A 414 -21.69 -24.96 2.71
N HIS A 415 -22.69 -25.81 2.94
CA HIS A 415 -22.80 -26.55 4.21
C HIS A 415 -21.95 -27.82 4.24
N THR A 416 -21.51 -28.27 3.07
CA THR A 416 -20.73 -29.49 3.01
C THR A 416 -19.26 -29.25 2.61
N HIS A 417 -19.06 -28.32 1.68
CA HIS A 417 -17.73 -28.10 1.16
C HIS A 417 -17.13 -26.76 1.61
N GLY A 418 -17.98 -25.86 2.09
CA GLY A 418 -17.49 -24.61 2.66
C GLY A 418 -17.63 -23.35 1.81
N LEU A 419 -16.97 -22.29 2.26
CA LEU A 419 -17.17 -20.95 1.70
C LEU A 419 -16.75 -20.76 0.25
N SER A 420 -15.96 -21.68 -0.31
CA SER A 420 -15.60 -21.51 -1.73
C SER A 420 -16.74 -21.88 -2.69
N SER A 421 -17.81 -22.50 -2.17
CA SER A 421 -18.86 -23.07 -3.04
C SER A 421 -19.48 -22.15 -4.09
N SER A 422 -19.77 -20.90 -3.71
CA SER A 422 -20.47 -19.99 -4.63
C SER A 422 -19.47 -19.09 -5.32
N LEU A 423 -18.20 -19.30 -5.02
CA LEU A 423 -17.16 -18.37 -5.44
C LEU A 423 -16.35 -18.88 -6.63
N LEU A 424 -15.40 -18.06 -7.08
CA LEU A 424 -14.54 -18.41 -8.19
C LEU A 424 -13.20 -18.99 -7.70
N SER A 425 -13.06 -19.12 -6.39
CA SER A 425 -11.79 -19.52 -5.78
C SER A 425 -11.31 -20.89 -6.28
N ASN A 426 -12.25 -21.77 -6.54
CA ASN A 426 -11.88 -23.17 -6.71
C ASN A 426 -12.48 -23.85 -7.93
N LEU A 427 -12.77 -23.07 -8.98
CA LEU A 427 -13.35 -23.59 -10.21
C LEU A 427 -12.53 -24.74 -10.80
N ALA A 428 -11.23 -24.53 -10.89
CA ALA A 428 -10.35 -25.47 -11.57
C ALA A 428 -10.35 -26.86 -10.91
N THR A 429 -10.21 -26.87 -9.59
CA THR A 429 -10.09 -28.15 -8.88
C THR A 429 -11.45 -28.84 -8.80
N ARG A 430 -12.52 -28.10 -8.50
CA ARG A 430 -13.84 -28.72 -8.44
C ARG A 430 -14.24 -29.32 -9.78
N SER A 431 -14.10 -28.56 -10.86
CA SER A 431 -14.49 -29.08 -12.15
C SER A 431 -13.66 -30.34 -12.47
N GLY A 432 -12.39 -30.33 -12.10
CA GLY A 432 -11.53 -31.47 -12.39
C GLY A 432 -11.97 -32.68 -11.60
N GLU A 433 -12.35 -32.46 -10.34
CA GLU A 433 -12.81 -33.55 -9.49
C GLU A 433 -14.15 -34.14 -9.96
N ILE A 434 -15.00 -33.28 -10.51
CA ILE A 434 -16.28 -33.76 -11.00
C ILE A 434 -16.08 -34.60 -12.26
N VAL A 435 -15.29 -34.09 -13.19
CA VAL A 435 -14.95 -34.87 -14.37
C VAL A 435 -14.35 -36.24 -13.99
N SER A 436 -13.39 -36.23 -13.07
CA SER A 436 -12.77 -37.45 -12.59
C SER A 436 -13.81 -38.42 -12.01
N SER A 437 -14.71 -37.88 -11.18
CA SER A 437 -15.73 -38.71 -10.56
C SER A 437 -16.53 -39.43 -11.65
N ILE A 438 -16.93 -38.67 -12.67
CA ILE A 438 -17.75 -39.20 -13.74
C ILE A 438 -17.02 -40.27 -14.56
N GLU A 439 -15.75 -40.01 -14.89
CA GLU A 439 -14.92 -41.00 -15.59
C GLU A 439 -14.80 -42.28 -14.75
N ARG A 440 -14.56 -42.13 -13.47
CA ARG A 440 -14.40 -43.22 -12.56
C ARG A 440 -15.61 -44.13 -12.51
N ARG A 441 -16.78 -43.53 -12.52
CA ARG A 441 -18.02 -44.26 -12.38
C ARG A 441 -18.43 -44.90 -13.68
N LYS A 442 -18.27 -44.23 -14.78
CA LYS A 442 -18.46 -44.79 -16.07
C LYS A 442 -17.62 -46.06 -16.20
N SER A 443 -16.60 -46.13 -15.36
CA SER A 443 -15.62 -47.17 -15.35
C SER A 443 -15.98 -48.36 -14.45
N PRO B 29 31.30 -33.13 -35.90
CA PRO B 29 29.92 -32.75 -35.53
C PRO B 29 29.79 -31.23 -35.34
N THR B 30 29.15 -30.56 -36.28
CA THR B 30 28.95 -29.12 -36.17
C THR B 30 27.55 -28.77 -35.63
N HIS B 31 27.53 -28.06 -34.51
CA HIS B 31 26.26 -27.59 -33.93
C HIS B 31 25.68 -26.39 -34.66
N ASP B 32 24.35 -26.32 -34.71
CA ASP B 32 23.65 -25.14 -35.18
C ASP B 32 23.98 -23.95 -34.28
N VAL B 33 24.03 -24.19 -32.97
CA VAL B 33 24.29 -23.10 -32.03
C VAL B 33 25.00 -23.57 -30.76
N VAL B 34 25.96 -22.77 -30.32
CA VAL B 34 26.63 -22.99 -29.05
C VAL B 34 26.37 -21.79 -28.16
N GLY B 35 25.98 -22.06 -26.92
CA GLY B 35 25.78 -21.01 -25.93
C GLY B 35 26.94 -20.90 -24.96
N VAL B 36 27.54 -19.71 -24.85
CA VAL B 36 28.57 -19.46 -23.85
C VAL B 36 27.95 -18.86 -22.58
N GLY B 37 28.08 -19.59 -21.46
CA GLY B 37 27.48 -19.21 -20.18
C GLY B 37 26.11 -19.86 -20.00
N PHE B 38 25.74 -20.19 -18.76
CA PHE B 38 24.39 -20.73 -18.52
C PHE B 38 23.66 -20.07 -17.35
N GLY B 39 23.38 -18.78 -17.54
CA GLY B 39 22.52 -18.03 -16.66
C GLY B 39 21.11 -18.02 -17.21
N PRO B 40 20.24 -17.20 -16.61
CA PRO B 40 18.84 -17.15 -17.07
C PRO B 40 18.74 -16.89 -18.58
N ALA B 41 19.64 -16.07 -19.13
CA ALA B 41 19.56 -15.74 -20.57
C ALA B 41 19.71 -16.98 -21.46
N ASN B 42 20.79 -17.73 -21.26
CA ASN B 42 20.96 -18.94 -22.06
C ASN B 42 20.02 -20.09 -21.68
N LEU B 43 19.61 -20.16 -20.42
CA LEU B 43 18.54 -21.09 -20.03
C LEU B 43 17.28 -20.79 -20.86
N SER B 44 16.88 -19.52 -20.92
CA SER B 44 15.68 -19.21 -21.72
C SER B 44 15.91 -19.53 -23.20
N LEU B 45 17.16 -19.43 -23.66
CA LEU B 45 17.48 -19.84 -25.04
C LEU B 45 17.27 -21.35 -25.20
N ALA B 46 17.79 -22.13 -24.26
CA ALA B 46 17.59 -23.58 -24.29
C ALA B 46 16.09 -23.91 -24.30
N VAL B 47 15.33 -23.24 -23.45
CA VAL B 47 13.88 -23.43 -23.45
C VAL B 47 13.27 -23.08 -24.82
N ALA B 48 13.66 -21.93 -25.37
CA ALA B 48 13.17 -21.53 -26.70
C ALA B 48 13.52 -22.59 -27.76
N LEU B 49 14.75 -23.11 -27.68
CA LEU B 49 15.20 -24.16 -28.62
C LEU B 49 14.31 -25.38 -28.50
N GLU B 50 14.05 -25.81 -27.27
CA GLU B 50 13.22 -27.00 -27.08
C GLU B 50 11.77 -26.80 -27.52
N GLU B 51 11.19 -25.62 -27.25
CA GLU B 51 9.79 -25.38 -27.63
C GLU B 51 9.63 -25.14 -29.13
N SER B 52 10.71 -24.71 -29.78
CA SER B 52 10.64 -24.47 -31.22
C SER B 52 10.42 -25.78 -31.99
N PRO B 53 9.59 -25.74 -33.05
CA PRO B 53 9.45 -26.90 -33.93
C PRO B 53 10.73 -27.15 -34.74
N ALA B 54 11.55 -26.11 -34.88
CA ALA B 54 12.82 -26.23 -35.59
C ALA B 54 13.73 -27.25 -34.92
N ALA B 55 14.32 -28.11 -35.75
CA ALA B 55 15.30 -29.09 -35.28
C ALA B 55 16.67 -28.45 -35.31
N LEU B 56 17.11 -27.93 -34.17
CA LEU B 56 18.40 -27.27 -34.11
C LEU B 56 19.27 -27.97 -33.08
N THR B 57 20.51 -28.27 -33.47
CA THR B 57 21.45 -28.90 -32.54
C THR B 57 22.10 -27.80 -31.74
N SER B 58 22.46 -28.08 -30.49
CA SER B 58 23.04 -27.05 -29.63
C SER B 58 23.91 -27.68 -28.56
N ALA B 59 24.80 -26.86 -28.00
CA ALA B 59 25.54 -27.22 -26.79
C ALA B 59 25.72 -25.97 -25.94
N PHE B 60 25.68 -26.12 -24.62
CA PHE B 60 25.87 -25.00 -23.73
C PHE B 60 27.01 -25.26 -22.77
N PHE B 61 27.82 -24.23 -22.54
CA PHE B 61 28.95 -24.37 -21.63
C PHE B 61 28.91 -23.35 -20.52
N GLU B 62 28.97 -23.85 -19.29
CA GLU B 62 29.01 -23.00 -18.10
C GLU B 62 30.27 -23.34 -17.32
N ARG B 63 31.02 -22.33 -16.93
CA ARG B 63 32.28 -22.55 -16.24
C ARG B 63 32.12 -23.04 -14.78
N ARG B 64 31.01 -22.71 -14.15
CA ARG B 64 30.75 -23.15 -12.82
C ARG B 64 30.19 -24.57 -12.73
N ALA B 65 30.16 -25.13 -11.53
CA ALA B 65 29.74 -26.52 -11.34
C ALA B 65 28.26 -26.70 -11.63
N SER B 66 27.51 -25.60 -11.53
CA SER B 66 26.07 -25.63 -11.77
C SER B 66 25.58 -24.20 -11.96
N ILE B 67 24.28 -24.05 -12.21
CA ILE B 67 23.72 -22.71 -12.32
C ILE B 67 24.05 -21.95 -11.03
N SER B 68 24.62 -20.75 -11.17
CA SER B 68 25.04 -19.99 -10.00
C SER B 68 24.62 -18.55 -10.24
N TRP B 69 23.43 -18.21 -9.76
CA TRP B 69 22.83 -16.92 -10.12
C TRP B 69 23.03 -15.87 -9.02
N HIS B 70 24.14 -15.12 -9.11
CA HIS B 70 24.52 -14.12 -8.11
C HIS B 70 24.42 -14.63 -6.67
N GLN B 71 25.03 -15.79 -6.41
CA GLN B 71 24.96 -16.41 -5.09
C GLN B 71 25.64 -15.57 -4.03
N GLY B 72 26.66 -14.83 -4.42
CA GLY B 72 27.30 -13.93 -3.46
C GLY B 72 26.34 -12.92 -2.87
N MET B 73 25.19 -12.70 -3.54
CA MET B 73 24.21 -11.73 -3.07
C MET B 73 22.88 -12.35 -2.67
N LEU B 74 22.84 -13.67 -2.52
CA LEU B 74 21.62 -14.35 -2.05
C LEU B 74 21.38 -14.09 -0.56
N LEU B 75 21.14 -12.83 -0.21
CA LEU B 75 20.85 -12.45 1.18
C LEU B 75 19.45 -12.92 1.57
N PRO B 76 19.26 -13.22 2.86
CA PRO B 76 18.05 -13.73 3.51
C PRO B 76 16.72 -13.13 2.98
N ALA B 77 16.63 -11.82 2.88
CA ALA B 77 15.31 -11.26 2.54
C ALA B 77 15.19 -10.83 1.08
N ALA B 78 16.19 -11.17 0.26
CA ALA B 78 16.29 -10.59 -1.09
C ALA B 78 15.13 -11.00 -2.01
N LYS B 79 14.52 -9.98 -2.65
CA LYS B 79 13.37 -10.19 -3.54
C LYS B 79 13.76 -9.95 -4.98
N MET B 80 13.07 -10.66 -5.89
CA MET B 80 13.18 -10.37 -7.31
C MET B 80 12.79 -8.91 -7.56
N GLN B 81 13.41 -8.30 -8.57
CA GLN B 81 13.06 -6.95 -9.00
C GLN B 81 12.08 -7.01 -10.16
N VAL B 82 11.67 -8.21 -10.54
CA VAL B 82 10.78 -8.35 -11.68
C VAL B 82 9.57 -9.24 -11.34
N SER B 83 8.40 -8.92 -11.89
CA SER B 83 7.21 -9.72 -11.69
C SER B 83 7.44 -11.18 -12.10
N PHE B 84 6.77 -12.11 -11.41
CA PHE B 84 6.94 -13.54 -11.75
C PHE B 84 6.49 -13.86 -13.18
N LEU B 85 5.63 -13.03 -13.76
CA LEU B 85 5.18 -13.27 -15.14
C LEU B 85 6.31 -13.06 -16.15
N LYS B 86 7.37 -12.37 -15.74
CA LYS B 86 8.52 -12.20 -16.62
C LYS B 86 9.50 -13.31 -16.27
N ASP B 87 9.23 -14.50 -16.79
CA ASP B 87 10.04 -15.66 -16.46
C ASP B 87 10.80 -16.11 -17.72
N LEU B 88 11.06 -17.40 -17.84
CA LEU B 88 11.83 -17.91 -18.97
C LEU B 88 11.09 -17.92 -20.30
N ALA B 89 9.75 -17.88 -20.29
CA ALA B 89 9.00 -18.15 -21.50
C ALA B 89 7.65 -17.44 -21.64
N THR B 90 7.06 -17.04 -20.53
CA THR B 90 5.62 -16.72 -20.54
C THR B 90 5.16 -15.66 -21.54
N PHE B 91 5.92 -14.57 -21.67
CA PHE B 91 5.55 -13.52 -22.64
C PHE B 91 5.55 -14.01 -24.10
N ARG B 92 6.32 -15.07 -24.38
CA ARG B 92 6.33 -15.65 -25.71
C ARG B 92 5.29 -16.75 -25.81
N ASN B 93 5.28 -17.62 -24.80
CA ASN B 93 4.41 -18.78 -24.80
C ASN B 93 3.68 -18.83 -23.47
N PRO B 94 2.43 -18.39 -23.47
CA PRO B 94 1.60 -18.22 -22.26
C PRO B 94 1.22 -19.54 -21.59
N ALA B 95 1.56 -20.67 -22.19
CA ALA B 95 1.27 -21.97 -21.59
C ALA B 95 2.51 -22.86 -21.65
N SER B 96 3.66 -22.31 -21.27
CA SER B 96 4.91 -23.03 -21.28
C SER B 96 5.01 -23.94 -20.08
N ARG B 97 5.51 -25.16 -20.32
CA ARG B 97 5.85 -26.10 -19.25
C ARG B 97 6.98 -25.54 -18.41
N PHE B 98 7.65 -24.50 -18.91
CA PHE B 98 8.76 -23.90 -18.16
C PHE B 98 8.42 -22.59 -17.42
N SER B 99 7.14 -22.23 -17.40
CA SER B 99 6.72 -21.00 -16.72
C SER B 99 6.92 -21.07 -15.20
N PHE B 100 7.00 -19.90 -14.57
CA PHE B 100 7.10 -19.85 -13.11
C PHE B 100 5.86 -20.48 -12.48
N VAL B 101 4.70 -20.27 -13.09
CA VAL B 101 3.46 -20.87 -12.61
C VAL B 101 3.56 -22.42 -12.65
N SER B 102 4.06 -22.99 -13.74
CA SER B 102 4.26 -24.45 -13.80
C SER B 102 5.18 -24.92 -12.67
N PHE B 103 6.28 -24.21 -12.49
CA PHE B 103 7.21 -24.50 -11.41
C PHE B 103 6.50 -24.50 -10.04
N LEU B 104 5.73 -23.46 -9.74
CA LEU B 104 5.02 -23.39 -8.46
C LEU B 104 4.07 -24.57 -8.32
N HIS B 105 3.39 -24.89 -9.41
CA HIS B 105 2.43 -25.98 -9.39
C HIS B 105 3.15 -27.28 -9.04
N GLU B 106 4.21 -27.60 -9.78
CA GLU B 106 4.99 -28.81 -9.54
C GLU B 106 5.49 -28.86 -8.10
N ARG B 107 5.89 -27.71 -7.58
CA ARG B 107 6.41 -27.61 -6.22
C ARG B 107 5.29 -27.55 -5.18
N GLY B 108 4.04 -27.69 -5.62
CA GLY B 108 2.92 -27.65 -4.69
C GLY B 108 2.91 -26.35 -3.87
N ARG B 109 3.32 -25.25 -4.48
CA ARG B 109 3.32 -23.96 -3.78
C ARG B 109 2.47 -22.90 -4.47
N LEU B 110 1.86 -23.24 -5.61
CA LEU B 110 1.10 -22.26 -6.38
C LEU B 110 0.00 -21.60 -5.51
N VAL B 111 -0.74 -22.41 -4.77
CA VAL B 111 -1.84 -21.91 -3.97
C VAL B 111 -1.33 -20.98 -2.86
N ARG B 112 -0.27 -21.42 -2.19
CA ARG B 112 0.38 -20.63 -1.16
C ARG B 112 0.89 -19.31 -1.73
N PHE B 113 1.57 -19.38 -2.87
CA PHE B 113 2.08 -18.18 -3.51
C PHE B 113 0.95 -17.22 -3.85
N ALA B 114 -0.14 -17.74 -4.42
CA ALA B 114 -1.26 -16.90 -4.80
C ALA B 114 -1.87 -16.22 -3.57
N ASN B 115 -1.85 -16.89 -2.42
CA ASN B 115 -2.46 -16.30 -1.20
C ASN B 115 -1.68 -15.07 -0.74
N ASN B 116 -0.40 -15.05 -1.06
CA ASN B 116 0.44 -13.93 -0.74
C ASN B 116 0.08 -12.64 -1.48
N HIS B 117 -0.45 -12.75 -2.69
CA HIS B 117 -0.72 -11.61 -3.57
C HIS B 117 0.49 -10.69 -3.78
N ASP B 118 1.64 -11.31 -4.02
CA ASP B 118 2.87 -10.56 -4.24
C ASP B 118 3.46 -10.99 -5.58
N PHE B 119 3.67 -10.03 -6.48
CA PHE B 119 4.15 -10.38 -7.82
C PHE B 119 5.62 -10.76 -7.82
N PHE B 120 6.31 -10.47 -6.73
CA PHE B 120 7.77 -10.57 -6.69
C PHE B 120 8.21 -11.72 -5.78
N PRO B 121 8.69 -12.81 -6.39
CA PRO B 121 9.20 -13.95 -5.62
C PRO B 121 10.48 -13.55 -4.88
N THR B 122 10.94 -14.37 -3.95
CA THR B 122 12.25 -14.15 -3.37
C THR B 122 13.30 -14.61 -4.38
N ARG B 123 14.50 -14.07 -4.24
CA ARG B 123 15.62 -14.53 -5.07
C ARG B 123 15.91 -16.00 -4.87
N ARG B 124 15.78 -16.49 -3.63
CA ARG B 124 16.02 -17.91 -3.32
C ARG B 124 15.10 -18.78 -4.14
N GLU B 125 13.82 -18.39 -4.17
CA GLU B 125 12.83 -19.20 -4.88
C GLU B 125 13.12 -19.17 -6.39
N PHE B 126 13.50 -18.00 -6.89
CA PHE B 126 13.77 -17.88 -8.33
C PHE B 126 15.00 -18.71 -8.68
N HIS B 127 15.98 -18.75 -7.79
CA HIS B 127 17.19 -19.56 -8.04
C HIS B 127 16.74 -21.01 -8.19
N ASP B 128 15.82 -21.42 -7.33
CA ASP B 128 15.24 -22.77 -7.42
C ASP B 128 14.58 -22.96 -8.79
N TYR B 129 13.74 -21.99 -9.17
CA TYR B 129 13.07 -22.02 -10.46
C TYR B 129 14.07 -22.32 -11.58
N LEU B 130 15.20 -21.63 -11.57
CA LEU B 130 16.18 -21.85 -12.65
C LEU B 130 16.66 -23.30 -12.65
N GLU B 131 17.01 -23.79 -11.47
CA GLU B 131 17.49 -25.16 -11.31
C GLU B 131 16.43 -26.15 -11.78
N TRP B 132 15.20 -25.92 -11.35
CA TRP B 132 14.09 -26.77 -11.76
C TRP B 132 13.91 -26.77 -13.28
N ALA B 133 14.05 -25.61 -13.91
CA ALA B 133 13.85 -25.53 -15.36
C ALA B 133 14.99 -26.26 -16.08
N GLU B 134 16.18 -26.06 -15.55
CA GLU B 134 17.35 -26.69 -16.11
C GLU B 134 17.18 -28.21 -16.07
N SER B 135 16.67 -28.75 -14.95
CA SER B 135 16.48 -30.22 -14.84
C SER B 135 15.46 -30.75 -15.80
N LYS B 136 14.40 -29.98 -16.01
CA LYS B 136 13.31 -30.38 -16.90
C LYS B 136 13.81 -30.43 -18.34
N LEU B 137 14.67 -29.49 -18.70
CA LEU B 137 15.23 -29.45 -20.06
C LEU B 137 15.70 -30.83 -20.50
N ALA B 138 15.39 -31.19 -21.74
CA ALA B 138 15.91 -32.43 -22.31
C ALA B 138 17.43 -32.32 -22.44
N HIS B 139 17.90 -31.24 -23.07
CA HIS B 139 19.33 -30.95 -23.27
C HIS B 139 20.14 -31.09 -21.99
N GLU B 140 21.39 -31.52 -22.14
CA GLU B 140 22.28 -31.61 -21.00
C GLU B 140 23.37 -30.54 -21.09
N VAL B 141 23.42 -29.67 -20.09
CA VAL B 141 24.41 -28.58 -20.12
C VAL B 141 25.76 -29.13 -19.70
N SER B 142 26.84 -28.61 -20.29
CA SER B 142 28.18 -29.01 -19.86
C SER B 142 28.72 -28.01 -18.82
N TYR B 143 28.77 -28.43 -17.57
CA TYR B 143 29.30 -27.60 -16.50
C TYR B 143 30.82 -27.73 -16.35
N ASP B 144 31.39 -26.95 -15.44
CA ASP B 144 32.85 -26.94 -15.23
C ASP B 144 33.58 -26.79 -16.55
N SER B 145 32.93 -26.06 -17.48
CA SER B 145 33.44 -25.91 -18.83
C SER B 145 33.56 -24.44 -19.18
N GLU B 146 34.78 -23.92 -19.11
CA GLU B 146 35.00 -22.53 -19.40
C GLU B 146 35.36 -22.30 -20.87
N VAL B 147 34.63 -21.42 -21.54
CA VAL B 147 35.00 -21.04 -22.89
C VAL B 147 36.15 -20.06 -22.79
N THR B 148 37.28 -20.39 -23.43
CA THR B 148 38.49 -19.59 -23.24
C THR B 148 38.74 -18.73 -24.47
N ALA B 149 38.14 -19.12 -25.59
CA ALA B 149 38.34 -18.38 -26.83
C ALA B 149 37.34 -18.81 -27.90
N ILE B 150 37.08 -17.91 -28.84
CA ILE B 150 36.26 -18.25 -29.98
C ILE B 150 37.06 -17.90 -31.25
N ARG B 151 37.25 -18.90 -32.12
CA ARG B 151 38.11 -18.72 -33.30
C ARG B 151 37.34 -18.97 -34.60
N PRO B 152 37.86 -18.41 -35.71
CA PRO B 152 37.34 -18.62 -37.06
C PRO B 152 37.38 -20.09 -37.44
N GLY B 153 36.27 -20.61 -37.90
CA GLY B 153 36.29 -21.93 -38.48
C GLY B 153 36.99 -21.90 -39.82
N PRO B 154 36.89 -23.01 -40.56
CA PRO B 154 37.61 -23.15 -41.83
C PRO B 154 36.77 -22.72 -43.04
N GLY B 155 37.42 -22.11 -44.01
CA GLY B 155 36.79 -21.72 -45.24
C GLY B 155 36.79 -20.23 -45.38
N ARG B 156 36.52 -19.78 -46.59
CA ARG B 156 36.35 -18.38 -46.90
C ARG B 156 35.18 -18.32 -47.86
N PRO B 157 34.07 -17.73 -47.42
CA PRO B 157 34.02 -17.00 -46.15
C PRO B 157 33.90 -17.94 -44.95
N VAL B 158 34.14 -17.38 -43.77
CA VAL B 158 34.05 -18.12 -42.52
C VAL B 158 32.59 -18.46 -42.26
N ASP B 159 32.31 -19.75 -42.14
CA ASP B 159 30.93 -20.21 -42.03
C ASP B 159 30.64 -20.87 -40.69
N SER B 160 31.67 -21.01 -39.86
CA SER B 160 31.53 -21.59 -38.53
C SER B 160 32.56 -20.99 -37.61
N VAL B 161 32.35 -21.12 -36.31
CA VAL B 161 33.38 -20.72 -35.35
C VAL B 161 33.84 -21.94 -34.58
N LEU B 162 35.07 -21.85 -34.05
CA LEU B 162 35.62 -22.91 -33.22
C LEU B 162 35.65 -22.43 -31.78
N VAL B 163 35.03 -23.21 -30.90
CA VAL B 163 34.88 -22.79 -29.50
C VAL B 163 35.81 -23.62 -28.65
N ASP B 164 36.80 -22.95 -28.05
CA ASP B 164 37.77 -23.60 -27.17
C ASP B 164 37.26 -23.70 -25.74
N VAL B 165 37.07 -24.94 -25.30
CA VAL B 165 36.51 -25.21 -23.98
C VAL B 165 37.53 -25.92 -23.08
N SER B 166 37.70 -25.34 -21.90
CA SER B 166 38.61 -25.88 -20.90
C SER B 166 37.83 -26.48 -19.73
N THR B 167 38.02 -27.78 -19.49
CA THR B 167 37.47 -28.46 -18.33
C THR B 167 38.60 -28.73 -17.33
N PRO B 168 38.26 -29.25 -16.13
CA PRO B 168 39.30 -29.51 -15.13
C PRO B 168 40.30 -30.57 -15.61
N GLU B 169 39.81 -31.59 -16.31
CA GLU B 169 40.68 -32.66 -16.81
C GLU B 169 41.34 -32.37 -18.17
N ALA B 170 40.55 -31.87 -19.12
CA ALA B 170 41.05 -31.70 -20.49
C ALA B 170 40.79 -30.31 -21.07
N THR B 171 41.07 -30.19 -22.36
CA THR B 171 40.64 -29.06 -23.18
C THR B 171 40.11 -29.65 -24.48
N ARG B 172 39.17 -28.95 -25.10
CA ARG B 172 38.57 -29.43 -26.34
C ARG B 172 38.08 -28.28 -27.19
N THR B 173 37.62 -28.59 -28.39
CA THR B 173 37.14 -27.58 -29.31
C THR B 173 35.87 -28.09 -29.96
N VAL B 174 34.82 -27.28 -29.97
CA VAL B 174 33.60 -27.66 -30.67
C VAL B 174 33.35 -26.62 -31.74
N GLU B 175 32.61 -27.03 -32.75
CA GLU B 175 32.40 -26.19 -33.92
C GLU B 175 30.92 -25.88 -34.00
N ALA B 176 30.60 -24.65 -34.39
CA ALA B 176 29.20 -24.22 -34.45
C ALA B 176 28.98 -23.18 -35.54
N ARG B 177 27.80 -23.24 -36.15
CA ARG B 177 27.42 -22.27 -37.17
C ARG B 177 26.98 -20.94 -36.55
N ASN B 178 26.57 -20.99 -35.28
CA ASN B 178 26.17 -19.80 -34.54
C ASN B 178 26.59 -19.90 -33.09
N ILE B 179 26.82 -18.74 -32.48
CA ILE B 179 27.19 -18.71 -31.08
C ILE B 179 26.40 -17.60 -30.35
N VAL B 180 25.93 -17.89 -29.14
CA VAL B 180 25.21 -16.91 -28.36
C VAL B 180 25.99 -16.65 -27.09
N ILE B 181 26.55 -15.45 -27.00
CA ILE B 181 27.39 -15.07 -25.86
C ILE B 181 26.51 -14.41 -24.80
N SER B 182 26.45 -15.04 -23.61
CA SER B 182 25.60 -14.58 -22.50
C SER B 182 26.31 -14.77 -21.17
N THR B 183 27.42 -14.06 -21.01
CA THR B 183 28.34 -14.30 -19.91
C THR B 183 28.15 -13.36 -18.73
N GLY B 184 27.16 -12.48 -18.84
CA GLY B 184 26.68 -11.72 -17.68
C GLY B 184 27.41 -10.41 -17.41
N LEU B 185 26.87 -9.64 -16.46
CA LEU B 185 27.45 -8.39 -16.01
C LEU B 185 28.84 -8.64 -15.43
N VAL B 186 29.69 -7.63 -15.48
CA VAL B 186 31.04 -7.73 -14.96
C VAL B 186 31.22 -6.75 -13.81
N PRO B 187 31.63 -7.25 -12.65
CA PRO B 187 31.76 -6.42 -11.47
C PRO B 187 32.64 -5.21 -11.74
N ARG B 188 32.29 -4.06 -11.17
CA ARG B 188 33.06 -2.84 -11.35
C ARG B 188 33.40 -2.18 -10.01
N MET B 189 34.70 -2.16 -9.69
CA MET B 189 35.18 -1.54 -8.46
C MET B 189 35.35 -0.05 -8.70
N PRO B 190 35.38 0.73 -7.62
CA PRO B 190 35.67 2.17 -7.75
C PRO B 190 37.07 2.34 -8.33
N ALA B 191 37.28 3.43 -9.06
CA ALA B 191 38.60 3.74 -9.61
C ALA B 191 39.56 3.94 -8.45
N GLY B 192 40.69 3.24 -8.49
CA GLY B 192 41.72 3.40 -7.50
C GLY B 192 41.51 2.50 -6.30
N VAL B 193 40.62 1.51 -6.44
CA VAL B 193 40.37 0.57 -5.37
C VAL B 193 40.38 -0.84 -5.92
N GLN B 194 41.20 -1.69 -5.32
CA GLN B 194 41.27 -3.08 -5.78
C GLN B 194 40.68 -4.04 -4.76
N SER B 195 40.09 -5.12 -5.26
CA SER B 195 39.58 -6.15 -4.38
C SER B 195 40.75 -6.81 -3.64
N ASP B 196 40.46 -7.30 -2.45
CA ASP B 196 41.50 -7.79 -1.57
C ASP B 196 40.85 -8.57 -0.44
N GLU B 197 41.66 -8.99 0.53
CA GLU B 197 41.17 -9.81 1.61
C GLU B 197 40.16 -9.04 2.43
N PHE B 198 40.29 -7.72 2.44
CA PHE B 198 39.41 -6.87 3.24
C PHE B 198 38.66 -5.80 2.43
N VAL B 199 38.78 -5.88 1.11
CA VAL B 199 38.03 -5.03 0.21
C VAL B 199 37.29 -5.91 -0.79
N TRP B 200 35.98 -6.05 -0.61
CA TRP B 200 35.20 -6.96 -1.45
C TRP B 200 34.25 -6.22 -2.37
N HIS B 201 34.03 -6.79 -3.56
CA HIS B 201 32.92 -6.32 -4.37
C HIS B 201 31.65 -7.01 -3.87
N SER B 202 30.53 -6.28 -3.88
CA SER B 202 29.25 -6.82 -3.42
C SER B 202 28.93 -8.19 -4.01
N SER B 203 29.33 -8.43 -5.25
CA SER B 203 29.03 -9.70 -5.90
C SER B 203 29.63 -10.88 -5.16
N ARG B 204 30.65 -10.63 -4.35
CA ARG B 204 31.30 -11.70 -3.60
C ARG B 204 31.04 -11.59 -2.11
N PHE B 205 30.07 -10.76 -1.75
CA PHE B 205 29.82 -10.49 -0.34
C PHE B 205 29.64 -11.76 0.54
N LEU B 206 28.72 -12.63 0.16
CA LEU B 206 28.46 -13.80 1.01
C LEU B 206 29.62 -14.79 0.98
N ASP B 207 30.33 -14.89 -0.16
CA ASP B 207 31.52 -15.73 -0.25
C ASP B 207 32.50 -15.39 0.89
N HIS B 208 32.82 -14.11 1.02
CA HIS B 208 33.77 -13.69 2.05
C HIS B 208 33.14 -13.71 3.44
N PHE B 209 31.88 -13.29 3.52
CA PHE B 209 31.25 -13.08 4.81
C PHE B 209 31.06 -14.36 5.62
N ARG B 210 30.74 -15.45 4.94
CA ARG B 210 30.59 -16.72 5.57
C ARG B 210 31.86 -17.26 6.16
N ASP B 211 33.01 -16.91 5.61
CA ASP B 211 34.28 -17.39 6.13
C ASP B 211 34.70 -16.68 7.43
N ARG B 212 34.60 -15.36 7.46
CA ARG B 212 35.05 -14.57 8.60
C ARG B 212 34.34 -14.91 9.91
N ASP B 213 35.02 -14.65 11.02
CA ASP B 213 34.43 -14.76 12.34
C ASP B 213 33.57 -13.52 12.63
N PRO B 214 32.31 -13.76 12.98
CA PRO B 214 31.35 -12.68 13.23
C PRO B 214 31.92 -11.57 14.11
N ARG B 215 32.55 -11.96 15.19
CA ARG B 215 33.13 -11.01 16.14
C ARG B 215 34.32 -10.24 15.54
N SER B 216 34.59 -10.46 14.25
CA SER B 216 35.73 -9.82 13.57
C SER B 216 35.28 -8.75 12.56
N LEU B 217 33.98 -8.63 12.35
CA LEU B 217 33.43 -7.62 11.43
C LEU B 217 32.51 -6.70 12.16
N ARG B 218 33.03 -6.02 13.18
CA ARG B 218 32.21 -5.10 13.97
C ARG B 218 32.08 -3.74 13.28
N ARG B 219 32.94 -3.46 12.30
CA ARG B 219 32.90 -2.19 11.59
C ARG B 219 32.99 -2.42 10.08
N VAL B 220 31.90 -2.10 9.38
CA VAL B 220 31.87 -2.30 7.94
C VAL B 220 31.51 -1.01 7.21
N ALA B 221 32.30 -0.69 6.18
CA ALA B 221 31.91 0.37 5.23
C ALA B 221 31.35 -0.28 3.96
N VAL B 222 30.22 0.23 3.51
CA VAL B 222 29.62 -0.18 2.25
C VAL B 222 29.49 1.05 1.36
N ALA B 223 30.19 1.03 0.22
CA ALA B 223 30.15 2.11 -0.75
C ALA B 223 29.06 1.84 -1.78
N GLY B 224 28.21 2.83 -2.04
CA GLY B 224 27.20 2.73 -3.08
C GLY B 224 25.81 3.14 -2.62
N GLY B 225 24.94 3.51 -3.55
CA GLY B 225 23.61 3.94 -3.18
C GLY B 225 22.54 3.15 -3.92
N GLY B 226 22.95 2.03 -4.53
CA GLY B 226 22.04 1.21 -5.30
C GLY B 226 21.43 0.05 -4.51
N GLN B 227 20.76 -0.85 -5.24
CA GLN B 227 20.07 -1.96 -4.63
C GLN B 227 21.04 -2.86 -3.83
N SER B 228 22.21 -3.15 -4.40
CA SER B 228 23.20 -3.98 -3.69
C SER B 228 23.62 -3.33 -2.38
N ALA B 229 24.00 -2.05 -2.42
CA ALA B 229 24.46 -1.37 -1.20
C ALA B 229 23.38 -1.41 -0.11
N ALA B 230 22.13 -1.16 -0.52
CA ALA B 230 21.04 -1.07 0.43
C ALA B 230 20.76 -2.45 1.05
N GLU B 231 20.76 -3.49 0.21
CA GLU B 231 20.49 -4.83 0.73
C GLU B 231 21.59 -5.28 1.67
N ILE B 232 22.84 -5.00 1.33
CA ILE B 232 23.96 -5.38 2.20
C ILE B 232 23.90 -4.66 3.56
N VAL B 233 23.68 -3.35 3.54
CA VAL B 233 23.58 -2.61 4.79
C VAL B 233 22.41 -3.15 5.64
N ARG B 234 21.28 -3.44 4.99
CA ARG B 234 20.12 -3.91 5.74
C ARG B 234 20.46 -5.24 6.40
N PHE B 235 21.09 -6.12 5.62
CA PHE B 235 21.51 -7.41 6.13
C PHE B 235 22.46 -7.29 7.31
N LEU B 236 23.48 -6.43 7.19
CA LEU B 236 24.42 -6.22 8.28
C LEU B 236 23.71 -5.72 9.54
N HIS B 237 22.72 -4.85 9.35
CA HIS B 237 22.01 -4.32 10.51
C HIS B 237 21.19 -5.42 11.18
N ASP B 238 20.58 -6.28 10.37
CA ASP B 238 19.72 -7.34 10.88
C ASP B 238 20.51 -8.53 11.43
N ASN B 239 21.70 -8.77 10.90
CA ASN B 239 22.50 -9.95 11.22
C ASN B 239 23.12 -9.97 12.62
N ARG B 240 23.73 -8.87 13.03
CA ARG B 240 24.22 -8.76 14.42
C ARG B 240 23.89 -7.39 14.99
N PRO B 241 23.44 -7.35 16.24
CA PRO B 241 22.96 -6.12 16.92
C PRO B 241 24.03 -5.05 17.17
N ASP B 242 25.31 -5.39 17.02
CA ASP B 242 26.39 -4.48 17.42
C ASP B 242 27.30 -4.05 16.28
N THR B 243 27.03 -4.51 15.06
CA THR B 243 27.81 -4.08 13.91
C THR B 243 27.56 -2.59 13.62
N VAL B 244 28.62 -1.83 13.39
CA VAL B 244 28.49 -0.45 13.00
C VAL B 244 28.73 -0.41 11.49
N VAL B 245 27.86 0.31 10.78
CA VAL B 245 27.93 0.35 9.33
C VAL B 245 28.05 1.78 8.83
N HIS B 246 28.98 2.00 7.90
CA HIS B 246 29.07 3.29 7.23
C HIS B 246 28.61 3.12 5.78
N ALA B 247 27.48 3.74 5.45
CA ALA B 247 26.93 3.67 4.09
C ALA B 247 27.39 4.93 3.35
N ILE B 248 28.33 4.76 2.42
CA ILE B 248 28.96 5.89 1.76
C ILE B 248 28.47 5.96 0.34
N MET B 249 27.80 7.06 -0.01
CA MET B 249 27.17 7.19 -1.33
C MET B 249 27.12 8.64 -1.82
N PRO B 250 27.12 8.83 -3.15
CA PRO B 250 27.17 10.20 -3.72
C PRO B 250 25.89 11.00 -3.57
N SER B 251 24.74 10.32 -3.50
CA SER B 251 23.47 11.03 -3.39
C SER B 251 23.24 11.51 -1.96
N TYR B 252 22.20 12.32 -1.73
CA TYR B 252 21.92 12.79 -0.36
C TYR B 252 21.17 11.70 0.43
N GLY B 253 20.59 10.75 -0.30
CA GLY B 253 19.96 9.58 0.29
C GLY B 253 19.63 8.62 -0.83
N TYR B 254 19.24 7.40 -0.47
CA TYR B 254 18.78 6.45 -1.48
C TYR B 254 17.72 7.08 -2.38
N VAL B 255 17.84 6.83 -3.68
CA VAL B 255 16.82 7.25 -4.63
C VAL B 255 15.91 6.05 -4.93
N VAL B 256 14.60 6.27 -4.94
CA VAL B 256 13.66 5.16 -5.17
C VAL B 256 13.74 4.63 -6.61
N ALA B 257 13.59 3.31 -6.77
CA ALA B 257 13.55 2.71 -8.10
C ALA B 257 12.14 2.90 -8.67
N ASP B 258 12.05 3.31 -9.93
CA ASP B 258 10.74 3.57 -10.52
C ASP B 258 10.25 2.34 -11.26
N ASN B 259 9.17 1.72 -10.79
CA ASN B 259 8.51 0.74 -11.67
C ASN B 259 7.02 1.01 -11.82
N THR B 260 6.65 2.28 -11.69
CA THR B 260 5.28 2.69 -11.99
C THR B 260 4.99 2.38 -13.47
N PRO B 261 3.72 2.11 -13.79
CA PRO B 261 3.34 1.42 -15.05
C PRO B 261 3.77 2.11 -16.37
N PHE B 262 3.74 3.43 -16.44
CA PHE B 262 4.11 4.09 -17.73
C PHE B 262 5.62 4.05 -17.93
N ALA B 263 6.38 4.40 -16.89
CA ALA B 263 7.85 4.33 -16.99
C ALA B 263 8.25 2.88 -17.23
N ASN B 264 7.53 1.94 -16.61
CA ASN B 264 7.87 0.53 -16.74
C ASN B 264 7.74 -0.01 -18.17
N GLN B 265 6.98 0.68 -19.01
CA GLN B 265 6.80 0.26 -20.38
C GLN B 265 8.10 0.24 -21.17
N ILE B 266 9.15 0.90 -20.69
CA ILE B 266 10.44 0.83 -21.38
C ILE B 266 10.97 -0.59 -21.41
N PHE B 267 10.40 -1.47 -20.58
CA PHE B 267 10.83 -2.86 -20.54
C PHE B 267 9.96 -3.74 -21.42
N ASP B 268 8.93 -3.16 -22.03
CA ASP B 268 8.04 -3.93 -22.90
C ASP B 268 8.84 -4.50 -24.06
N PRO B 269 8.47 -5.70 -24.54
CA PRO B 269 9.04 -6.21 -25.81
C PRO B 269 8.96 -5.13 -26.91
N ALA B 270 7.80 -4.49 -27.07
CA ALA B 270 7.64 -3.48 -28.13
C ALA B 270 8.55 -2.26 -27.91
N ALA B 271 8.96 -2.04 -26.66
CA ALA B 271 9.82 -0.89 -26.37
C ALA B 271 11.24 -1.14 -26.90
N VAL B 272 11.57 -2.41 -27.11
CA VAL B 272 12.85 -2.75 -27.72
C VAL B 272 12.90 -2.16 -29.12
N ASP B 273 11.80 -2.33 -29.87
CA ASP B 273 11.67 -1.73 -31.19
C ASP B 273 11.81 -0.20 -31.13
N ASP B 274 11.07 0.44 -30.23
CA ASP B 274 11.10 1.89 -30.12
C ASP B 274 12.50 2.40 -29.88
N TYR B 275 13.20 1.78 -28.94
CA TYR B 275 14.60 2.14 -28.65
C TYR B 275 15.49 1.84 -29.85
N PHE B 276 15.36 0.64 -30.40
CA PHE B 276 16.23 0.21 -31.48
C PHE B 276 16.11 1.13 -32.71
N ASP B 277 14.89 1.37 -33.15
CA ASP B 277 14.62 2.16 -34.34
C ASP B 277 14.76 3.66 -34.08
N GLY B 278 14.75 4.06 -32.82
CA GLY B 278 14.76 5.49 -32.52
C GLY B 278 16.12 6.07 -32.81
N SER B 279 16.16 7.38 -33.07
CA SER B 279 17.42 8.10 -33.24
C SER B 279 18.27 8.01 -31.96
N LYS B 280 19.51 8.41 -32.08
CA LYS B 280 20.37 8.50 -30.96
C LYS B 280 19.82 9.45 -29.91
N GLN B 281 19.18 10.50 -30.36
CA GLN B 281 18.58 11.48 -29.49
C GLN B 281 17.50 10.82 -28.63
N ALA B 282 16.68 9.96 -29.24
CA ALA B 282 15.61 9.27 -28.51
C ALA B 282 16.21 8.28 -27.52
N LYS B 283 17.22 7.54 -27.97
CA LYS B 283 17.92 6.61 -27.09
C LYS B 283 18.44 7.34 -25.86
N ASP B 284 19.03 8.53 -26.06
CA ASP B 284 19.56 9.31 -24.94
C ASP B 284 18.46 9.69 -23.97
N ALA B 285 17.29 9.99 -24.52
CA ALA B 285 16.13 10.36 -23.69
C ALA B 285 15.68 9.20 -22.79
N PHE B 286 15.77 7.96 -23.29
CA PHE B 286 15.41 6.82 -22.44
C PHE B 286 16.29 6.84 -21.19
N TRP B 287 17.59 7.04 -21.39
CA TRP B 287 18.54 7.03 -20.27
C TRP B 287 18.34 8.24 -19.38
N ARG B 288 18.17 9.39 -20.01
CA ARG B 288 17.99 10.65 -19.30
C ARG B 288 16.77 10.64 -18.39
N TYR B 289 15.68 10.05 -18.85
CA TYR B 289 14.47 10.04 -18.04
C TYR B 289 14.22 8.79 -17.18
N HIS B 290 14.76 7.65 -17.62
CA HIS B 290 14.32 6.37 -17.02
C HIS B 290 15.45 5.48 -16.53
N ARG B 291 16.64 6.05 -16.39
CA ARG B 291 17.76 5.33 -15.82
C ARG B 291 17.44 4.92 -14.37
N ASN B 292 16.54 5.67 -13.74
CA ASN B 292 16.10 5.38 -12.38
C ASN B 292 15.13 4.20 -12.27
N THR B 293 14.90 3.50 -13.38
CA THR B 293 14.10 2.27 -13.33
C THR B 293 15.00 1.11 -12.89
N ASN B 294 16.31 1.32 -12.90
CA ASN B 294 17.21 0.19 -12.65
C ASN B 294 18.58 0.53 -12.02
N TYR B 295 19.19 1.63 -12.42
CA TYR B 295 20.56 1.90 -12.01
C TYR B 295 20.63 2.88 -10.85
N SER B 296 21.45 2.57 -9.86
CA SER B 296 21.70 3.48 -8.74
C SER B 296 20.42 3.84 -7.98
N VAL B 297 19.51 2.88 -7.85
CA VAL B 297 18.23 3.12 -7.18
C VAL B 297 17.88 1.92 -6.30
N VAL B 298 16.96 2.12 -5.38
CA VAL B 298 16.64 1.10 -4.39
C VAL B 298 15.14 0.90 -4.34
N ASP B 299 14.72 -0.35 -4.20
CA ASP B 299 13.33 -0.69 -4.07
C ASP B 299 12.70 0.07 -2.87
N ASP B 300 11.51 0.62 -3.10
CA ASP B 300 10.74 1.36 -2.10
C ASP B 300 10.74 0.71 -0.71
N GLU B 301 10.40 -0.58 -0.68
CA GLU B 301 10.25 -1.26 0.59
C GLU B 301 11.58 -1.39 1.31
N VAL B 302 12.65 -1.70 0.58
CA VAL B 302 13.94 -1.79 1.23
C VAL B 302 14.37 -0.43 1.79
N ILE B 303 14.05 0.65 1.07
CA ILE B 303 14.38 1.99 1.58
C ILE B 303 13.66 2.24 2.91
N ARG B 304 12.37 1.92 2.95
CA ARG B 304 11.57 2.19 4.13
C ARG B 304 12.00 1.31 5.30
N ASP B 305 12.39 0.08 5.00
CA ASP B 305 12.86 -0.79 6.07
C ASP B 305 14.11 -0.20 6.72
N LEU B 306 15.04 0.25 5.90
CA LEU B 306 16.28 0.87 6.40
C LEU B 306 15.99 2.13 7.21
N TYR B 307 15.02 2.92 6.76
CA TYR B 307 14.68 4.15 7.45
C TYR B 307 14.07 3.85 8.83
N ARG B 308 13.20 2.84 8.88
CA ARG B 308 12.59 2.41 10.15
C ARG B 308 13.67 1.92 11.12
N ARG B 309 14.65 1.17 10.59
CA ARG B 309 15.74 0.65 11.43
C ARG B 309 16.56 1.76 12.03
N GLY B 310 16.90 2.76 11.20
CA GLY B 310 17.67 3.87 11.69
C GLY B 310 16.88 4.63 12.73
N TYR B 311 15.59 4.84 12.46
CA TYR B 311 14.73 5.54 13.40
C TYR B 311 14.67 4.86 14.78
N ASP B 312 14.41 3.55 14.78
CA ASP B 312 14.30 2.80 16.05
C ASP B 312 15.59 2.83 16.84
N ASP B 313 16.73 2.72 16.15
CA ASP B 313 18.02 2.85 16.81
C ASP B 313 18.14 4.20 17.49
N GLU B 314 17.70 5.25 16.80
CA GLU B 314 17.77 6.60 17.37
C GLU B 314 16.89 6.67 18.63
N VAL B 315 15.68 6.13 18.56
CA VAL B 315 14.81 6.08 19.71
C VAL B 315 15.48 5.33 20.87
N ALA B 316 16.14 4.22 20.56
CA ALA B 316 16.82 3.41 21.57
C ALA B 316 18.11 4.08 22.09
N GLY B 317 18.51 5.19 21.48
CA GLY B 317 19.77 5.84 21.82
C GLY B 317 21.02 5.03 21.46
N ALA B 318 20.92 4.19 20.43
CA ALA B 318 22.02 3.32 20.04
C ALA B 318 22.20 3.29 18.52
N PRO B 319 22.63 4.42 17.94
CA PRO B 319 22.82 4.53 16.49
C PRO B 319 23.95 3.59 16.00
N ARG B 320 23.75 2.94 14.85
CA ARG B 320 24.71 1.98 14.30
C ARG B 320 24.91 2.25 12.81
N LEU B 321 23.88 2.80 12.18
CA LEU B 321 23.94 3.09 10.74
C LEU B 321 24.41 4.51 10.55
N ASN B 322 25.57 4.69 9.97
CA ASN B 322 26.10 6.01 9.68
C ASN B 322 26.03 6.27 8.20
N PHE B 323 25.14 7.15 7.80
CA PHE B 323 25.00 7.50 6.37
C PHE B 323 25.95 8.63 5.99
N VAL B 324 26.89 8.28 5.13
CA VAL B 324 27.87 9.24 4.65
C VAL B 324 27.47 9.64 3.23
N ASN B 325 26.68 10.70 3.14
CA ASN B 325 26.11 11.11 1.87
C ASN B 325 26.94 12.17 1.17
N LEU B 326 26.65 12.39 -0.11
CA LEU B 326 27.44 13.30 -0.93
C LEU B 326 28.93 12.94 -0.84
N ALA B 327 29.25 11.66 -0.95
CA ALA B 327 30.63 11.19 -0.79
C ALA B 327 30.96 10.01 -1.70
N HIS B 328 32.25 9.79 -1.96
CA HIS B 328 32.70 8.67 -2.78
C HIS B 328 33.84 8.02 -2.06
N VAL B 329 33.93 6.70 -2.13
CA VAL B 329 35.14 6.04 -1.67
C VAL B 329 36.18 6.20 -2.78
N VAL B 330 37.36 6.72 -2.43
CA VAL B 330 38.38 6.95 -3.45
C VAL B 330 39.67 6.14 -3.25
N GLY B 331 39.80 5.50 -2.08
CA GLY B 331 40.94 4.63 -1.84
C GLY B 331 40.76 3.71 -0.64
N ALA B 332 41.51 2.61 -0.65
CA ALA B 332 41.56 1.72 0.52
C ALA B 332 42.98 1.13 0.69
N LYS B 333 43.43 1.05 1.93
CA LYS B 333 44.75 0.51 2.26
C LYS B 333 44.59 -0.25 3.56
N ARG B 334 45.33 -1.31 3.77
CA ARG B 334 45.24 -2.05 5.02
C ARG B 334 46.38 -1.66 5.94
N ILE B 335 46.07 -1.20 7.12
CA ILE B 335 47.09 -0.81 8.08
C ILE B 335 46.89 -1.58 9.35
N ALA B 336 47.75 -2.56 9.58
CA ALA B 336 47.73 -3.34 10.81
C ALA B 336 46.38 -4.04 10.77
N ASP B 337 45.62 -3.94 11.85
CA ASP B 337 44.29 -4.53 11.91
C ASP B 337 43.11 -3.72 11.36
N ASP B 338 43.42 -2.61 10.68
CA ASP B 338 42.38 -1.74 10.13
C ASP B 338 42.42 -1.63 8.60
N THR B 339 41.23 -1.63 8.00
CA THR B 339 41.12 -1.28 6.59
C THR B 339 40.83 0.22 6.60
N ARG B 340 41.77 0.99 6.03
CA ARG B 340 41.65 2.44 6.01
C ARG B 340 41.01 2.89 4.70
N VAL B 341 39.80 3.46 4.81
CA VAL B 341 39.07 3.87 3.61
C VAL B 341 39.20 5.36 3.43
N THR B 342 39.66 5.80 2.25
CA THR B 342 39.72 7.23 1.98
C THR B 342 38.41 7.66 1.32
N VAL B 343 37.76 8.62 1.94
CA VAL B 343 36.46 9.09 1.48
C VAL B 343 36.57 10.54 1.04
N TYR B 344 36.04 10.84 -0.14
CA TYR B 344 36.01 12.22 -0.63
C TYR B 344 34.62 12.81 -0.37
N SER B 345 34.57 13.90 0.41
CA SER B 345 33.33 14.60 0.67
C SER B 345 33.10 15.71 -0.34
N MET B 346 32.06 15.58 -1.16
CA MET B 346 31.72 16.63 -2.12
C MET B 346 31.35 17.94 -1.43
N ALA B 347 30.68 17.85 -0.28
CA ALA B 347 30.22 19.06 0.40
C ALA B 347 31.38 19.95 0.82
N ARG B 348 32.43 19.33 1.35
CA ARG B 348 33.59 20.08 1.83
C ARG B 348 34.75 20.06 0.84
N GLU B 349 34.60 19.29 -0.23
CA GLU B 349 35.65 19.19 -1.25
C GLU B 349 37.01 18.85 -0.65
N GLU B 350 36.99 17.87 0.25
CA GLU B 350 38.15 17.39 0.97
C GLU B 350 38.09 15.87 1.31
N SER B 351 39.19 15.14 1.26
CA SER B 351 39.10 13.73 1.58
C SER B 351 39.50 13.51 3.03
N TYR B 352 39.12 12.35 3.56
CA TYR B 352 39.49 11.98 4.91
C TYR B 352 39.40 10.47 5.07
N ASP B 353 39.91 9.96 6.20
CA ASP B 353 40.12 8.53 6.36
C ASP B 353 39.10 7.95 7.34
N LEU B 354 38.68 6.73 7.07
CA LEU B 354 37.70 6.06 7.90
C LEU B 354 38.23 4.64 8.11
N ASP B 355 38.36 4.24 9.37
CA ASP B 355 38.92 2.92 9.65
C ASP B 355 37.81 1.93 9.97
N VAL B 356 37.81 0.82 9.24
CA VAL B 356 36.84 -0.23 9.44
C VAL B 356 37.55 -1.57 9.33
N ASP B 357 36.83 -2.66 9.56
CA ASP B 357 37.38 -3.99 9.37
C ASP B 357 37.30 -4.43 7.92
N VAL B 358 36.17 -4.09 7.28
CA VAL B 358 35.96 -4.46 5.88
C VAL B 358 35.31 -3.34 5.06
N LEU B 359 35.78 -3.15 3.84
CA LEU B 359 35.13 -2.28 2.87
C LEU B 359 34.42 -3.17 1.85
N VAL B 360 33.10 -3.00 1.72
CA VAL B 360 32.35 -3.66 0.65
C VAL B 360 31.99 -2.62 -0.40
N CYS B 361 32.43 -2.85 -1.63
CA CYS B 361 32.13 -1.94 -2.73
C CYS B 361 30.91 -2.44 -3.48
N ALA B 362 29.76 -1.81 -3.23
CA ALA B 362 28.55 -2.16 -3.96
C ALA B 362 28.46 -1.12 -5.08
N THR B 363 29.49 -1.11 -5.92
CA THR B 363 29.65 -0.02 -6.88
C THR B 363 29.25 -0.43 -8.29
N GLY B 364 28.54 -1.54 -8.40
CA GLY B 364 27.85 -1.85 -9.64
C GLY B 364 28.67 -2.69 -10.61
N TYR B 365 28.24 -2.70 -11.87
CA TYR B 365 28.77 -3.61 -12.87
C TYR B 365 28.93 -2.92 -14.22
N ASP B 366 29.78 -3.48 -15.06
CA ASP B 366 29.83 -3.06 -16.45
C ASP B 366 29.06 -4.04 -17.28
N PRO B 367 28.50 -3.57 -18.40
CA PRO B 367 27.78 -4.46 -19.32
C PRO B 367 28.67 -5.61 -19.79
N MET B 368 28.07 -6.73 -20.15
CA MET B 368 28.78 -7.79 -20.86
C MET B 368 29.43 -7.18 -22.11
N ASP B 369 30.65 -7.63 -22.43
CA ASP B 369 31.29 -7.22 -23.69
C ASP B 369 31.95 -8.42 -24.34
N PRO B 370 31.42 -8.79 -25.49
CA PRO B 370 31.88 -9.91 -26.28
C PRO B 370 33.26 -9.76 -26.84
N GLY B 371 33.84 -8.58 -26.75
CA GLY B 371 35.15 -8.34 -27.26
C GLY B 371 36.12 -9.39 -26.84
N ASP B 372 36.14 -9.66 -25.55
CA ASP B 372 37.17 -10.53 -25.01
C ASP B 372 37.22 -11.95 -25.51
N LEU B 373 36.11 -12.61 -25.59
CA LEU B 373 36.08 -13.95 -26.08
C LEU B 373 36.31 -13.94 -27.56
N LEU B 374 35.98 -12.85 -28.20
CA LEU B 374 35.97 -12.93 -29.67
C LEU B 374 37.35 -13.02 -30.30
N GLY B 375 38.34 -12.41 -29.65
CA GLY B 375 39.69 -12.41 -30.16
C GLY B 375 39.78 -12.00 -31.62
N GLU B 376 40.27 -12.92 -32.45
CA GLU B 376 40.52 -12.66 -33.86
C GLU B 376 39.26 -12.23 -34.62
N LEU B 377 38.13 -12.83 -34.29
CA LEU B 377 36.88 -12.55 -35.00
C LEU B 377 36.48 -11.07 -34.86
N ALA B 378 37.02 -10.32 -33.94
CA ALA B 378 36.63 -8.93 -33.95
C ALA B 378 36.73 -8.33 -35.36
N GLU B 379 37.76 -8.73 -36.08
CA GLU B 379 38.07 -8.10 -37.33
C GLU B 379 36.96 -8.12 -38.34
N HIS B 380 36.06 -9.07 -38.23
CA HIS B 380 34.94 -9.12 -39.15
C HIS B 380 33.69 -8.49 -38.49
N CYS B 381 33.87 -7.91 -37.31
CA CYS B 381 32.76 -7.33 -36.57
C CYS B 381 32.81 -5.83 -36.58
N VAL B 382 31.75 -5.21 -37.04
CA VAL B 382 31.68 -3.76 -37.19
C VAL B 382 31.32 -2.92 -35.96
N GLN B 383 32.03 -1.82 -35.74
CA GLN B 383 31.78 -0.88 -34.66
C GLN B 383 31.02 0.41 -35.05
N ASP B 384 30.47 1.15 -34.08
CA ASP B 384 29.78 2.40 -34.40
C ASP B 384 30.70 3.60 -34.21
N ALA B 385 30.14 4.79 -34.27
CA ALA B 385 30.88 6.03 -34.02
C ALA B 385 31.62 6.01 -32.67
N GLU B 386 30.88 5.74 -31.58
CA GLU B 386 31.46 5.78 -30.25
C GLU B 386 32.32 4.52 -29.96
N GLY B 387 32.55 3.73 -31.02
CA GLY B 387 33.41 2.55 -30.99
C GLY B 387 32.82 1.28 -30.35
N ARG B 388 31.50 1.21 -30.25
CA ARG B 388 30.83 0.05 -29.69
C ARG B 388 30.40 -0.92 -30.78
N TRP B 389 30.07 -2.16 -30.41
CA TRP B 389 29.66 -3.14 -31.41
C TRP B 389 28.32 -2.80 -32.05
N GLN B 390 28.26 -2.90 -33.37
CA GLN B 390 26.98 -2.74 -34.04
C GLN B 390 26.25 -4.07 -33.94
N VAL B 391 24.95 -3.99 -33.64
CA VAL B 391 24.14 -5.18 -33.47
C VAL B 391 22.79 -5.02 -34.17
N ASP B 392 22.40 -6.04 -34.92
CA ASP B 392 21.08 -6.03 -35.58
C ASP B 392 19.93 -6.27 -34.62
N ARG B 393 18.72 -6.01 -35.09
CA ARG B 393 17.52 -6.08 -34.27
C ARG B 393 17.35 -7.45 -33.66
N ASP B 394 17.78 -8.48 -34.40
CA ASP B 394 17.70 -9.87 -33.93
C ASP B 394 18.88 -10.29 -33.03
N TYR B 395 19.59 -9.31 -32.47
CA TYR B 395 20.66 -9.53 -31.49
C TYR B 395 21.94 -10.09 -32.07
N ARG B 396 22.02 -10.08 -33.39
CA ARG B 396 23.17 -10.59 -34.13
C ARG B 396 24.19 -9.49 -34.42
N MET B 397 25.45 -9.68 -34.01
CA MET B 397 26.48 -8.69 -34.27
C MET B 397 26.57 -8.44 -35.76
N VAL B 398 26.79 -7.21 -36.17
CA VAL B 398 26.98 -6.92 -37.57
C VAL B 398 28.38 -7.30 -38.03
N THR B 399 28.46 -8.11 -39.07
CA THR B 399 29.75 -8.54 -39.62
C THR B 399 29.95 -8.14 -41.07
N THR B 400 31.19 -8.15 -41.49
CA THR B 400 31.48 -8.05 -42.89
C THR B 400 31.04 -9.29 -43.60
N PRO B 401 31.17 -9.27 -44.90
CA PRO B 401 30.76 -10.42 -45.71
C PRO B 401 31.64 -11.66 -45.52
N ASP B 402 32.83 -11.48 -44.95
CA ASP B 402 33.72 -12.58 -44.77
C ASP B 402 33.32 -13.54 -43.67
N LEU B 403 32.45 -13.08 -42.81
CA LEU B 403 31.93 -13.89 -41.74
C LEU B 403 30.47 -14.09 -41.96
N ARG B 404 30.09 -15.32 -42.15
CA ARG B 404 28.71 -15.63 -42.28
C ARG B 404 28.16 -16.37 -41.07
N CYS B 405 28.99 -16.68 -40.09
CA CYS B 405 28.46 -17.34 -38.90
C CYS B 405 27.77 -16.30 -37.98
N GLY B 406 26.71 -16.71 -37.32
CA GLY B 406 25.98 -15.80 -36.43
C GLY B 406 26.56 -15.67 -35.04
N ILE B 407 26.85 -14.44 -34.61
CA ILE B 407 27.27 -14.19 -33.24
C ILE B 407 26.20 -13.35 -32.53
N TYR B 408 25.44 -13.99 -31.65
CA TYR B 408 24.36 -13.31 -30.94
C TYR B 408 24.75 -12.91 -29.50
N LEU B 409 24.20 -11.78 -29.04
CA LEU B 409 24.48 -11.25 -27.71
C LEU B 409 23.20 -11.21 -26.85
N GLN B 410 23.25 -11.87 -25.69
CA GLN B 410 22.26 -11.70 -24.64
C GLN B 410 23.00 -11.02 -23.50
N GLY B 411 22.86 -9.71 -23.43
CA GLY B 411 23.71 -8.87 -22.61
C GLY B 411 24.53 -8.04 -23.59
N GLY B 412 25.06 -6.90 -23.12
CA GLY B 412 25.94 -6.08 -23.94
C GLY B 412 25.23 -5.34 -25.07
N THR B 413 23.92 -5.23 -24.99
CA THR B 413 23.16 -4.53 -26.01
C THR B 413 22.47 -3.30 -25.46
N GLU B 414 22.95 -2.81 -24.32
CA GLU B 414 22.36 -1.63 -23.68
C GLU B 414 22.23 -0.47 -24.68
N HIS B 415 23.26 -0.30 -25.51
CA HIS B 415 23.34 0.81 -26.47
C HIS B 415 22.53 0.63 -27.76
N THR B 416 22.14 -0.60 -28.08
CA THR B 416 21.37 -0.86 -29.29
C THR B 416 19.94 -1.25 -29.02
N HIS B 417 19.72 -2.04 -27.97
CA HIS B 417 18.38 -2.55 -27.67
C HIS B 417 17.75 -1.95 -26.40
N GLY B 418 18.56 -1.29 -25.57
CA GLY B 418 18.01 -0.55 -24.44
C GLY B 418 18.14 -1.21 -23.07
N LEU B 419 17.42 -0.65 -22.09
CA LEU B 419 17.64 -0.99 -20.69
C LEU B 419 17.25 -2.42 -20.30
N SER B 420 16.50 -3.12 -21.15
CA SER B 420 16.15 -4.50 -20.80
C SER B 420 17.34 -5.48 -20.98
N SER B 421 18.42 -5.02 -21.59
CA SER B 421 19.48 -5.93 -22.05
C SER B 421 20.11 -6.82 -20.97
N SER B 422 20.42 -6.25 -19.81
CA SER B 422 21.07 -7.03 -18.74
C SER B 422 20.05 -7.61 -17.78
N LEU B 423 18.77 -7.38 -18.04
CA LEU B 423 17.73 -7.68 -17.06
C LEU B 423 16.94 -8.94 -17.41
N LEU B 424 16.00 -9.31 -16.55
CA LEU B 424 15.15 -10.47 -16.77
C LEU B 424 13.84 -10.10 -17.46
N SER B 425 13.65 -8.82 -17.74
CA SER B 425 12.38 -8.32 -18.28
C SER B 425 11.95 -9.00 -19.56
N ASN B 426 12.92 -9.38 -20.37
CA ASN B 426 12.59 -9.75 -21.74
C ASN B 426 13.20 -11.07 -22.24
N LEU B 427 13.47 -11.98 -21.31
CA LEU B 427 14.11 -13.27 -21.61
C LEU B 427 13.34 -14.04 -22.65
N ALA B 428 12.03 -14.16 -22.46
CA ALA B 428 11.20 -14.97 -23.34
C ALA B 428 11.22 -14.49 -24.80
N THR B 429 11.06 -13.18 -25.01
CA THR B 429 10.95 -12.68 -26.37
C THR B 429 12.31 -12.68 -27.06
N ARG B 430 13.36 -12.27 -26.35
CA ARG B 430 14.69 -12.23 -26.96
C ARG B 430 15.13 -13.64 -27.34
N SER B 431 15.00 -14.60 -26.42
CA SER B 431 15.40 -15.95 -26.73
C SER B 431 14.62 -16.47 -27.94
N GLY B 432 13.33 -16.15 -28.03
CA GLY B 432 12.50 -16.61 -29.14
C GLY B 432 12.95 -15.99 -30.47
N GLU B 433 13.35 -14.72 -30.42
CA GLU B 433 13.78 -14.02 -31.62
C GLU B 433 15.16 -14.55 -32.10
N ILE B 434 16.02 -14.89 -31.16
CA ILE B 434 17.32 -15.44 -31.52
C ILE B 434 17.14 -16.79 -32.19
N VAL B 435 16.33 -17.65 -31.59
CA VAL B 435 16.05 -18.96 -32.17
C VAL B 435 15.48 -18.81 -33.58
N SER B 436 14.53 -17.90 -33.73
CA SER B 436 13.91 -17.64 -35.04
C SER B 436 14.92 -17.13 -36.05
N SER B 437 15.80 -16.23 -35.60
CA SER B 437 16.82 -15.73 -36.51
C SER B 437 17.68 -16.88 -37.04
N ILE B 438 18.11 -17.76 -36.13
CA ILE B 438 18.95 -18.90 -36.49
C ILE B 438 18.23 -19.87 -37.45
N GLU B 439 16.98 -20.22 -37.15
CA GLU B 439 16.18 -21.06 -38.04
C GLU B 439 16.06 -20.43 -39.43
N ARG B 440 15.83 -19.12 -39.47
CA ARG B 440 15.64 -18.39 -40.71
C ARG B 440 16.88 -18.46 -41.61
N ARG B 441 18.04 -18.36 -40.99
CA ARG B 441 19.32 -18.35 -41.72
C ARG B 441 19.67 -19.75 -42.21
N LYS B 442 19.42 -20.76 -41.40
CA LYS B 442 19.62 -22.11 -41.83
C LYS B 442 18.93 -22.27 -43.18
N SER B 443 17.76 -21.66 -43.29
CA SER B 443 16.96 -21.74 -44.50
C SER B 443 17.15 -20.59 -45.50
N PRO C 29 4.73 57.13 8.89
CA PRO C 29 4.71 55.83 9.59
C PRO C 29 5.56 54.79 8.86
N THR C 30 6.73 54.46 9.42
CA THR C 30 7.60 53.47 8.80
C THR C 30 7.43 52.08 9.43
N HIS C 31 7.08 51.10 8.59
CA HIS C 31 6.93 49.71 9.05
C HIS C 31 8.28 49.01 9.21
N ASP C 32 8.37 48.13 10.20
CA ASP C 32 9.52 47.25 10.34
C ASP C 32 9.65 46.34 9.11
N VAL C 33 8.51 45.82 8.63
CA VAL C 33 8.50 44.91 7.49
C VAL C 33 7.25 45.01 6.61
N VAL C 34 7.47 45.00 5.30
CA VAL C 34 6.39 44.96 4.34
C VAL C 34 6.52 43.66 3.53
N GLY C 35 5.41 42.91 3.43
CA GLY C 35 5.37 41.70 2.62
C GLY C 35 4.69 41.93 1.28
N VAL C 36 5.40 41.63 0.19
CA VAL C 36 4.83 41.68 -1.15
C VAL C 36 4.29 40.29 -1.57
N GLY C 37 2.98 40.23 -1.80
CA GLY C 37 2.28 38.98 -2.07
C GLY C 37 1.71 38.35 -0.79
N PHE C 38 0.54 37.73 -0.89
CA PHE C 38 0.04 36.99 0.26
C PHE C 38 -0.40 35.55 -0.07
N GLY C 39 0.59 34.74 -0.43
CA GLY C 39 0.39 33.30 -0.54
C GLY C 39 0.83 32.64 0.75
N PRO C 40 0.89 31.30 0.74
CA PRO C 40 1.30 30.58 1.95
C PRO C 40 2.61 31.12 2.55
N ALA C 41 3.56 31.55 1.73
CA ALA C 41 4.85 31.98 2.27
C ALA C 41 4.71 33.22 3.17
N ASN C 42 4.08 34.27 2.68
CA ASN C 42 3.88 35.46 3.50
C ASN C 42 2.84 35.26 4.61
N LEU C 43 1.85 34.40 4.38
CA LEU C 43 0.92 34.04 5.46
C LEU C 43 1.72 33.45 6.61
N SER C 44 2.62 32.52 6.32
CA SER C 44 3.41 31.94 7.41
C SER C 44 4.29 33.02 8.05
N LEU C 45 4.74 33.99 7.27
CA LEU C 45 5.49 35.12 7.84
C LEU C 45 4.62 35.91 8.83
N ALA C 46 3.40 36.27 8.41
CA ALA C 46 2.43 36.92 9.28
C ALA C 46 2.22 36.12 10.57
N VAL C 47 2.05 34.82 10.44
CA VAL C 47 1.90 33.96 11.62
C VAL C 47 3.14 34.04 12.50
N ALA C 48 4.32 33.97 11.90
CA ALA C 48 5.56 34.05 12.66
C ALA C 48 5.65 35.41 13.39
N LEU C 49 5.26 36.47 12.69
CA LEU C 49 5.25 37.81 13.28
C LEU C 49 4.35 37.84 14.51
N GLU C 50 3.15 37.31 14.38
CA GLU C 50 2.21 37.31 15.49
C GLU C 50 2.68 36.44 16.67
N GLU C 51 3.27 35.28 16.39
CA GLU C 51 3.71 34.41 17.47
C GLU C 51 4.99 34.91 18.14
N SER C 52 5.77 35.71 17.42
CA SER C 52 7.00 36.25 18.00
C SER C 52 6.70 37.22 19.14
N PRO C 53 7.52 37.19 20.20
CA PRO C 53 7.38 38.16 21.29
C PRO C 53 7.83 39.55 20.82
N ALA C 54 8.67 39.59 19.78
CA ALA C 54 9.10 40.84 19.18
C ALA C 54 7.91 41.70 18.71
N ALA C 55 7.96 42.99 19.05
CA ALA C 55 6.96 43.94 18.61
C ALA C 55 7.42 44.51 17.27
N LEU C 56 6.90 43.95 16.18
CA LEU C 56 7.29 44.42 14.85
C LEU C 56 6.05 44.87 14.10
N THR C 57 6.15 46.05 13.49
CA THR C 57 5.04 46.56 12.69
C THR C 57 5.17 45.97 11.29
N SER C 58 4.05 45.75 10.62
CA SER C 58 4.09 45.13 9.30
C SER C 58 2.88 45.53 8.47
N ALA C 59 3.02 45.39 7.16
CA ALA C 59 1.88 45.47 6.25
C ALA C 59 2.09 44.48 5.10
N PHE C 60 0.99 43.85 4.67
CA PHE C 60 1.05 42.90 3.55
C PHE C 60 0.14 43.32 2.41
N PHE C 61 0.66 43.21 1.20
CA PHE C 61 -0.10 43.58 0.01
C PHE C 61 -0.24 42.40 -0.94
N GLU C 62 -1.49 42.13 -1.32
CA GLU C 62 -1.82 41.07 -2.27
C GLU C 62 -2.64 41.71 -3.40
N ARG C 63 -2.23 41.46 -4.64
CA ARG C 63 -2.91 42.05 -5.79
C ARG C 63 -4.35 41.55 -5.96
N ARG C 64 -4.57 40.27 -5.66
CA ARG C 64 -5.88 39.65 -5.84
C ARG C 64 -6.87 40.08 -4.76
N ALA C 65 -8.14 39.76 -4.98
CA ALA C 65 -9.20 40.17 -4.05
C ALA C 65 -9.11 39.42 -2.73
N SER C 66 -8.45 38.26 -2.75
CA SER C 66 -8.31 37.45 -1.56
C SER C 66 -7.19 36.44 -1.81
N ILE C 67 -6.90 35.61 -0.81
CA ILE C 67 -5.93 34.54 -1.01
C ILE C 67 -6.39 33.69 -2.19
N SER C 68 -5.50 33.48 -3.16
CA SER C 68 -5.83 32.73 -4.37
C SER C 68 -4.70 31.77 -4.66
N TRP C 69 -4.81 30.55 -4.16
CA TRP C 69 -3.68 29.65 -4.18
C TRP C 69 -3.83 28.63 -5.32
N HIS C 70 -3.28 28.98 -6.48
CA HIS C 70 -3.35 28.20 -7.72
C HIS C 70 -4.74 27.66 -8.00
N GLN C 71 -5.72 28.58 -8.00
CA GLN C 71 -7.11 28.20 -8.24
C GLN C 71 -7.32 27.66 -9.65
N GLY C 72 -6.51 28.11 -10.60
CA GLY C 72 -6.61 27.60 -11.95
C GLY C 72 -6.41 26.08 -12.03
N MET C 73 -5.76 25.53 -10.99
CA MET C 73 -5.48 24.10 -10.94
C MET C 73 -6.19 23.39 -9.78
N LEU C 74 -7.20 24.03 -9.19
CA LEU C 74 -8.00 23.37 -8.16
C LEU C 74 -8.93 22.31 -8.74
N LEU C 75 -8.34 21.27 -9.33
CA LEU C 75 -9.12 20.18 -9.92
C LEU C 75 -9.73 19.30 -8.83
N PRO C 76 -10.90 18.68 -9.13
CA PRO C 76 -11.72 17.86 -8.24
C PRO C 76 -10.94 16.93 -7.32
N ALA C 77 -9.96 16.20 -7.83
CA ALA C 77 -9.37 15.19 -6.96
C ALA C 77 -7.97 15.59 -6.44
N ALA C 78 -7.60 16.86 -6.64
CA ALA C 78 -6.19 17.25 -6.44
C ALA C 78 -5.76 17.16 -4.96
N LYS C 79 -4.58 16.58 -4.73
CA LYS C 79 -4.10 16.33 -3.37
C LYS C 79 -2.87 17.17 -3.13
N MET C 80 -2.67 17.58 -1.87
CA MET C 80 -1.41 18.19 -1.44
C MET C 80 -0.25 17.25 -1.76
N GLN C 81 0.91 17.81 -2.04
CA GLN C 81 2.13 17.03 -2.30
C GLN C 81 2.96 16.99 -1.03
N VAL C 82 2.40 17.51 0.05
CA VAL C 82 3.15 17.62 1.28
C VAL C 82 2.30 17.15 2.46
N SER C 83 2.93 16.45 3.40
CA SER C 83 2.28 16.03 4.63
C SER C 83 1.62 17.20 5.38
N PHE C 84 0.49 16.95 6.02
CA PHE C 84 -0.22 18.02 6.73
C PHE C 84 0.61 18.62 7.87
N LEU C 85 1.59 17.86 8.37
CA LEU C 85 2.49 18.35 9.42
C LEU C 85 3.37 19.50 8.91
N LYS C 86 3.51 19.60 7.59
CA LYS C 86 4.28 20.71 7.03
C LYS C 86 3.30 21.82 6.70
N ASP C 87 2.91 22.56 7.73
CA ASP C 87 1.89 23.59 7.58
C ASP C 87 2.53 24.96 7.79
N LEU C 88 1.74 25.91 8.29
CA LEU C 88 2.22 27.28 8.46
C LEU C 88 3.24 27.45 9.59
N ALA C 89 3.28 26.52 10.55
CA ALA C 89 3.98 26.78 11.82
C ALA C 89 4.56 25.57 12.55
N THR C 90 3.95 24.39 12.35
CA THR C 90 4.20 23.26 13.23
C THR C 90 5.67 22.88 13.47
N PHE C 91 6.50 22.82 12.41
CA PHE C 91 7.91 22.48 12.58
C PHE C 91 8.67 23.46 13.49
N ARG C 92 8.17 24.69 13.57
CA ARG C 92 8.78 25.71 14.43
C ARG C 92 8.12 25.70 15.79
N ASN C 93 6.79 25.65 15.79
CA ASN C 93 6.01 25.74 17.02
C ASN C 93 4.96 24.63 17.01
N PRO C 94 5.27 23.53 17.70
CA PRO C 94 4.49 22.29 17.69
C PRO C 94 3.11 22.44 18.35
N ALA C 95 2.81 23.62 18.88
CA ALA C 95 1.50 23.86 19.50
C ALA C 95 0.94 25.19 19.05
N SER C 96 1.08 25.47 17.76
CA SER C 96 0.58 26.71 17.19
C SER C 96 -0.93 26.70 17.05
N ARG C 97 -1.55 27.83 17.36
CA ARG C 97 -2.98 28.02 17.12
C ARG C 97 -3.25 28.04 15.62
N PHE C 98 -2.21 28.12 14.80
CA PHE C 98 -2.38 28.17 13.35
C PHE C 98 -2.04 26.85 12.64
N SER C 99 -1.82 25.79 13.41
CA SER C 99 -1.48 24.49 12.82
C SER C 99 -2.66 23.88 12.04
N PHE C 100 -2.34 22.97 11.13
CA PHE C 100 -3.39 22.27 10.37
C PHE C 100 -4.31 21.51 11.32
N VAL C 101 -3.71 20.88 12.33
CA VAL C 101 -4.48 20.19 13.35
C VAL C 101 -5.48 21.13 14.07
N SER C 102 -5.04 22.34 14.43
CA SER C 102 -5.96 23.31 15.07
C SER C 102 -7.10 23.63 14.12
N PHE C 103 -6.74 23.80 12.84
CA PHE C 103 -7.73 24.10 11.80
C PHE C 103 -8.78 22.98 11.73
N LEU C 104 -8.32 21.73 11.67
CA LEU C 104 -9.26 20.60 11.59
C LEU C 104 -10.13 20.57 12.83
N HIS C 105 -9.53 20.85 13.98
CA HIS C 105 -10.27 20.77 15.23
C HIS C 105 -11.38 21.81 15.21
N GLU C 106 -11.06 23.04 14.83
CA GLU C 106 -12.08 24.08 14.80
C GLU C 106 -13.16 23.77 13.79
N ARG C 107 -12.78 23.13 12.69
CA ARG C 107 -13.72 22.75 11.65
C ARG C 107 -14.48 21.46 12.00
N GLY C 108 -14.23 20.91 13.19
CA GLY C 108 -14.90 19.70 13.60
C GLY C 108 -14.66 18.54 12.63
N ARG C 109 -13.47 18.50 12.03
CA ARG C 109 -13.11 17.45 11.08
C ARG C 109 -11.88 16.65 11.49
N LEU C 110 -11.30 16.95 12.64
CA LEU C 110 -10.06 16.31 13.05
C LEU C 110 -10.22 14.79 13.17
N VAL C 111 -11.32 14.37 13.77
CA VAL C 111 -11.61 12.96 13.99
C VAL C 111 -11.81 12.24 12.66
N ARG C 112 -12.63 12.83 11.79
CA ARG C 112 -12.84 12.30 10.46
C ARG C 112 -11.52 12.20 9.69
N PHE C 113 -10.73 13.27 9.73
CA PHE C 113 -9.44 13.27 9.04
C PHE C 113 -8.53 12.16 9.57
N ALA C 114 -8.48 12.00 10.90
CA ALA C 114 -7.64 10.96 11.48
C ALA C 114 -8.11 9.57 11.06
N ASN C 115 -9.42 9.38 10.90
CA ASN C 115 -9.95 8.07 10.48
C ASN C 115 -9.46 7.66 9.08
N ASN C 116 -9.12 8.64 8.26
CA ASN C 116 -8.67 8.42 6.89
C ASN C 116 -7.23 7.84 6.84
N HIS C 117 -6.44 8.13 7.86
CA HIS C 117 -5.02 7.77 7.90
C HIS C 117 -4.27 8.14 6.63
N ASP C 118 -4.51 9.37 6.14
CA ASP C 118 -3.83 9.87 4.96
C ASP C 118 -3.13 11.18 5.34
N PHE C 119 -1.81 11.23 5.14
CA PHE C 119 -1.04 12.42 5.53
C PHE C 119 -1.29 13.62 4.62
N PHE C 120 -1.89 13.36 3.46
CA PHE C 120 -2.00 14.38 2.40
C PHE C 120 -3.45 14.84 2.25
N PRO C 121 -3.75 16.06 2.72
CA PRO C 121 -5.08 16.66 2.54
C PRO C 121 -5.35 16.94 1.06
N THR C 122 -6.59 17.21 0.72
CA THR C 122 -6.89 17.68 -0.64
C THR C 122 -6.45 19.13 -0.76
N ARG C 123 -6.22 19.57 -1.99
CA ARG C 123 -5.88 20.97 -2.22
C ARG C 123 -7.02 21.89 -1.78
N ARG C 124 -8.26 21.43 -1.97
CA ARG C 124 -9.43 22.23 -1.60
C ARG C 124 -9.38 22.52 -0.10
N GLU C 125 -9.13 21.49 0.68
CA GLU C 125 -9.11 21.64 2.12
C GLU C 125 -7.96 22.54 2.55
N PHE C 126 -6.82 22.40 1.89
CA PHE C 126 -5.69 23.22 2.26
C PHE C 126 -5.97 24.69 1.92
N HIS C 127 -6.67 24.92 0.80
CA HIS C 127 -7.00 26.29 0.42
C HIS C 127 -7.84 26.89 1.54
N ASP C 128 -8.76 26.08 2.09
CA ASP C 128 -9.57 26.51 3.21
C ASP C 128 -8.69 26.85 4.41
N TYR C 129 -7.78 25.95 4.74
CA TYR C 129 -6.84 26.16 5.82
C TYR C 129 -6.20 27.54 5.72
N LEU C 130 -5.72 27.90 4.53
CA LEU C 130 -5.09 29.20 4.35
C LEU C 130 -6.05 30.34 4.72
N GLU C 131 -7.28 30.26 4.22
CA GLU C 131 -8.25 31.32 4.46
C GLU C 131 -8.63 31.38 5.91
N TRP C 132 -8.78 30.22 6.55
CA TRP C 132 -9.04 30.15 7.99
C TRP C 132 -7.91 30.77 8.81
N ALA C 133 -6.65 30.51 8.41
CA ALA C 133 -5.52 31.06 9.15
C ALA C 133 -5.47 32.58 8.97
N GLU C 134 -5.77 33.01 7.75
CA GLU C 134 -5.78 34.43 7.42
C GLU C 134 -6.81 35.17 8.24
N SER C 135 -7.98 34.57 8.43
CA SER C 135 -9.03 35.20 9.22
C SER C 135 -8.64 35.28 10.68
N LYS C 136 -8.02 34.21 11.18
CA LYS C 136 -7.60 34.16 12.57
C LYS C 136 -6.58 35.24 12.87
N LEU C 137 -5.66 35.44 11.94
CA LEU C 137 -4.64 36.48 12.09
C LEU C 137 -5.25 37.78 12.64
N ALA C 138 -4.57 38.39 13.60
CA ALA C 138 -4.95 39.73 14.06
C ALA C 138 -4.79 40.75 12.93
N HIS C 139 -3.59 40.75 12.33
CA HIS C 139 -3.26 41.64 11.21
C HIS C 139 -4.31 41.63 10.10
N GLU C 140 -4.48 42.78 9.44
CA GLU C 140 -5.41 42.87 8.31
C GLU C 140 -4.64 43.05 7.01
N VAL C 141 -4.78 42.08 6.10
CA VAL C 141 -4.05 42.14 4.83
C VAL C 141 -4.71 43.12 3.89
N SER C 142 -3.91 43.86 3.12
CA SER C 142 -4.46 44.76 2.10
C SER C 142 -4.60 44.04 0.74
N TYR C 143 -5.83 43.72 0.37
CA TYR C 143 -6.07 43.05 -0.92
C TYR C 143 -6.27 44.05 -2.05
N ASP C 144 -6.43 43.54 -3.27
CA ASP C 144 -6.58 44.40 -4.45
C ASP C 144 -5.50 45.45 -4.48
N SER C 145 -4.34 45.07 -3.97
CA SER C 145 -3.23 46.00 -3.82
C SER C 145 -1.98 45.43 -4.47
N GLU C 146 -1.67 45.90 -5.68
CA GLU C 146 -0.52 45.37 -6.41
C GLU C 146 0.72 46.23 -6.26
N VAL C 147 1.80 45.66 -5.73
CA VAL C 147 3.06 46.37 -5.62
C VAL C 147 3.60 46.53 -7.02
N THR C 148 3.84 47.78 -7.43
CA THR C 148 4.27 48.08 -8.79
C THR C 148 5.75 48.39 -8.86
N ALA C 149 6.34 48.77 -7.72
CA ALA C 149 7.76 49.08 -7.67
C ALA C 149 8.27 49.17 -6.23
N ILE C 150 9.58 49.00 -6.08
CA ILE C 150 10.22 49.19 -4.79
C ILE C 150 11.38 50.15 -5.01
N ARG C 151 11.35 51.29 -4.30
CA ARG C 151 12.36 52.34 -4.50
C ARG C 151 13.15 52.63 -3.23
N PRO C 152 14.35 53.20 -3.41
CA PRO C 152 15.21 53.63 -2.31
C PRO C 152 14.49 54.66 -1.45
N GLY C 153 14.49 54.45 -0.13
CA GLY C 153 14.04 55.48 0.77
C GLY C 153 15.02 56.65 0.77
N PRO C 154 14.71 57.69 1.55
CA PRO C 154 15.57 58.89 1.56
C PRO C 154 16.87 58.66 2.32
N GLY C 155 17.96 59.26 1.84
CA GLY C 155 19.18 59.28 2.60
C GLY C 155 20.22 58.30 2.13
N ARG C 156 21.44 58.50 2.62
CA ARG C 156 22.54 57.56 2.37
C ARG C 156 23.27 57.32 3.68
N PRO C 157 23.57 56.05 3.96
CA PRO C 157 23.11 54.92 3.13
C PRO C 157 21.59 54.76 3.20
N VAL C 158 21.02 54.02 2.25
CA VAL C 158 19.57 53.80 2.21
C VAL C 158 19.14 52.90 3.38
N ASP C 159 18.27 53.43 4.25
CA ASP C 159 17.90 52.74 5.47
C ASP C 159 16.47 52.22 5.43
N SER C 160 15.75 52.60 4.38
CA SER C 160 14.38 52.15 4.19
C SER C 160 14.11 52.03 2.69
N VAL C 161 13.03 51.33 2.34
CA VAL C 161 12.58 51.32 0.96
C VAL C 161 11.19 51.91 0.86
N LEU C 162 10.86 52.38 -0.34
CA LEU C 162 9.53 52.91 -0.59
C LEU C 162 8.80 51.91 -1.45
N VAL C 163 7.58 51.57 -1.05
CA VAL C 163 6.82 50.55 -1.73
C VAL C 163 5.62 51.18 -2.42
N ASP C 164 5.63 51.15 -3.74
CA ASP C 164 4.55 51.72 -4.54
C ASP C 164 3.40 50.74 -4.72
N VAL C 165 2.25 51.09 -4.15
CA VAL C 165 1.09 50.21 -4.18
C VAL C 165 -0.06 50.81 -4.98
N SER C 166 -0.56 50.03 -5.92
CA SER C 166 -1.66 50.44 -6.78
C SER C 166 -2.93 49.68 -6.43
N THR C 167 -3.97 50.42 -6.03
CA THR C 167 -5.29 49.85 -5.80
C THR C 167 -6.20 50.26 -6.94
N PRO C 168 -7.44 49.73 -6.97
CA PRO C 168 -8.35 50.06 -8.06
C PRO C 168 -8.71 51.57 -8.07
N GLU C 169 -8.88 52.15 -6.88
CA GLU C 169 -9.20 53.57 -6.76
C GLU C 169 -7.98 54.46 -6.90
N ALA C 170 -6.96 54.20 -6.07
CA ALA C 170 -5.83 55.11 -5.91
C ALA C 170 -4.46 54.47 -6.13
N THR C 171 -3.42 55.23 -5.84
CA THR C 171 -2.07 54.72 -5.72
C THR C 171 -1.50 55.33 -4.45
N ARG C 172 -0.57 54.62 -3.81
CA ARG C 172 0.02 55.11 -2.58
C ARG C 172 1.42 54.54 -2.39
N THR C 173 2.14 55.07 -1.41
CA THR C 173 3.49 54.62 -1.13
C THR C 173 3.62 54.40 0.37
N VAL C 174 4.19 53.26 0.75
CA VAL C 174 4.47 52.98 2.14
C VAL C 174 5.96 52.78 2.30
N GLU C 175 6.45 53.04 3.50
CA GLU C 175 7.87 53.00 3.76
C GLU C 175 8.13 51.87 4.73
N ALA C 176 9.24 51.17 4.52
CA ALA C 176 9.58 50.05 5.41
C ALA C 176 11.08 49.86 5.53
N ARG C 177 11.51 49.40 6.71
CA ARG C 177 12.93 49.14 6.97
C ARG C 177 13.34 47.78 6.37
N ASN C 178 12.35 46.91 6.17
CA ASN C 178 12.58 45.61 5.54
C ASN C 178 11.43 45.22 4.63
N ILE C 179 11.76 44.44 3.61
CA ILE C 179 10.73 43.96 2.69
C ILE C 179 10.93 42.46 2.41
N VAL C 180 9.82 41.72 2.38
CA VAL C 180 9.88 40.29 2.09
C VAL C 180 9.12 40.04 0.80
N ILE C 181 9.86 39.70 -0.24
CA ILE C 181 9.27 39.45 -1.55
C ILE C 181 8.89 37.96 -1.69
N SER C 182 7.60 37.70 -1.86
CA SER C 182 7.09 36.34 -1.94
C SER C 182 5.97 36.29 -2.97
N THR C 183 6.33 36.55 -4.23
CA THR C 183 5.35 36.72 -5.29
C THR C 183 5.10 35.45 -6.12
N GLY C 184 5.75 34.35 -5.74
CA GLY C 184 5.42 33.04 -6.30
C GLY C 184 6.10 32.64 -7.61
N LEU C 185 5.88 31.39 -8.00
CA LEU C 185 6.38 30.86 -9.26
C LEU C 185 5.77 31.63 -10.42
N VAL C 186 6.51 31.70 -11.53
CA VAL C 186 6.03 32.38 -12.73
C VAL C 186 5.85 31.37 -13.87
N PRO C 187 4.64 31.32 -14.42
CA PRO C 187 4.30 30.38 -15.48
C PRO C 187 5.33 30.45 -16.61
N ARG C 188 5.70 29.29 -17.14
CA ARG C 188 6.64 29.20 -18.26
C ARG C 188 6.05 28.41 -19.42
N MET C 189 5.89 29.07 -20.56
CA MET C 189 5.33 28.47 -21.76
C MET C 189 6.49 27.89 -22.54
N PRO C 190 6.22 26.91 -23.43
CA PRO C 190 7.27 26.37 -24.31
C PRO C 190 7.84 27.49 -25.17
N ALA C 191 9.12 27.39 -25.52
CA ALA C 191 9.71 28.35 -26.44
C ALA C 191 8.98 28.31 -27.79
N GLY C 192 8.54 29.48 -28.25
CA GLY C 192 7.90 29.57 -29.55
C GLY C 192 6.40 29.34 -29.47
N VAL C 193 5.85 29.38 -28.24
CA VAL C 193 4.42 29.20 -28.05
C VAL C 193 3.91 30.28 -27.11
N GLN C 194 2.94 31.07 -27.55
CA GLN C 194 2.43 32.15 -26.70
C GLN C 194 1.02 31.78 -26.29
N SER C 195 0.59 32.20 -25.10
CA SER C 195 -0.76 31.92 -24.61
C SER C 195 -1.77 32.70 -25.43
N ASP C 196 -3.01 32.22 -25.49
CA ASP C 196 -4.02 32.88 -26.31
C ASP C 196 -5.42 32.42 -25.92
N GLU C 197 -6.34 32.42 -26.87
CA GLU C 197 -7.71 32.00 -26.58
C GLU C 197 -7.79 30.47 -26.56
N PHE C 198 -6.87 29.82 -27.29
CA PHE C 198 -6.92 28.37 -27.47
C PHE C 198 -5.61 27.68 -27.09
N VAL C 199 -4.66 28.46 -26.58
CA VAL C 199 -3.42 27.92 -26.03
C VAL C 199 -3.27 28.43 -24.58
N TRP C 200 -3.56 27.57 -23.61
CA TRP C 200 -3.53 27.96 -22.20
C TRP C 200 -2.35 27.38 -21.44
N HIS C 201 -1.81 28.14 -20.51
CA HIS C 201 -0.89 27.55 -19.54
C HIS C 201 -1.72 26.85 -18.46
N SER C 202 -1.21 25.73 -17.95
CA SER C 202 -1.94 24.93 -16.96
C SER C 202 -2.41 25.77 -15.76
N SER C 203 -1.61 26.76 -15.37
CA SER C 203 -2.00 27.64 -14.25
C SER C 203 -3.36 28.31 -14.43
N ARG C 204 -3.77 28.48 -15.69
CA ARG C 204 -5.05 29.11 -15.99
C ARG C 204 -5.99 28.12 -16.68
N PHE C 205 -5.85 26.84 -16.34
CA PHE C 205 -6.70 25.81 -16.93
C PHE C 205 -8.18 25.94 -16.56
N LEU C 206 -8.50 25.98 -15.27
CA LEU C 206 -9.92 26.06 -14.89
C LEU C 206 -10.55 27.41 -15.27
N ASP C 207 -9.77 28.49 -15.23
CA ASP C 207 -10.26 29.79 -15.66
C ASP C 207 -10.87 29.68 -17.05
N HIS C 208 -10.10 29.13 -17.99
CA HIS C 208 -10.59 29.02 -19.37
C HIS C 208 -11.64 27.92 -19.51
N PHE C 209 -11.43 26.82 -18.78
CA PHE C 209 -12.25 25.64 -18.99
C PHE C 209 -13.71 25.86 -18.59
N ARG C 210 -13.94 26.61 -17.53
CA ARG C 210 -15.29 26.87 -17.05
C ARG C 210 -16.11 27.70 -18.03
N ASP C 211 -15.42 28.56 -18.77
CA ASP C 211 -16.08 29.44 -19.74
C ASP C 211 -16.61 28.66 -20.95
N ARG C 212 -15.77 27.83 -21.55
CA ARG C 212 -16.10 27.16 -22.80
C ARG C 212 -17.24 26.14 -22.69
N ASP C 213 -17.93 25.92 -23.80
CA ASP C 213 -18.99 24.92 -23.89
C ASP C 213 -18.38 23.52 -23.98
N PRO C 214 -18.78 22.64 -23.07
CA PRO C 214 -18.26 21.27 -22.99
C PRO C 214 -18.18 20.60 -24.37
N ARG C 215 -19.27 20.68 -25.13
CA ARG C 215 -19.32 20.09 -26.45
C ARG C 215 -18.37 20.76 -27.45
N SER C 216 -17.56 21.69 -26.95
CA SER C 216 -16.64 22.43 -27.81
C SER C 216 -15.18 22.02 -27.62
N LEU C 217 -14.92 21.22 -26.58
CA LEU C 217 -13.57 20.76 -26.27
C LEU C 217 -13.48 19.25 -26.37
N ARG C 218 -13.81 18.70 -27.53
CA ARG C 218 -13.77 17.25 -27.71
C ARG C 218 -12.33 16.76 -27.96
N ARG C 219 -11.45 17.69 -28.34
CA ARG C 219 -10.07 17.32 -28.62
C ARG C 219 -9.10 18.25 -27.92
N VAL C 220 -8.36 17.71 -26.95
CA VAL C 220 -7.40 18.52 -26.20
C VAL C 220 -6.00 17.92 -26.25
N ALA C 221 -5.01 18.75 -26.53
CA ALA C 221 -3.61 18.37 -26.36
C ALA C 221 -3.09 19.00 -25.07
N VAL C 222 -2.41 18.19 -24.26
CA VAL C 222 -1.75 18.65 -23.05
C VAL C 222 -0.26 18.33 -23.14
N ALA C 223 0.56 19.37 -23.10
CA ALA C 223 2.01 19.20 -23.20
C ALA C 223 2.60 19.15 -21.80
N GLY C 224 3.48 18.16 -21.58
CA GLY C 224 4.19 18.06 -20.31
C GLY C 224 4.09 16.66 -19.70
N GLY C 225 5.08 16.34 -18.86
CA GLY C 225 5.11 15.06 -18.17
C GLY C 225 5.12 15.16 -16.66
N GLY C 226 4.77 16.34 -16.14
CA GLY C 226 4.80 16.60 -14.71
C GLY C 226 3.46 16.47 -14.04
N GLN C 227 3.42 16.87 -12.77
CA GLN C 227 2.19 16.73 -11.98
C GLN C 227 0.99 17.46 -12.60
N SER C 228 1.21 18.67 -13.11
CA SER C 228 0.12 19.44 -13.74
C SER C 228 -0.43 18.71 -14.96
N ALA C 229 0.46 18.29 -15.85
CA ALA C 229 0.05 17.57 -17.05
C ALA C 229 -0.80 16.33 -16.69
N ALA C 230 -0.31 15.57 -15.73
CA ALA C 230 -0.99 14.33 -15.35
C ALA C 230 -2.36 14.64 -14.74
N GLU C 231 -2.43 15.67 -13.90
CA GLU C 231 -3.71 15.96 -13.25
C GLU C 231 -4.74 16.46 -14.25
N ILE C 232 -4.29 17.29 -15.19
CA ILE C 232 -5.21 17.81 -16.20
C ILE C 232 -5.74 16.68 -17.11
N VAL C 233 -4.83 15.83 -17.61
CA VAL C 233 -5.24 14.70 -18.43
C VAL C 233 -6.24 13.81 -17.67
N ARG C 234 -5.95 13.50 -16.41
CA ARG C 234 -6.85 12.65 -15.64
C ARG C 234 -8.21 13.31 -15.54
N PHE C 235 -8.20 14.60 -15.22
CA PHE C 235 -9.45 15.37 -15.11
C PHE C 235 -10.23 15.34 -16.42
N LEU C 236 -9.56 15.61 -17.54
CA LEU C 236 -10.25 15.57 -18.83
C LEU C 236 -10.86 14.20 -19.06
N HIS C 237 -10.12 13.14 -18.71
CA HIS C 237 -10.63 11.79 -18.92
C HIS C 237 -11.87 11.53 -18.06
N ASP C 238 -11.84 12.02 -16.83
CA ASP C 238 -12.93 11.76 -15.91
C ASP C 238 -14.16 12.67 -16.19
N ASN C 239 -13.92 13.85 -16.74
CA ASN C 239 -14.95 14.89 -16.86
C ASN C 239 -16.01 14.63 -17.93
N ARG C 240 -15.58 14.19 -19.11
CA ARG C 240 -16.54 13.78 -20.14
C ARG C 240 -16.04 12.49 -20.81
N PRO C 241 -16.98 11.59 -21.08
CA PRO C 241 -16.64 10.25 -21.58
C PRO C 241 -16.32 10.19 -23.07
N ASP C 242 -16.20 11.32 -23.75
CA ASP C 242 -15.88 11.27 -25.17
C ASP C 242 -14.64 12.08 -25.55
N THR C 243 -14.19 12.94 -24.65
CA THR C 243 -13.04 13.80 -24.93
C THR C 243 -11.82 12.96 -25.34
N VAL C 244 -11.14 13.38 -26.39
CA VAL C 244 -9.93 12.69 -26.84
C VAL C 244 -8.78 13.57 -26.42
N VAL C 245 -7.75 12.95 -25.81
CA VAL C 245 -6.66 13.70 -25.22
C VAL C 245 -5.33 13.22 -25.74
N HIS C 246 -4.48 14.16 -26.13
CA HIS C 246 -3.12 13.85 -26.55
C HIS C 246 -2.18 14.37 -25.49
N ALA C 247 -1.50 13.44 -24.81
CA ALA C 247 -0.53 13.80 -23.78
C ALA C 247 0.85 13.76 -24.39
N ILE C 248 1.44 14.93 -24.58
CA ILE C 248 2.68 15.05 -25.32
C ILE C 248 3.79 15.39 -24.34
N MET C 249 4.79 14.50 -24.26
CA MET C 249 5.86 14.66 -23.26
C MET C 249 7.19 14.05 -23.71
N PRO C 250 8.31 14.62 -23.25
CA PRO C 250 9.63 14.19 -23.73
C PRO C 250 10.05 12.82 -23.22
N SER C 251 9.52 12.39 -22.08
CA SER C 251 9.94 11.10 -21.51
C SER C 251 9.16 10.00 -22.21
N TYR C 252 9.55 8.74 -21.98
CA TYR C 252 8.83 7.61 -22.58
C TYR C 252 7.53 7.34 -21.85
N GLY C 253 7.46 7.82 -20.60
CA GLY C 253 6.24 7.72 -19.81
C GLY C 253 6.42 8.58 -18.57
N TYR C 254 5.35 8.85 -17.82
CA TYR C 254 5.45 9.65 -16.59
C TYR C 254 6.54 9.04 -15.70
N VAL C 255 7.34 9.91 -15.09
CA VAL C 255 8.33 9.50 -14.11
C VAL C 255 7.79 9.69 -12.68
N VAL C 256 7.99 8.69 -11.81
CA VAL C 256 7.39 8.79 -10.47
C VAL C 256 8.09 9.85 -9.63
N ALA C 257 7.32 10.56 -8.79
CA ALA C 257 7.92 11.52 -7.87
C ALA C 257 8.48 10.74 -6.69
N ASP C 258 9.68 11.08 -6.25
CA ASP C 258 10.28 10.36 -5.14
C ASP C 258 10.02 11.12 -3.84
N ASN C 259 9.25 10.53 -2.92
CA ASN C 259 9.23 11.06 -1.56
C ASN C 259 9.50 9.99 -0.51
N THR C 260 10.30 8.98 -0.90
CA THR C 260 10.77 7.98 0.05
C THR C 260 11.66 8.69 1.07
N PRO C 261 11.74 8.15 2.29
CA PRO C 261 12.21 8.88 3.49
C PRO C 261 13.63 9.44 3.41
N PHE C 262 14.59 8.73 2.81
CA PHE C 262 15.97 9.24 2.77
C PHE C 262 16.10 10.40 1.77
N ALA C 263 15.58 10.20 0.55
CA ALA C 263 15.61 11.26 -0.45
C ALA C 263 14.82 12.46 0.07
N ASN C 264 13.75 12.18 0.82
CA ASN C 264 12.87 13.25 1.28
C ASN C 264 13.54 14.16 2.31
N GLN C 265 14.67 13.71 2.85
CA GLN C 265 15.40 14.51 3.83
C GLN C 265 16.00 15.78 3.22
N ILE C 266 16.03 15.86 1.88
CA ILE C 266 16.53 17.10 1.26
C ILE C 266 15.58 18.24 1.58
N PHE C 267 14.38 17.93 2.05
CA PHE C 267 13.44 18.98 2.41
C PHE C 267 13.50 19.35 3.89
N ASP C 268 14.35 18.67 4.66
CA ASP C 268 14.49 18.94 6.08
C ASP C 268 14.99 20.35 6.30
N PRO C 269 14.52 21.02 7.38
CA PRO C 269 15.13 22.29 7.79
C PRO C 269 16.65 22.20 7.79
N ALA C 270 17.21 21.14 8.38
CA ALA C 270 18.65 21.01 8.48
C ALA C 270 19.32 20.85 7.11
N ALA C 271 18.56 20.36 6.12
CA ALA C 271 19.10 20.15 4.76
C ALA C 271 19.32 21.49 4.05
N VAL C 272 18.60 22.52 4.52
CA VAL C 272 18.84 23.86 4.02
C VAL C 272 20.29 24.26 4.33
N ASP C 273 20.73 23.99 5.56
CA ASP C 273 22.13 24.27 5.92
C ASP C 273 23.10 23.45 5.08
N ASP C 274 22.82 22.17 4.88
CA ASP C 274 23.74 21.32 4.11
C ASP C 274 23.90 21.85 2.69
N TYR C 275 22.79 22.19 2.07
CA TYR C 275 22.80 22.74 0.72
C TYR C 275 23.49 24.10 0.72
N PHE C 276 23.09 24.97 1.66
CA PHE C 276 23.64 26.33 1.69
C PHE C 276 25.15 26.33 1.90
N ASP C 277 25.64 25.58 2.89
CA ASP C 277 27.06 25.55 3.23
C ASP C 277 27.87 24.71 2.27
N GLY C 278 27.20 23.86 1.50
CA GLY C 278 27.91 22.94 0.65
C GLY C 278 28.52 23.64 -0.54
N SER C 279 29.59 23.06 -1.10
CA SER C 279 30.21 23.58 -2.31
C SER C 279 29.23 23.55 -3.49
N LYS C 280 29.59 24.21 -4.58
CA LYS C 280 28.74 24.21 -5.79
C LYS C 280 28.60 22.77 -6.27
N GLN C 281 29.68 22.01 -6.11
CA GLN C 281 29.69 20.62 -6.52
C GLN C 281 28.60 19.83 -5.75
N ALA C 282 28.49 20.08 -4.44
CA ALA C 282 27.48 19.40 -3.64
C ALA C 282 26.08 19.85 -4.03
N LYS C 283 25.93 21.16 -4.26
CA LYS C 283 24.65 21.71 -4.67
C LYS C 283 24.21 21.02 -5.97
N ASP C 284 25.15 20.85 -6.91
CA ASP C 284 24.83 20.20 -8.18
C ASP C 284 24.37 18.75 -7.95
N ALA C 285 25.00 18.09 -6.98
CA ALA C 285 24.63 16.72 -6.65
C ALA C 285 23.17 16.62 -6.14
N PHE C 286 22.71 17.60 -5.39
CA PHE C 286 21.30 17.60 -4.96
C PHE C 286 20.39 17.56 -6.17
N TRP C 287 20.68 18.40 -7.18
CA TRP C 287 19.83 18.47 -8.35
C TRP C 287 19.97 17.22 -9.22
N ARG C 288 21.20 16.78 -9.40
CA ARG C 288 21.50 15.60 -10.20
C ARG C 288 20.79 14.35 -9.69
N TYR C 289 20.77 14.17 -8.37
CA TYR C 289 20.18 12.97 -7.78
C TYR C 289 18.70 13.10 -7.36
N HIS C 290 18.26 14.30 -6.98
CA HIS C 290 16.97 14.44 -6.30
C HIS C 290 16.00 15.42 -6.93
N ARG C 291 16.32 15.86 -8.13
CA ARG C 291 15.40 16.69 -8.91
C ARG C 291 14.04 15.98 -9.00
N ASN C 292 14.08 14.65 -9.08
CA ASN C 292 12.86 13.83 -9.21
C ASN C 292 12.01 13.76 -7.91
N THR C 293 12.38 14.54 -6.90
CA THR C 293 11.50 14.70 -5.75
C THR C 293 10.41 15.74 -6.04
N ASN C 294 10.57 16.51 -7.11
CA ASN C 294 9.63 17.61 -7.33
C ASN C 294 9.36 18.01 -8.78
N TYR C 295 10.42 18.05 -9.59
CA TYR C 295 10.30 18.57 -10.95
C TYR C 295 10.07 17.49 -12.00
N SER C 296 9.12 17.71 -12.89
CA SER C 296 8.91 16.81 -14.04
C SER C 296 8.60 15.38 -13.59
N VAL C 297 7.84 15.27 -12.50
CA VAL C 297 7.47 13.96 -11.97
C VAL C 297 6.03 13.96 -11.50
N VAL C 298 5.47 12.75 -11.34
CA VAL C 298 4.08 12.62 -11.00
C VAL C 298 3.91 11.70 -9.82
N ASP C 299 2.99 12.06 -8.94
CA ASP C 299 2.62 11.25 -7.80
C ASP C 299 2.22 9.82 -8.24
N ASP C 300 2.78 8.83 -7.54
CA ASP C 300 2.53 7.41 -7.78
C ASP C 300 1.07 7.08 -8.07
N GLU C 301 0.17 7.49 -7.17
CA GLU C 301 -1.26 7.15 -7.30
C GLU C 301 -1.88 7.77 -8.55
N VAL C 302 -1.50 9.00 -8.89
CA VAL C 302 -2.05 9.62 -10.10
C VAL C 302 -1.57 8.86 -11.33
N ILE C 303 -0.30 8.45 -11.32
CA ILE C 303 0.20 7.63 -12.41
C ILE C 303 -0.64 6.35 -12.58
N ARG C 304 -0.90 5.67 -11.48
CA ARG C 304 -1.60 4.40 -11.53
C ARG C 304 -3.04 4.59 -11.93
N ASP C 305 -3.65 5.69 -11.48
CA ASP C 305 -5.04 5.96 -11.88
C ASP C 305 -5.12 6.17 -13.41
N LEU C 306 -4.16 6.90 -13.95
CA LEU C 306 -4.13 7.12 -15.40
C LEU C 306 -3.92 5.81 -16.16
N TYR C 307 -3.03 4.96 -15.64
CA TYR C 307 -2.74 3.70 -16.31
C TYR C 307 -3.98 2.79 -16.33
N ARG C 308 -4.69 2.74 -15.20
CA ARG C 308 -5.91 1.94 -15.09
C ARG C 308 -6.99 2.47 -16.07
N ARG C 309 -7.09 3.80 -16.21
CA ARG C 309 -8.07 4.38 -17.12
C ARG C 309 -7.75 4.00 -18.56
N GLY C 310 -6.48 4.10 -18.93
CA GLY C 310 -6.07 3.74 -20.29
C GLY C 310 -6.39 2.28 -20.53
N TYR C 311 -6.04 1.44 -19.56
CA TYR C 311 -6.24 0.01 -19.67
C TYR C 311 -7.71 -0.32 -19.91
N ASP C 312 -8.59 0.22 -19.07
CA ASP C 312 -10.01 -0.09 -19.17
C ASP C 312 -10.60 0.36 -20.50
N ASP C 313 -10.11 1.50 -21.02
CA ASP C 313 -10.59 2.00 -22.32
C ASP C 313 -10.19 0.99 -23.39
N GLU C 314 -8.98 0.49 -23.31
CA GLU C 314 -8.53 -0.53 -24.21
C GLU C 314 -9.45 -1.76 -24.15
N VAL C 315 -9.71 -2.24 -22.96
CA VAL C 315 -10.60 -3.38 -22.78
C VAL C 315 -11.95 -3.10 -23.46
N ALA C 316 -12.43 -1.87 -23.29
CA ALA C 316 -13.73 -1.47 -23.81
C ALA C 316 -13.67 -1.23 -25.33
N GLY C 317 -12.48 -1.26 -25.90
CA GLY C 317 -12.31 -0.98 -27.31
C GLY C 317 -12.58 0.46 -27.69
N ALA C 318 -12.38 1.39 -26.75
CA ALA C 318 -12.67 2.80 -26.97
C ALA C 318 -11.56 3.68 -26.42
N PRO C 319 -10.37 3.61 -27.03
CA PRO C 319 -9.23 4.40 -26.57
C PRO C 319 -9.51 5.91 -26.75
N ARG C 320 -9.10 6.72 -25.78
CA ARG C 320 -9.31 8.17 -25.77
C ARG C 320 -8.02 8.89 -25.42
N LEU C 321 -7.18 8.23 -24.62
CA LEU C 321 -5.93 8.83 -24.17
C LEU C 321 -4.79 8.46 -25.09
N ASN C 322 -4.25 9.44 -25.81
CA ASN C 322 -3.19 9.17 -26.73
C ASN C 322 -1.88 9.72 -26.17
N PHE C 323 -0.95 8.83 -25.83
CA PHE C 323 0.31 9.24 -25.23
C PHE C 323 1.36 9.44 -26.29
N VAL C 324 1.80 10.68 -26.43
CA VAL C 324 2.75 11.03 -27.46
C VAL C 324 4.08 11.27 -26.77
N ASN C 325 4.84 10.19 -26.65
CA ASN C 325 6.06 10.21 -25.86
C ASN C 325 7.28 10.53 -26.70
N LEU C 326 8.38 10.87 -26.03
CA LEU C 326 9.61 11.27 -26.71
C LEU C 326 9.34 12.42 -27.68
N ALA C 327 8.56 13.40 -27.24
CA ALA C 327 8.11 14.47 -28.12
C ALA C 327 7.97 15.81 -27.37
N HIS C 328 8.11 16.93 -28.09
CA HIS C 328 7.94 18.27 -27.51
C HIS C 328 6.94 19.04 -28.37
N VAL C 329 6.09 19.84 -27.73
CA VAL C 329 5.30 20.83 -28.47
C VAL C 329 6.27 21.95 -28.84
N VAL C 330 6.36 22.28 -30.13
CA VAL C 330 7.27 23.36 -30.56
C VAL C 330 6.57 24.59 -31.19
N GLY C 331 5.27 24.49 -31.46
CA GLY C 331 4.52 25.61 -31.95
C GLY C 331 3.02 25.40 -31.95
N ALA C 332 2.28 26.51 -32.00
CA ALA C 332 0.82 26.45 -32.11
C ALA C 332 0.30 27.61 -32.95
N LYS C 333 -0.69 27.33 -33.80
CA LYS C 333 -1.29 28.34 -34.67
C LYS C 333 -2.76 28.01 -34.74
N ARG C 334 -3.59 29.03 -34.87
CA ARG C 334 -5.02 28.85 -35.02
C ARG C 334 -5.40 28.90 -36.51
N ILE C 335 -5.99 27.83 -37.00
CA ILE C 335 -6.33 27.71 -38.39
C ILE C 335 -7.76 27.31 -38.52
N ALA C 336 -8.64 28.30 -38.67
CA ALA C 336 -10.06 28.05 -38.80
C ALA C 336 -10.63 27.60 -37.47
N ASP C 337 -11.32 26.46 -37.48
CA ASP C 337 -11.89 25.88 -36.27
C ASP C 337 -10.95 24.88 -35.60
N ASP C 338 -9.65 25.00 -35.86
CA ASP C 338 -8.67 24.11 -35.26
C ASP C 338 -7.48 24.84 -34.66
N THR C 339 -7.02 24.35 -33.52
CA THR C 339 -5.72 24.76 -33.01
C THR C 339 -4.71 23.75 -33.54
N ARG C 340 -3.75 24.23 -34.32
CA ARG C 340 -2.80 23.33 -34.96
C ARG C 340 -1.49 23.33 -34.19
N VAL C 341 -1.19 22.19 -33.57
CA VAL C 341 -0.03 22.06 -32.71
C VAL C 341 1.10 21.41 -33.49
N THR C 342 2.26 22.05 -33.49
CA THR C 342 3.42 21.43 -34.12
C THR C 342 4.19 20.62 -33.07
N VAL C 343 4.32 19.32 -33.33
CA VAL C 343 5.00 18.42 -32.41
C VAL C 343 6.31 17.95 -33.02
N TYR C 344 7.39 18.02 -32.24
CA TYR C 344 8.66 17.46 -32.70
C TYR C 344 8.88 16.06 -32.07
N SER C 345 9.00 15.04 -32.91
CA SER C 345 9.28 13.68 -32.45
C SER C 345 10.78 13.44 -32.37
N MET C 346 11.29 13.20 -31.16
CA MET C 346 12.71 12.86 -31.00
C MET C 346 13.09 11.55 -31.69
N ALA C 347 12.15 10.61 -31.75
CA ALA C 347 12.48 9.26 -32.23
C ALA C 347 12.76 9.32 -33.72
N ARG C 348 11.94 10.09 -34.43
CA ARG C 348 12.02 10.23 -35.88
C ARG C 348 12.80 11.49 -36.30
N GLU C 349 13.08 12.37 -35.33
CA GLU C 349 13.77 13.62 -35.59
C GLU C 349 13.10 14.44 -36.71
N GLU C 350 11.79 14.57 -36.60
CA GLU C 350 11.06 15.42 -37.52
C GLU C 350 9.82 15.93 -36.82
N SER C 351 9.22 16.98 -37.36
CA SER C 351 8.03 17.55 -36.73
C SER C 351 6.80 17.28 -37.59
N TYR C 352 5.64 17.45 -36.98
CA TYR C 352 4.38 17.20 -37.67
C TYR C 352 3.28 17.95 -36.93
N ASP C 353 2.11 18.00 -37.53
CA ASP C 353 1.03 18.80 -36.99
C ASP C 353 -0.08 17.95 -36.41
N LEU C 354 -0.70 18.46 -35.36
CA LEU C 354 -1.76 17.78 -34.66
C LEU C 354 -2.85 18.83 -34.48
N ASP C 355 -4.06 18.55 -34.96
CA ASP C 355 -5.16 19.48 -34.82
C ASP C 355 -6.05 19.12 -33.65
N VAL C 356 -6.26 20.10 -32.77
CA VAL C 356 -7.12 19.90 -31.62
C VAL C 356 -7.92 21.18 -31.42
N ASP C 357 -8.84 21.18 -30.45
CA ASP C 357 -9.59 22.39 -30.11
C ASP C 357 -8.76 23.29 -29.21
N VAL C 358 -8.07 22.69 -28.25
CA VAL C 358 -7.28 23.45 -27.29
C VAL C 358 -5.93 22.78 -26.99
N LEU C 359 -4.88 23.60 -26.92
CA LEU C 359 -3.58 23.18 -26.41
C LEU C 359 -3.39 23.72 -24.97
N VAL C 360 -3.22 22.81 -24.01
CA VAL C 360 -2.86 23.19 -22.64
C VAL C 360 -1.39 22.90 -22.45
N CYS C 361 -0.62 23.93 -22.14
CA CYS C 361 0.79 23.76 -21.86
C CYS C 361 0.99 23.62 -20.34
N ALA C 362 1.22 22.38 -19.89
CA ALA C 362 1.53 22.13 -18.49
C ALA C 362 3.05 22.03 -18.44
N THR C 363 3.70 23.10 -18.91
CA THR C 363 5.15 23.10 -19.10
C THR C 363 5.95 23.75 -17.97
N GLY C 364 5.29 23.94 -16.83
CA GLY C 364 6.02 24.31 -15.62
C GLY C 364 6.14 25.81 -15.37
N TYR C 365 7.10 26.17 -14.52
CA TYR C 365 7.23 27.51 -14.02
C TYR C 365 8.70 27.89 -13.89
N ASP C 366 8.97 29.20 -13.88
CA ASP C 366 10.29 29.68 -13.50
C ASP C 366 10.23 30.13 -12.06
N PRO C 367 11.38 30.09 -11.38
CA PRO C 367 11.48 30.54 -9.99
C PRO C 367 11.09 32.02 -9.87
N MET C 368 10.59 32.42 -8.70
CA MET C 368 10.41 33.84 -8.39
C MET C 368 11.74 34.57 -8.60
N ASP C 369 11.67 35.77 -9.17
CA ASP C 369 12.89 36.59 -9.33
C ASP C 369 12.56 38.03 -8.94
N PRO C 370 13.17 38.51 -7.85
CA PRO C 370 12.89 39.85 -7.30
C PRO C 370 13.33 40.99 -8.22
N GLY C 371 14.16 40.69 -9.20
CA GLY C 371 14.73 41.64 -10.13
C GLY C 371 13.85 42.73 -10.67
N ASP C 372 12.82 42.36 -11.39
CA ASP C 372 11.93 43.37 -11.96
C ASP C 372 11.36 44.31 -10.90
N LEU C 373 10.89 43.77 -9.77
CA LEU C 373 10.27 44.58 -8.76
C LEU C 373 11.23 45.50 -8.08
N LEU C 374 12.48 45.11 -8.02
CA LEU C 374 13.51 45.86 -7.33
C LEU C 374 13.92 47.15 -8.06
N GLY C 375 13.83 47.15 -9.38
CA GLY C 375 14.23 48.30 -10.18
C GLY C 375 15.60 48.83 -9.81
N GLU C 376 15.62 50.10 -9.39
CA GLU C 376 16.86 50.82 -9.07
C GLU C 376 17.70 50.11 -8.01
N LEU C 377 17.05 49.51 -7.01
CA LEU C 377 17.73 48.87 -5.89
C LEU C 377 18.62 47.72 -6.35
N ALA C 378 18.29 47.15 -7.50
CA ALA C 378 19.03 46.03 -8.04
C ALA C 378 20.50 46.34 -8.26
N GLU C 379 20.80 47.58 -8.54
CA GLU C 379 22.17 47.90 -8.82
C GLU C 379 23.01 47.55 -7.61
N HIS C 380 22.37 47.51 -6.46
CA HIS C 380 23.07 47.37 -5.21
C HIS C 380 22.93 45.99 -4.65
N CYS C 381 22.29 45.13 -5.41
CA CYS C 381 22.19 43.72 -5.05
C CYS C 381 23.30 42.97 -5.73
N VAL C 382 24.13 42.30 -4.94
CA VAL C 382 25.28 41.58 -5.48
C VAL C 382 24.90 40.26 -6.17
N GLN C 383 25.49 40.02 -7.34
CA GLN C 383 25.27 38.78 -8.07
C GLN C 383 26.44 37.82 -7.94
N ASP C 384 26.21 36.55 -8.25
CA ASP C 384 27.28 35.55 -8.23
C ASP C 384 27.93 35.41 -9.59
N ALA C 385 28.77 34.39 -9.73
CA ALA C 385 29.41 34.07 -11.00
C ALA C 385 28.40 33.90 -12.15
N GLU C 386 27.40 33.05 -11.93
CA GLU C 386 26.42 32.75 -12.96
C GLU C 386 25.33 33.83 -13.16
N GLY C 387 25.52 35.00 -12.55
CA GLY C 387 24.57 36.08 -12.73
C GLY C 387 23.32 36.05 -11.86
N ARG C 388 23.35 35.30 -10.77
CA ARG C 388 22.18 35.19 -9.90
C ARG C 388 22.36 36.00 -8.62
N TRP C 389 21.26 36.32 -7.96
CA TRP C 389 21.33 37.09 -6.71
C TRP C 389 22.03 36.31 -5.59
N GLN C 390 22.99 36.95 -4.92
CA GLN C 390 23.57 36.36 -3.73
C GLN C 390 22.58 36.56 -2.60
N VAL C 391 22.38 35.51 -1.80
CA VAL C 391 21.47 35.56 -0.67
C VAL C 391 22.12 34.95 0.57
N ASP C 392 21.95 35.61 1.71
CA ASP C 392 22.48 35.10 2.96
C ASP C 392 21.64 33.96 3.52
N ARG C 393 22.20 33.24 4.49
CA ARG C 393 21.54 32.10 5.09
C ARG C 393 20.16 32.46 5.63
N ASP C 394 20.02 33.70 6.11
CA ASP C 394 18.75 34.15 6.67
C ASP C 394 17.79 34.70 5.59
N TYR C 395 18.06 34.34 4.32
CA TYR C 395 17.16 34.68 3.20
C TYR C 395 17.23 36.15 2.78
N ARG C 396 18.20 36.87 3.31
CA ARG C 396 18.37 38.29 3.00
C ARG C 396 19.36 38.49 1.86
N MET C 397 18.94 39.21 0.83
CA MET C 397 19.79 39.45 -0.33
C MET C 397 21.05 40.16 0.11
N VAL C 398 22.18 39.75 -0.44
CA VAL C 398 23.44 40.43 -0.21
C VAL C 398 23.46 41.77 -0.96
N THR C 399 23.69 42.86 -0.23
CA THR C 399 23.78 44.18 -0.85
C THR C 399 25.10 44.86 -0.50
N THR C 400 25.46 45.85 -1.31
CA THR C 400 26.59 46.72 -0.99
C THR C 400 26.23 47.58 0.22
N PRO C 401 27.24 48.26 0.80
CA PRO C 401 27.02 49.06 2.01
C PRO C 401 26.12 50.27 1.75
N ASP C 402 25.84 50.55 0.47
CA ASP C 402 24.93 51.62 0.10
C ASP C 402 23.51 51.31 0.55
N LEU C 403 23.24 50.02 0.74
CA LEU C 403 21.92 49.54 1.14
C LEU C 403 21.96 48.85 2.50
N ARG C 404 21.25 49.42 3.48
CA ARG C 404 21.21 48.82 4.81
C ARG C 404 19.83 48.24 5.15
N CYS C 405 18.85 48.51 4.29
CA CYS C 405 17.51 47.95 4.50
C CYS C 405 17.50 46.47 4.09
N GLY C 406 16.67 45.67 4.76
CA GLY C 406 16.62 44.24 4.50
C GLY C 406 15.67 43.85 3.39
N ILE C 407 16.20 43.14 2.39
CA ILE C 407 15.38 42.56 1.34
C ILE C 407 15.41 41.02 1.41
N TYR C 408 14.30 40.44 1.85
CA TYR C 408 14.23 38.99 2.04
C TYR C 408 13.42 38.33 0.93
N LEU C 409 13.83 37.11 0.58
CA LEU C 409 13.18 36.34 -0.48
C LEU C 409 12.59 35.04 0.06
N GLN C 410 11.28 34.88 -0.13
CA GLN C 410 10.62 33.59 0.08
C GLN C 410 10.21 33.12 -1.30
N GLY C 411 11.04 32.24 -1.88
CA GLY C 411 10.97 31.93 -3.30
C GLY C 411 12.25 32.49 -3.90
N GLY C 412 12.64 31.99 -5.06
CA GLY C 412 13.80 32.52 -5.76
C GLY C 412 15.13 32.20 -5.09
N THR C 413 15.12 31.21 -4.20
CA THR C 413 16.35 30.83 -3.51
C THR C 413 16.77 29.40 -3.85
N GLU C 414 16.25 28.87 -4.95
CA GLU C 414 16.59 27.52 -5.40
C GLU C 414 18.11 27.32 -5.45
N HIS C 415 18.83 28.33 -5.93
CA HIS C 415 20.28 28.22 -6.13
C HIS C 415 21.11 28.43 -4.87
N THR C 416 20.53 28.97 -3.81
CA THR C 416 21.27 29.24 -2.57
C THR C 416 20.83 28.36 -1.42
N HIS C 417 19.52 28.14 -1.32
CA HIS C 417 18.94 27.39 -0.20
C HIS C 417 18.39 26.01 -0.59
N GLY C 418 18.18 25.79 -1.88
CA GLY C 418 17.87 24.46 -2.39
C GLY C 418 16.41 24.21 -2.74
N LEU C 419 16.08 22.94 -2.95
CA LEU C 419 14.79 22.55 -3.52
C LEU C 419 13.56 22.90 -2.70
N SER C 420 13.71 23.24 -1.41
CA SER C 420 12.51 23.59 -0.63
C SER C 420 12.00 25.00 -0.92
N SER C 421 12.79 25.78 -1.66
CA SER C 421 12.51 27.22 -1.82
C SER C 421 11.12 27.59 -2.32
N SER C 422 10.64 26.90 -3.35
CA SER C 422 9.34 27.23 -3.93
C SER C 422 8.21 26.42 -3.30
N LEU C 423 8.57 25.52 -2.38
CA LEU C 423 7.63 24.52 -1.88
C LEU C 423 7.07 24.89 -0.50
N LEU C 424 6.14 24.04 -0.02
CA LEU C 424 5.54 24.22 1.29
C LEU C 424 6.30 23.47 2.40
N SER C 425 7.38 22.81 2.04
CA SER C 425 8.12 21.95 2.99
C SER C 425 8.61 22.69 4.21
N ASN C 426 8.96 23.95 4.04
CA ASN C 426 9.74 24.61 5.08
C ASN C 426 9.23 25.99 5.48
N LEU C 427 7.92 26.21 5.32
CA LEU C 427 7.32 27.50 5.60
C LEU C 427 7.61 27.95 7.03
N ALA C 428 7.37 27.06 7.98
CA ALA C 428 7.47 27.40 9.41
C ALA C 428 8.87 27.87 9.81
N THR C 429 9.89 27.15 9.38
CA THR C 429 11.24 27.47 9.79
C THR C 429 11.75 28.72 9.07
N ARG C 430 11.48 28.84 7.77
CA ARG C 430 11.96 29.99 7.03
C ARG C 430 11.32 31.27 7.57
N SER C 431 10.00 31.25 7.76
CA SER C 431 9.33 32.45 8.23
C SER C 431 9.88 32.81 9.62
N GLY C 432 10.15 31.81 10.46
CA GLY C 432 10.68 32.08 11.79
C GLY C 432 12.07 32.70 11.74
N GLU C 433 12.90 32.20 10.82
CA GLU C 433 14.26 32.71 10.65
C GLU C 433 14.26 34.14 10.09
N ILE C 434 13.32 34.43 9.22
CA ILE C 434 13.23 35.78 8.68
C ILE C 434 12.84 36.78 9.77
N VAL C 435 11.76 36.47 10.50
CA VAL C 435 11.36 37.27 11.63
C VAL C 435 12.51 37.49 12.63
N SER C 436 13.24 36.42 12.96
CA SER C 436 14.38 36.52 13.85
C SER C 436 15.45 37.45 13.31
N SER C 437 15.75 37.31 12.01
CA SER C 437 16.76 38.14 11.38
C SER C 437 16.40 39.62 11.52
N ILE C 438 15.14 39.94 11.22
CA ILE C 438 14.64 41.30 11.34
C ILE C 438 14.71 41.85 12.78
N GLU C 439 14.26 41.06 13.76
CA GLU C 439 14.36 41.46 15.18
C GLU C 439 15.82 41.71 15.57
N ARG C 440 16.70 40.84 15.14
CA ARG C 440 18.09 40.96 15.45
C ARG C 440 18.68 42.25 14.99
N ARG C 441 18.34 42.63 13.78
CA ARG C 441 18.88 43.78 13.11
C ARG C 441 18.21 45.06 13.55
N LYS C 442 16.98 44.99 14.03
CA LYS C 442 16.33 46.17 14.55
C LYS C 442 17.19 46.68 15.66
N SER C 443 17.74 45.74 16.40
CA SER C 443 18.67 46.01 17.45
C SER C 443 20.09 45.85 16.90
N PRO D 29 -6.21 17.05 55.11
CA PRO D 29 -6.16 17.52 53.71
C PRO D 29 -6.99 16.61 52.78
N THR D 30 -8.15 17.08 52.36
CA THR D 30 -8.99 16.31 51.45
C THR D 30 -8.81 16.73 49.98
N HIS D 31 -8.39 15.77 49.14
CA HIS D 31 -8.24 16.01 47.70
C HIS D 31 -9.59 16.04 46.94
N ASP D 32 -9.70 16.93 45.96
CA ASP D 32 -10.81 16.88 45.02
C ASP D 32 -10.87 15.53 44.30
N VAL D 33 -9.71 15.04 43.88
CA VAL D 33 -9.68 13.75 43.17
C VAL D 33 -8.41 12.94 43.45
N VAL D 34 -8.60 11.62 43.60
CA VAL D 34 -7.50 10.68 43.71
C VAL D 34 -7.58 9.69 42.54
N GLY D 35 -6.47 9.52 41.83
CA GLY D 35 -6.39 8.53 40.77
C GLY D 35 -5.70 7.24 41.20
N VAL D 36 -6.36 6.11 40.98
CA VAL D 36 -5.76 4.81 41.27
C VAL D 36 -5.17 4.21 39.99
N GLY D 37 -3.86 4.02 39.98
CA GLY D 37 -3.14 3.53 38.80
C GLY D 37 -2.58 4.70 38.01
N PHE D 38 -1.40 4.54 37.42
CA PHE D 38 -0.88 5.59 36.55
C PHE D 38 -0.41 5.08 35.19
N GLY D 39 -1.38 4.61 34.40
CA GLY D 39 -1.14 4.31 33.00
C GLY D 39 -1.56 5.49 32.15
N PRO D 40 -1.63 5.28 30.83
CA PRO D 40 -2.06 6.34 29.91
C PRO D 40 -3.38 7.00 30.34
N ALA D 41 -4.34 6.20 30.85
CA ALA D 41 -5.64 6.76 31.20
C ALA D 41 -5.54 7.83 32.31
N ASN D 42 -4.88 7.49 33.41
CA ASN D 42 -4.75 8.49 34.48
C ASN D 42 -3.73 9.59 34.16
N LEU D 43 -2.71 9.26 33.35
CA LEU D 43 -1.80 10.30 32.86
C LEU D 43 -2.62 11.35 32.10
N SER D 44 -3.51 10.89 31.21
CA SER D 44 -4.29 11.87 30.44
C SER D 44 -5.22 12.66 31.39
N LEU D 45 -5.67 12.01 32.47
CA LEU D 45 -6.44 12.72 33.49
C LEU D 45 -5.60 13.83 34.14
N ALA D 46 -4.37 13.49 34.55
CA ALA D 46 -3.45 14.48 35.11
C ALA D 46 -3.23 15.66 34.14
N VAL D 47 -3.05 15.34 32.86
CA VAL D 47 -2.91 16.37 31.84
C VAL D 47 -4.17 17.23 31.76
N ALA D 48 -5.34 16.58 31.71
CA ALA D 48 -6.61 17.33 31.70
C ALA D 48 -6.72 18.25 32.94
N LEU D 49 -6.37 17.72 34.11
CA LEU D 49 -6.40 18.51 35.35
C LEU D 49 -5.51 19.73 35.23
N GLU D 50 -4.28 19.54 34.74
CA GLU D 50 -3.37 20.67 34.61
C GLU D 50 -3.85 21.70 33.58
N GLU D 51 -4.42 21.24 32.45
CA GLU D 51 -4.84 22.18 31.41
C GLU D 51 -6.13 22.90 31.77
N SER D 52 -6.93 22.28 32.63
CA SER D 52 -8.17 22.91 33.07
C SER D 52 -7.91 24.19 33.87
N PRO D 53 -8.76 25.20 33.66
CA PRO D 53 -8.66 26.42 34.48
C PRO D 53 -9.13 26.15 35.92
N ALA D 54 -9.94 25.11 36.10
CA ALA D 54 -10.40 24.71 37.43
C ALA D 54 -9.22 24.40 38.35
N ALA D 55 -9.30 24.91 39.57
CA ALA D 55 -8.30 24.63 40.60
C ALA D 55 -8.75 23.38 41.36
N LEU D 56 -8.19 22.23 40.98
CA LEU D 56 -8.58 20.98 41.62
C LEU D 56 -7.33 20.34 42.20
N THR D 57 -7.43 19.91 43.45
CA THR D 57 -6.33 19.20 44.10
C THR D 57 -6.42 17.74 43.73
N SER D 58 -5.28 17.06 43.63
CA SER D 58 -5.29 15.67 43.21
C SER D 58 -4.08 14.92 43.74
N ALA D 59 -4.19 13.61 43.80
CA ALA D 59 -3.04 12.74 44.03
C ALA D 59 -3.18 11.48 43.19
N PHE D 60 -2.07 10.97 42.68
CA PHE D 60 -2.09 9.73 41.91
C PHE D 60 -1.19 8.67 42.53
N PHE D 61 -1.68 7.43 42.52
CA PHE D 61 -0.91 6.33 43.10
C PHE D 61 -0.72 5.22 42.08
N GLU D 62 0.55 4.86 41.88
CA GLU D 62 0.92 3.75 41.01
C GLU D 62 1.73 2.75 41.84
N ARG D 63 1.37 1.48 41.74
CA ARG D 63 2.04 0.46 42.52
C ARG D 63 3.47 0.13 42.04
N ARG D 64 3.73 0.30 40.76
CA ARG D 64 5.04 0.09 40.23
C ARG D 64 6.01 1.23 40.49
N ALA D 65 7.29 1.02 40.23
CA ALA D 65 8.33 2.01 40.51
C ALA D 65 8.23 3.22 39.59
N SER D 66 7.63 3.02 38.43
CA SER D 66 7.48 4.08 37.44
C SER D 66 6.42 3.65 36.44
N ILE D 67 6.10 4.51 35.47
CA ILE D 67 5.15 4.12 34.43
C ILE D 67 5.66 2.86 33.76
N SER D 68 4.79 1.86 33.67
CA SER D 68 5.17 0.56 33.13
C SER D 68 4.05 0.09 32.21
N TRP D 69 4.17 0.43 30.93
CA TRP D 69 3.09 0.23 30.00
C TRP D 69 3.28 -1.04 29.17
N HIS D 70 2.71 -2.15 29.66
CA HIS D 70 2.85 -3.47 29.07
C HIS D 70 4.29 -3.82 28.64
N GLN D 71 5.22 -3.65 29.56
CA GLN D 71 6.63 -3.93 29.28
C GLN D 71 6.90 -5.38 28.96
N GLY D 72 6.09 -6.28 29.51
CA GLY D 72 6.25 -7.70 29.19
C GLY D 72 6.08 -7.97 27.70
N MET D 73 5.45 -7.03 26.99
CA MET D 73 5.16 -7.21 25.57
C MET D 73 5.82 -6.15 24.70
N LEU D 74 6.82 -5.46 25.26
CA LEU D 74 7.61 -4.52 24.48
C LEU D 74 8.59 -5.25 23.54
N LEU D 75 8.03 -5.99 22.58
CA LEU D 75 8.81 -6.73 21.62
C LEU D 75 9.35 -5.83 20.53
N PRO D 76 10.55 -6.14 20.05
CA PRO D 76 11.21 -5.36 19.00
C PRO D 76 10.32 -5.29 17.76
N ALA D 77 10.05 -4.08 17.28
CA ALA D 77 9.20 -3.91 16.12
C ALA D 77 7.72 -3.71 16.46
N ALA D 78 7.37 -3.87 17.73
CA ALA D 78 5.99 -3.69 18.17
C ALA D 78 5.50 -2.29 17.81
N LYS D 79 4.34 -2.20 17.16
CA LYS D 79 3.82 -0.91 16.73
C LYS D 79 2.55 -0.57 17.52
N MET D 80 2.31 0.73 17.71
CA MET D 80 1.03 1.21 18.21
C MET D 80 -0.11 0.73 17.31
N GLN D 81 -1.29 0.51 17.89
CA GLN D 81 -2.46 0.10 17.13
C GLN D 81 -3.32 1.33 16.88
N VAL D 82 -2.81 2.49 17.27
CA VAL D 82 -3.59 3.70 17.16
C VAL D 82 -2.76 4.82 16.54
N SER D 83 -3.39 5.66 15.72
CA SER D 83 -2.74 6.82 15.12
C SER D 83 -2.09 7.75 16.18
N PHE D 84 -0.98 8.39 15.84
CA PHE D 84 -0.31 9.26 16.82
C PHE D 84 -1.20 10.45 17.23
N LEU D 85 -2.18 10.81 16.39
CA LEU D 85 -3.10 11.90 16.73
C LEU D 85 -3.98 11.56 17.93
N LYS D 86 -4.13 10.27 18.20
CA LYS D 86 -4.88 9.86 19.39
C LYS D 86 -3.89 9.71 20.54
N ASP D 87 -3.54 10.84 21.12
CA ASP D 87 -2.54 10.86 22.19
C ASP D 87 -3.24 11.26 23.48
N LEU D 88 -2.48 11.89 24.37
CA LEU D 88 -3.00 12.25 25.69
C LEU D 88 -4.02 13.38 25.67
N ALA D 89 -4.08 14.18 24.61
CA ALA D 89 -4.85 15.44 24.69
C ALA D 89 -5.39 15.99 23.37
N THR D 90 -4.76 15.62 22.25
CA THR D 90 -4.98 16.34 20.99
C THR D 90 -6.45 16.52 20.53
N PHE D 91 -7.25 15.47 20.66
CA PHE D 91 -8.65 15.54 20.24
C PHE D 91 -9.45 16.55 21.06
N ARG D 92 -9.00 16.80 22.28
CA ARG D 92 -9.65 17.79 23.15
C ARG D 92 -9.01 19.15 22.92
N ASN D 93 -7.68 19.17 22.94
CA ASN D 93 -6.91 20.42 22.85
C ASN D 93 -5.85 20.25 21.77
N PRO D 94 -6.15 20.77 20.57
CA PRO D 94 -5.33 20.62 19.36
C PRO D 94 -3.97 21.32 19.44
N ALA D 95 -3.71 22.04 20.53
CA ALA D 95 -2.41 22.69 20.68
C ALA D 95 -1.88 22.45 22.11
N SER D 96 -1.97 21.21 22.55
CA SER D 96 -1.50 20.84 23.88
C SER D 96 0.03 20.72 23.91
N ARG D 97 0.61 21.22 25.00
CA ARG D 97 2.03 21.04 25.29
C ARG D 97 2.32 19.55 25.52
N PHE D 98 1.28 18.74 25.69
CA PHE D 98 1.47 17.31 25.95
C PHE D 98 1.16 16.41 24.76
N SER D 99 0.96 17.00 23.59
CA SER D 99 0.67 16.23 22.38
C SER D 99 1.89 15.41 21.93
N PHE D 100 1.63 14.35 21.15
CA PHE D 100 2.70 13.53 20.59
C PHE D 100 3.61 14.39 19.70
N VAL D 101 3.00 15.30 18.96
CA VAL D 101 3.76 16.23 18.11
C VAL D 101 4.73 17.10 18.95
N SER D 102 4.26 17.65 20.08
CA SER D 102 5.16 18.40 20.99
C SER D 102 6.31 17.51 21.46
N PHE D 103 5.97 16.29 21.88
CA PHE D 103 6.97 15.32 22.29
C PHE D 103 8.05 15.11 21.20
N LEU D 104 7.62 14.82 19.96
CA LEU D 104 8.56 14.61 18.87
C LEU D 104 9.43 15.85 18.66
N HIS D 105 8.79 17.02 18.74
CA HIS D 105 9.50 18.28 18.53
C HIS D 105 10.60 18.45 19.57
N GLU D 106 10.25 18.28 20.84
CA GLU D 106 11.26 18.37 21.92
C GLU D 106 12.36 17.35 21.77
N ARG D 107 12.01 16.17 21.28
CA ARG D 107 12.99 15.11 21.08
C ARG D 107 13.76 15.28 19.77
N GLY D 108 13.49 16.37 19.06
CA GLY D 108 14.17 16.63 17.79
C GLY D 108 13.97 15.49 16.80
N ARG D 109 12.80 14.85 16.83
CA ARG D 109 12.49 13.76 15.91
C ARG D 109 11.26 14.01 15.04
N LEU D 110 10.66 15.19 15.19
CA LEU D 110 9.44 15.48 14.44
C LEU D 110 9.65 15.38 12.91
N VAL D 111 10.73 15.99 12.42
CA VAL D 111 11.04 15.97 11.00
C VAL D 111 11.29 14.54 10.49
N ARG D 112 12.09 13.80 11.26
CA ARG D 112 12.38 12.41 10.95
C ARG D 112 11.10 11.58 10.92
N PHE D 113 10.23 11.79 11.91
CA PHE D 113 8.97 11.05 11.99
C PHE D 113 8.09 11.37 10.78
N ALA D 114 7.98 12.66 10.46
CA ALA D 114 7.17 13.08 9.32
C ALA D 114 7.70 12.48 7.99
N ASN D 115 9.00 12.28 7.88
CA ASN D 115 9.57 11.71 6.64
C ASN D 115 9.11 10.26 6.43
N ASN D 116 8.81 9.57 7.52
CA ASN D 116 8.36 8.18 7.49
C ASN D 116 6.95 8.02 6.91
N HIS D 117 6.13 9.08 7.03
CA HIS D 117 4.71 9.03 6.62
C HIS D 117 3.96 7.81 7.17
N ASP D 118 4.18 7.52 8.44
CA ASP D 118 3.53 6.41 9.10
C ASP D 118 2.77 6.95 10.33
N PHE D 119 1.45 6.73 10.39
CA PHE D 119 0.65 7.25 11.50
C PHE D 119 0.90 6.52 12.83
N PHE D 120 1.53 5.35 12.75
CA PHE D 120 1.65 4.47 13.91
C PHE D 120 3.08 4.41 14.42
N PRO D 121 3.33 5.07 15.58
CA PRO D 121 4.66 5.01 16.22
C PRO D 121 4.94 3.58 16.70
N THR D 122 6.19 3.31 17.07
CA THR D 122 6.51 2.05 17.73
C THR D 122 6.04 2.15 19.19
N ARG D 123 5.79 1.00 19.79
CA ARG D 123 5.43 0.97 21.21
C ARG D 123 6.55 1.56 22.08
N ARG D 124 7.80 1.28 21.70
CA ARG D 124 8.95 1.78 22.43
C ARG D 124 8.96 3.30 22.49
N GLU D 125 8.63 3.95 21.37
CA GLU D 125 8.61 5.40 21.31
C GLU D 125 7.43 5.95 22.11
N PHE D 126 6.29 5.26 22.06
CA PHE D 126 5.12 5.71 22.78
C PHE D 126 5.38 5.60 24.28
N HIS D 127 6.08 4.54 24.68
CA HIS D 127 6.40 4.37 26.10
C HIS D 127 7.21 5.59 26.54
N ASP D 128 8.15 6.00 25.69
CA ASP D 128 8.94 7.20 25.95
C ASP D 128 8.01 8.42 26.08
N TYR D 129 7.09 8.56 25.14
CA TYR D 129 6.14 9.67 25.15
C TYR D 129 5.46 9.79 26.52
N LEU D 130 5.00 8.66 27.04
CA LEU D 130 4.35 8.64 28.34
C LEU D 130 5.28 9.21 29.42
N GLU D 131 6.52 8.72 29.44
CA GLU D 131 7.45 9.13 30.49
C GLU D 131 7.81 10.60 30.35
N TRP D 132 7.94 11.03 29.11
CA TRP D 132 8.20 12.45 28.82
C TRP D 132 7.05 13.33 29.30
N ALA D 133 5.81 12.87 29.11
CA ALA D 133 4.63 13.65 29.51
C ALA D 133 4.55 13.69 31.03
N GLU D 134 4.86 12.55 31.64
CA GLU D 134 4.83 12.44 33.08
C GLU D 134 5.83 13.43 33.69
N SER D 135 7.04 13.51 33.13
CA SER D 135 8.05 14.43 33.66
C SER D 135 7.65 15.88 33.50
N LYS D 136 7.03 16.20 32.37
CA LYS D 136 6.62 17.55 32.08
C LYS D 136 5.50 18.01 33.03
N LEU D 137 4.63 17.09 33.44
CA LEU D 137 3.59 17.36 34.42
C LEU D 137 4.14 18.09 35.64
N ALA D 138 3.43 19.12 36.09
CA ALA D 138 3.76 19.78 37.35
C ALA D 138 3.59 18.80 38.51
N HIS D 139 2.41 18.22 38.61
CA HIS D 139 2.10 17.27 39.65
C HIS D 139 3.21 16.23 39.79
N GLU D 140 3.17 15.50 40.91
CA GLU D 140 4.14 14.49 41.20
C GLU D 140 3.46 13.22 41.65
N VAL D 141 3.61 12.20 40.85
CA VAL D 141 2.95 10.93 41.10
C VAL D 141 3.61 10.21 42.23
N SER D 142 2.82 9.50 43.00
CA SER D 142 3.38 8.65 44.04
C SER D 142 3.55 7.21 43.55
N TYR D 143 4.79 6.80 43.31
CA TYR D 143 5.08 5.44 42.83
C TYR D 143 5.26 4.48 44.00
N ASP D 144 5.46 3.19 43.68
CA ASP D 144 5.63 2.17 44.70
C ASP D 144 4.53 2.29 45.74
N SER D 145 3.35 2.70 45.27
CA SER D 145 2.21 2.97 46.14
C SER D 145 1.01 2.21 45.64
N GLU D 146 0.73 1.07 46.29
CA GLU D 146 -0.40 0.27 45.87
C GLU D 146 -1.65 0.62 46.66
N VAL D 147 -2.75 0.89 45.95
CA VAL D 147 -4.03 1.11 46.62
C VAL D 147 -4.55 -0.26 46.97
N THR D 148 -4.81 -0.48 48.26
CA THR D 148 -5.23 -1.80 48.74
C THR D 148 -6.71 -1.86 49.01
N ALA D 149 -7.33 -0.70 49.21
CA ALA D 149 -8.76 -0.63 49.50
C ALA D 149 -9.29 0.78 49.36
N ILE D 150 -10.59 0.88 49.13
CA ILE D 150 -11.27 2.18 49.15
C ILE D 150 -12.44 2.09 50.13
N ARG D 151 -12.47 2.99 51.11
CA ARG D 151 -13.47 2.91 52.17
C ARG D 151 -14.31 4.19 52.28
N PRO D 152 -15.52 4.06 52.84
CA PRO D 152 -16.41 5.19 53.09
C PRO D 152 -15.73 6.20 53.99
N GLY D 153 -15.70 7.46 53.59
CA GLY D 153 -15.31 8.53 54.49
C GLY D 153 -16.33 8.67 55.62
N PRO D 154 -16.08 9.59 56.54
CA PRO D 154 -16.96 9.77 57.70
C PRO D 154 -18.29 10.44 57.32
N GLY D 155 -19.36 10.02 57.98
CA GLY D 155 -20.62 10.75 57.86
C GLY D 155 -21.59 10.07 56.92
N ARG D 156 -22.85 10.51 56.98
CA ARG D 156 -23.88 10.02 56.07
C ARG D 156 -24.77 11.21 55.71
N PRO D 157 -24.99 11.42 54.40
CA PRO D 157 -24.43 10.55 53.37
C PRO D 157 -22.90 10.64 53.26
N VAL D 158 -22.30 9.62 52.66
CA VAL D 158 -20.85 9.57 52.46
C VAL D 158 -20.41 10.62 51.43
N ASP D 159 -19.58 11.58 51.84
CA ASP D 159 -19.21 12.69 50.98
C ASP D 159 -17.76 12.60 50.53
N SER D 160 -17.04 11.62 51.09
CA SER D 160 -15.66 11.39 50.70
C SER D 160 -15.35 9.91 50.80
N VAL D 161 -14.24 9.49 50.18
CA VAL D 161 -13.77 8.12 50.37
C VAL D 161 -12.39 8.15 51.00
N LEU D 162 -12.05 7.06 51.64
CA LEU D 162 -10.73 6.93 52.24
C LEU D 162 -9.98 5.95 51.38
N VAL D 163 -8.77 6.33 50.99
CA VAL D 163 -7.95 5.50 50.11
C VAL D 163 -6.75 4.94 50.88
N ASP D 164 -6.71 3.62 51.01
CA ASP D 164 -5.65 2.94 51.73
C ASP D 164 -4.48 2.63 50.80
N VAL D 165 -3.35 3.27 51.07
CA VAL D 165 -2.18 3.13 50.25
C VAL D 165 -1.04 2.43 50.99
N SER D 166 -0.50 1.40 50.37
CA SER D 166 0.60 0.64 50.93
C SER D 166 1.89 0.92 50.15
N THR D 167 2.90 1.44 50.84
CA THR D 167 4.23 1.63 50.27
C THR D 167 5.17 0.56 50.86
N PRO D 168 6.41 0.48 50.35
CA PRO D 168 7.35 -0.53 50.87
C PRO D 168 7.67 -0.32 52.36
N GLU D 169 7.82 0.95 52.77
CA GLU D 169 8.08 1.29 54.17
C GLU D 169 6.81 1.25 55.04
N ALA D 170 5.80 2.01 54.63
CA ALA D 170 4.64 2.28 55.49
C ALA D 170 3.30 1.92 54.85
N THR D 171 2.24 2.30 55.55
CA THR D 171 0.90 2.32 54.99
C THR D 171 0.29 3.65 55.41
N ARG D 172 -0.63 4.16 54.60
CA ARG D 172 -1.27 5.45 54.89
C ARG D 172 -2.67 5.51 54.29
N THR D 173 -3.41 6.57 54.61
CA THR D 173 -4.75 6.74 54.10
C THR D 173 -4.90 8.17 53.66
N VAL D 174 -5.47 8.34 52.46
CA VAL D 174 -5.73 9.66 51.91
C VAL D 174 -7.23 9.81 51.69
N GLU D 175 -7.73 11.03 51.81
CA GLU D 175 -9.15 11.26 51.71
C GLU D 175 -9.41 12.06 50.45
N ALA D 176 -10.50 11.74 49.75
CA ALA D 176 -10.81 12.43 48.50
C ALA D 176 -12.32 12.47 48.25
N ARG D 177 -12.77 13.57 47.65
CA ARG D 177 -14.17 13.73 47.32
C ARG D 177 -14.56 12.95 46.07
N ASN D 178 -13.55 12.62 45.25
CA ASN D 178 -13.74 11.81 44.05
C ASN D 178 -12.57 10.88 43.81
N ILE D 179 -12.85 9.75 43.19
CA ILE D 179 -11.80 8.80 42.87
C ILE D 179 -11.94 8.34 41.41
N VAL D 180 -10.82 8.21 40.71
CA VAL D 180 -10.83 7.71 39.35
C VAL D 180 -10.05 6.40 39.30
N ILE D 181 -10.76 5.30 39.09
CA ILE D 181 -10.14 4.00 39.08
C ILE D 181 -9.73 3.65 37.63
N SER D 182 -8.42 3.47 37.41
CA SER D 182 -7.89 3.20 36.08
C SER D 182 -6.76 2.20 36.20
N THR D 183 -7.11 0.98 36.60
CA THR D 183 -6.10 -0.02 36.96
C THR D 183 -5.79 -1.03 35.84
N GLY D 184 -6.43 -0.84 34.68
CA GLY D 184 -6.05 -1.57 33.48
C GLY D 184 -6.69 -2.93 33.30
N LEU D 185 -6.45 -3.49 32.10
CA LEU D 185 -6.91 -4.83 31.75
C LEU D 185 -6.31 -5.86 32.71
N VAL D 186 -7.02 -6.97 32.90
CA VAL D 186 -6.56 -8.05 33.76
C VAL D 186 -6.30 -9.31 32.95
N PRO D 187 -5.07 -9.82 33.02
CA PRO D 187 -4.70 -11.01 32.23
C PRO D 187 -5.69 -12.15 32.43
N ARG D 188 -6.04 -12.84 31.35
CA ARG D 188 -6.93 -13.99 31.42
C ARG D 188 -6.21 -15.19 30.85
N MET D 189 -6.17 -16.27 31.62
CA MET D 189 -5.58 -17.53 31.22
C MET D 189 -6.71 -18.41 30.74
N PRO D 190 -6.39 -19.43 29.93
CA PRO D 190 -7.41 -20.40 29.49
C PRO D 190 -7.98 -21.09 30.71
N ALA D 191 -9.23 -21.49 30.64
CA ALA D 191 -9.85 -22.26 31.72
C ALA D 191 -9.09 -23.58 31.89
N GLY D 192 -8.68 -23.87 33.11
CA GLY D 192 -8.01 -25.13 33.40
C GLY D 192 -6.52 -25.05 33.19
N VAL D 193 -5.98 -23.84 33.06
CA VAL D 193 -4.55 -23.64 32.88
C VAL D 193 -4.09 -22.54 33.80
N GLN D 194 -3.06 -22.85 34.60
CA GLN D 194 -2.54 -21.86 35.53
C GLN D 194 -1.13 -21.43 35.15
N SER D 195 -0.81 -20.18 35.43
CA SER D 195 0.53 -19.68 35.15
C SER D 195 1.52 -20.39 36.07
N ASP D 196 2.75 -20.52 35.62
CA ASP D 196 3.74 -21.32 36.31
C ASP D 196 5.09 -21.02 35.72
N GLU D 197 6.11 -21.76 36.15
CA GLU D 197 7.48 -21.51 35.71
C GLU D 197 7.65 -21.77 34.22
N PHE D 198 6.75 -22.58 33.65
CA PHE D 198 6.80 -22.92 32.24
C PHE D 198 5.48 -22.67 31.48
N VAL D 199 4.54 -22.02 32.13
CA VAL D 199 3.34 -21.57 31.51
C VAL D 199 3.17 -20.12 31.81
N TRP D 200 3.35 -19.30 30.81
CA TRP D 200 3.30 -17.86 31.01
C TRP D 200 2.11 -17.24 30.29
N HIS D 201 1.55 -16.19 30.88
CA HIS D 201 0.63 -15.34 30.13
C HIS D 201 1.45 -14.35 29.31
N SER D 202 0.96 -14.01 28.11
CA SER D 202 1.70 -13.14 27.19
C SER D 202 2.14 -11.85 27.86
N SER D 203 1.32 -11.34 28.78
CA SER D 203 1.65 -10.08 29.47
C SER D 203 2.99 -10.13 30.20
N ARG D 204 3.45 -11.35 30.52
CA ARG D 204 4.71 -11.51 31.24
C ARG D 204 5.80 -12.13 30.37
N PHE D 205 5.54 -12.19 29.06
CA PHE D 205 6.45 -12.88 28.15
C PHE D 205 7.92 -12.45 28.25
N LEU D 206 8.20 -11.16 28.13
CA LEU D 206 9.59 -10.76 28.17
C LEU D 206 10.20 -10.93 29.58
N ASP D 207 9.40 -10.73 30.62
CA ASP D 207 9.87 -10.96 32.00
C ASP D 207 10.51 -12.35 32.11
N HIS D 208 9.78 -13.38 31.69
CA HIS D 208 10.28 -14.74 31.77
C HIS D 208 11.35 -15.03 30.72
N PHE D 209 11.16 -14.48 29.52
CA PHE D 209 12.02 -14.83 28.39
C PHE D 209 13.47 -14.35 28.55
N ARG D 210 13.66 -13.21 29.14
CA ARG D 210 14.99 -12.70 29.34
C ARG D 210 15.78 -13.42 30.40
N ASP D 211 15.11 -14.12 31.31
CA ASP D 211 15.77 -14.94 32.34
C ASP D 211 16.35 -16.24 31.77
N ARG D 212 15.52 -16.98 31.02
CA ARG D 212 15.90 -18.30 30.54
C ARG D 212 17.05 -18.31 29.52
N ASP D 213 17.83 -19.38 29.54
CA ASP D 213 18.89 -19.60 28.58
C ASP D 213 18.28 -19.89 27.20
N PRO D 214 18.73 -19.16 26.17
CA PRO D 214 18.23 -19.29 24.79
C PRO D 214 18.19 -20.74 24.32
N ARG D 215 19.27 -21.46 24.57
CA ARG D 215 19.37 -22.86 24.17
C ARG D 215 18.41 -23.78 24.95
N SER D 216 17.57 -23.19 25.79
CA SER D 216 16.62 -23.96 26.61
C SER D 216 15.16 -23.80 26.17
N LEU D 217 14.92 -22.93 25.20
CA LEU D 217 13.58 -22.70 24.66
C LEU D 217 13.55 -23.02 23.18
N ARG D 218 13.86 -24.27 22.83
CA ARG D 218 13.87 -24.68 21.43
C ARG D 218 12.47 -25.05 20.94
N ARG D 219 11.55 -25.28 21.88
CA ARG D 219 10.18 -25.64 21.53
C ARG D 219 9.19 -24.80 22.32
N VAL D 220 8.45 -23.94 21.62
CA VAL D 220 7.47 -23.08 22.28
C VAL D 220 6.08 -23.25 21.67
N ALA D 221 5.07 -23.42 22.53
CA ALA D 221 3.68 -23.34 22.10
C ALA D 221 3.14 -21.99 22.52
N VAL D 222 2.44 -21.34 21.59
CA VAL D 222 1.77 -20.07 21.86
C VAL D 222 0.28 -20.24 21.54
N ALA D 223 -0.55 -20.02 22.55
CA ALA D 223 -2.00 -20.20 22.39
C ALA D 223 -2.62 -18.84 22.10
N GLY D 224 -3.46 -18.79 21.07
CA GLY D 224 -4.19 -17.57 20.73
C GLY D 224 -4.09 -17.19 19.27
N GLY D 225 -5.03 -16.36 18.81
CA GLY D 225 -5.06 -15.92 17.43
C GLY D 225 -5.12 -14.41 17.35
N GLY D 226 -4.79 -13.73 18.45
CA GLY D 226 -4.88 -12.28 18.50
C GLY D 226 -3.55 -11.59 18.27
N GLN D 227 -3.54 -10.27 18.48
CA GLN D 227 -2.32 -9.48 18.25
C GLN D 227 -1.13 -9.97 19.09
N SER D 228 -1.39 -10.29 20.38
CA SER D 228 -0.32 -10.80 21.25
C SER D 228 0.27 -12.09 20.74
N ALA D 229 -0.58 -13.06 20.43
CA ALA D 229 -0.11 -14.35 19.91
C ALA D 229 0.76 -14.14 18.67
N ALA D 230 0.25 -13.34 17.72
CA ALA D 230 0.96 -13.11 16.47
C ALA D 230 2.31 -12.46 16.71
N GLU D 231 2.33 -11.44 17.57
CA GLU D 231 3.55 -10.70 17.85
C GLU D 231 4.60 -11.59 18.51
N ILE D 232 4.17 -12.47 19.39
CA ILE D 232 5.10 -13.37 20.10
C ILE D 232 5.68 -14.41 19.13
N VAL D 233 4.82 -15.03 18.33
CA VAL D 233 5.28 -16.01 17.35
C VAL D 233 6.28 -15.39 16.37
N ARG D 234 5.97 -14.17 15.91
CA ARG D 234 6.86 -13.51 14.97
C ARG D 234 8.22 -13.28 15.64
N PHE D 235 8.18 -12.79 16.86
CA PHE D 235 9.41 -12.56 17.61
C PHE D 235 10.22 -13.85 17.79
N LEU D 236 9.57 -14.93 18.19
CA LEU D 236 10.29 -16.20 18.36
C LEU D 236 10.92 -16.63 17.04
N HIS D 237 10.22 -16.39 15.94
CA HIS D 237 10.75 -16.80 14.65
C HIS D 237 11.97 -15.97 14.28
N ASP D 238 11.93 -14.69 14.62
CA ASP D 238 13.00 -13.79 14.24
C ASP D 238 14.20 -13.90 15.20
N ASN D 239 13.94 -14.27 16.45
CA ASN D 239 14.93 -14.21 17.52
C ASN D 239 16.01 -15.29 17.45
N ARG D 240 15.62 -16.54 17.18
CA ARG D 240 16.59 -17.61 16.94
C ARG D 240 16.15 -18.48 15.76
N PRO D 241 17.08 -18.86 14.89
CA PRO D 241 16.82 -19.57 13.64
C PRO D 241 16.31 -21.01 13.82
N ASP D 242 16.41 -21.56 15.02
CA ASP D 242 16.14 -22.98 15.23
C ASP D 242 14.98 -23.28 16.20
N THR D 243 14.37 -22.24 16.74
CA THR D 243 13.20 -22.41 17.59
C THR D 243 12.04 -23.01 16.77
N VAL D 244 11.37 -24.01 17.33
CA VAL D 244 10.17 -24.54 16.69
C VAL D 244 8.97 -23.98 17.47
N VAL D 245 7.97 -23.49 16.73
CA VAL D 245 6.84 -22.82 17.36
C VAL D 245 5.54 -23.48 16.96
N HIS D 246 4.66 -23.68 17.94
CA HIS D 246 3.33 -24.22 17.69
C HIS D 246 2.26 -23.17 18.03
N ALA D 247 1.68 -22.57 16.99
CA ALA D 247 0.69 -21.51 17.15
C ALA D 247 -0.69 -22.17 17.19
N ILE D 248 -1.30 -22.18 18.38
CA ILE D 248 -2.53 -22.94 18.57
C ILE D 248 -3.67 -21.94 18.74
N MET D 249 -4.64 -22.00 17.82
CA MET D 249 -5.74 -21.04 17.82
C MET D 249 -7.04 -21.62 17.26
N PRO D 250 -8.18 -21.07 17.70
CA PRO D 250 -9.49 -21.62 17.32
C PRO D 250 -9.90 -21.33 15.88
N SER D 251 -9.38 -20.25 15.29
CA SER D 251 -9.77 -19.90 13.93
C SER D 251 -8.95 -20.73 12.93
N TYR D 252 -9.29 -20.66 11.65
CA TYR D 252 -8.55 -21.42 10.65
C TYR D 252 -7.25 -20.71 10.29
N GLY D 253 -7.21 -19.40 10.56
CA GLY D 253 -6.02 -18.58 10.37
C GLY D 253 -6.25 -17.25 11.09
N TYR D 254 -5.17 -16.48 11.28
CA TYR D 254 -5.31 -15.15 11.83
C TYR D 254 -6.39 -14.37 11.09
N VAL D 255 -7.19 -13.62 11.84
CA VAL D 255 -8.23 -12.78 11.27
C VAL D 255 -7.71 -11.33 11.28
N VAL D 256 -7.87 -10.63 10.15
CA VAL D 256 -7.31 -9.27 10.06
C VAL D 256 -8.06 -8.30 10.97
N ALA D 257 -7.32 -7.40 11.61
CA ALA D 257 -7.96 -6.33 12.40
C ALA D 257 -8.53 -5.26 11.45
N ASP D 258 -9.76 -4.83 11.71
CA ASP D 258 -10.37 -3.83 10.84
C ASP D 258 -10.15 -2.42 11.40
N ASN D 259 -9.40 -1.59 10.67
CA ASN D 259 -9.43 -0.16 10.98
C ASN D 259 -9.70 0.71 9.75
N THR D 260 -10.46 0.15 8.80
CA THR D 260 -10.93 0.94 7.68
C THR D 260 -11.86 2.05 8.22
N PRO D 261 -11.95 3.18 7.50
CA PRO D 261 -12.45 4.46 8.05
C PRO D 261 -13.87 4.42 8.59
N PHE D 262 -14.80 3.69 7.95
CA PHE D 262 -16.20 3.70 8.41
C PHE D 262 -16.35 2.88 9.69
N ALA D 263 -15.78 1.67 9.68
CA ALA D 263 -15.83 0.83 10.87
C ALA D 263 -15.10 1.53 12.01
N ASN D 264 -14.02 2.23 11.66
CA ASN D 264 -13.18 2.87 12.67
C ASN D 264 -13.91 3.99 13.42
N GLN D 265 -15.01 4.46 12.84
CA GLN D 265 -15.79 5.53 13.48
C GLN D 265 -16.38 5.09 14.82
N ILE D 266 -16.43 3.77 15.09
CA ILE D 266 -16.93 3.34 16.39
C ILE D 266 -16.05 3.86 17.50
N PHE D 267 -14.83 4.30 17.16
CA PHE D 267 -13.91 4.84 18.15
C PHE D 267 -14.02 6.35 18.29
N ASP D 268 -14.88 6.98 17.47
CA ASP D 268 -15.02 8.44 17.53
C ASP D 268 -15.55 8.84 18.89
N PRO D 269 -15.15 10.01 19.38
CA PRO D 269 -15.78 10.57 20.60
C PRO D 269 -17.30 10.55 20.47
N ALA D 270 -17.83 11.00 19.33
CA ALA D 270 -19.28 11.03 19.15
C ALA D 270 -19.90 9.64 19.19
N ALA D 271 -19.12 8.61 18.85
CA ALA D 271 -19.62 7.22 18.83
C ALA D 271 -19.86 6.71 20.26
N VAL D 272 -19.19 7.31 21.22
CA VAL D 272 -19.46 7.03 22.63
C VAL D 272 -20.93 7.36 22.93
N ASP D 273 -21.36 8.52 22.48
CA ASP D 273 -22.77 8.92 22.61
C ASP D 273 -23.71 7.91 21.96
N ASP D 274 -23.43 7.53 20.71
CA ASP D 274 -24.30 6.61 19.98
C ASP D 274 -24.43 5.27 20.71
N TYR D 275 -23.30 4.75 21.17
CA TYR D 275 -23.32 3.51 21.93
C TYR D 275 -24.06 3.69 23.25
N PHE D 276 -23.70 4.75 23.99
CA PHE D 276 -24.27 4.95 25.31
C PHE D 276 -25.77 5.11 25.23
N ASP D 277 -26.23 6.00 24.34
CA ASP D 277 -27.67 6.30 24.23
C ASP D 277 -28.45 5.22 23.51
N GLY D 278 -27.74 4.36 22.78
CA GLY D 278 -28.41 3.32 22.02
C GLY D 278 -29.03 2.25 22.90
N SER D 279 -30.07 1.61 22.38
CA SER D 279 -30.67 0.47 23.06
C SER D 279 -29.64 -0.66 23.25
N LYS D 280 -30.00 -1.67 24.05
CA LYS D 280 -29.15 -2.85 24.22
C LYS D 280 -28.96 -3.54 22.87
N GLN D 281 -30.03 -3.56 22.09
CA GLN D 281 -30.00 -4.14 20.76
C GLN D 281 -28.92 -3.48 19.90
N ALA D 282 -28.85 -2.15 19.93
CA ALA D 282 -27.84 -1.42 19.16
C ALA D 282 -26.43 -1.71 19.70
N LYS D 283 -26.30 -1.73 21.03
CA LYS D 283 -25.01 -2.04 21.65
C LYS D 283 -24.54 -3.40 21.19
N ASP D 284 -25.44 -4.39 21.18
CA ASP D 284 -25.09 -5.73 20.70
C ASP D 284 -24.60 -5.70 19.24
N ALA D 285 -25.23 -4.85 18.42
CA ALA D 285 -24.85 -4.73 17.02
C ALA D 285 -23.40 -4.25 16.89
N PHE D 286 -22.97 -3.36 17.76
CA PHE D 286 -21.60 -2.85 17.71
C PHE D 286 -20.64 -4.02 17.86
N TRP D 287 -20.92 -4.90 18.82
CA TRP D 287 -20.05 -6.04 19.10
C TRP D 287 -20.13 -7.07 17.97
N ARG D 288 -21.36 -7.34 17.55
CA ARG D 288 -21.61 -8.32 16.50
C ARG D 288 -20.94 -7.97 15.18
N TYR D 289 -20.88 -6.68 14.85
CA TYR D 289 -20.31 -6.29 13.57
C TYR D 289 -18.85 -5.84 13.64
N HIS D 290 -18.42 -5.28 14.78
CA HIS D 290 -17.14 -4.55 14.82
C HIS D 290 -16.18 -5.00 15.91
N ARG D 291 -16.49 -6.16 16.50
CA ARG D 291 -15.59 -6.77 17.47
C ARG D 291 -14.20 -6.93 16.84
N ASN D 292 -14.21 -7.23 15.54
CA ASN D 292 -12.98 -7.41 14.75
C ASN D 292 -12.14 -6.13 14.54
N THR D 293 -12.55 -5.02 15.15
CA THR D 293 -11.70 -3.83 15.16
C THR D 293 -10.63 -3.91 16.28
N ASN D 294 -10.77 -4.88 17.18
CA ASN D 294 -9.85 -4.91 18.33
C ASN D 294 -9.58 -6.28 18.94
N TYR D 295 -10.61 -7.13 19.02
CA TYR D 295 -10.47 -8.39 19.76
C TYR D 295 -10.21 -9.58 18.85
N SER D 296 -9.23 -10.41 19.23
CA SER D 296 -8.99 -11.66 18.50
C SER D 296 -8.67 -11.45 17.02
N VAL D 297 -7.94 -10.37 16.74
CA VAL D 297 -7.57 -10.03 15.38
C VAL D 297 -6.14 -9.50 15.35
N VAL D 298 -5.56 -9.47 14.16
CA VAL D 298 -4.15 -9.15 14.02
C VAL D 298 -3.97 -8.10 12.95
N ASP D 299 -3.04 -7.18 13.19
CA ASP D 299 -2.71 -6.14 12.24
C ASP D 299 -2.24 -6.76 10.91
N ASP D 300 -2.80 -6.22 9.81
CA ASP D 300 -2.52 -6.67 8.44
C ASP D 300 -1.03 -6.97 8.18
N GLU D 301 -0.17 -6.01 8.48
CA GLU D 301 1.27 -6.15 8.21
C GLU D 301 1.91 -7.29 9.01
N VAL D 302 1.52 -7.46 10.27
CA VAL D 302 2.08 -8.56 11.05
C VAL D 302 1.63 -9.89 10.46
N ILE D 303 0.38 -9.95 9.98
CA ILE D 303 -0.09 -11.19 9.36
C ILE D 303 0.77 -11.53 8.14
N ARG D 304 0.98 -10.53 7.29
CA ARG D 304 1.72 -10.69 6.06
C ARG D 304 3.18 -11.08 6.33
N ASP D 305 3.74 -10.53 7.40
CA ASP D 305 5.13 -10.82 7.74
C ASP D 305 5.24 -12.30 8.15
N LEU D 306 4.28 -12.75 8.96
CA LEU D 306 4.25 -14.14 9.40
C LEU D 306 4.10 -15.10 8.22
N TYR D 307 3.24 -14.74 7.27
CA TYR D 307 3.00 -15.58 6.11
C TYR D 307 4.26 -15.67 5.24
N ARG D 308 4.95 -14.55 5.04
CA ARG D 308 6.21 -14.54 4.29
C ARG D 308 7.28 -15.43 4.96
N ARG D 309 7.37 -15.35 6.27
CA ARG D 309 8.33 -16.17 7.02
C ARG D 309 8.05 -17.67 6.85
N GLY D 310 6.78 -18.03 6.94
CA GLY D 310 6.38 -19.42 6.79
C GLY D 310 6.73 -19.87 5.39
N TYR D 311 6.43 -19.02 4.42
CA TYR D 311 6.66 -19.36 3.02
C TYR D 311 8.15 -19.61 2.74
N ASP D 312 8.99 -18.69 3.20
CA ASP D 312 10.43 -18.79 2.95
C ASP D 312 11.04 -20.03 3.61
N ASP D 313 10.56 -20.38 4.82
CA ASP D 313 11.01 -21.61 5.48
C ASP D 313 10.64 -22.80 4.64
N GLU D 314 9.46 -22.79 4.06
CA GLU D 314 9.09 -23.86 3.20
C GLU D 314 10.02 -23.95 2.02
N VAL D 315 10.23 -22.83 1.37
CA VAL D 315 11.13 -22.82 0.22
C VAL D 315 12.50 -23.40 0.63
N ALA D 316 12.95 -23.03 1.81
CA ALA D 316 14.24 -23.49 2.32
C ALA D 316 14.21 -24.95 2.77
N GLY D 317 13.02 -25.56 2.80
CA GLY D 317 12.86 -26.92 3.28
C GLY D 317 13.12 -27.08 4.77
N ALA D 318 12.90 -26.01 5.53
CA ALA D 318 13.16 -26.01 6.97
C ALA D 318 12.00 -25.37 7.74
N PRO D 319 10.83 -26.03 7.75
CA PRO D 319 9.66 -25.48 8.45
C PRO D 319 9.87 -25.42 9.97
N ARG D 320 9.45 -24.35 10.59
CA ARG D 320 9.58 -24.17 12.00
C ARG D 320 8.27 -23.77 12.62
N LEU D 321 7.43 -23.07 11.89
CA LEU D 321 6.18 -22.56 12.40
C LEU D 321 5.11 -23.58 12.15
N ASN D 322 4.55 -24.14 13.21
CA ASN D 322 3.47 -25.11 13.09
C ASN D 322 2.13 -24.51 13.51
N PHE D 323 1.28 -24.22 12.53
CA PHE D 323 -0.03 -23.61 12.82
C PHE D 323 -1.07 -24.68 13.15
N VAL D 324 -1.53 -24.66 14.39
CA VAL D 324 -2.48 -25.65 14.87
C VAL D 324 -3.80 -24.93 15.00
N ASN D 325 -4.56 -24.98 13.90
CA ASN D 325 -5.80 -24.23 13.79
C ASN D 325 -7.00 -25.05 14.23
N LEU D 326 -8.12 -24.35 14.47
CA LEU D 326 -9.36 -25.00 14.88
C LEU D 326 -9.13 -25.79 16.17
N ALA D 327 -8.37 -25.20 17.09
CA ALA D 327 -7.92 -25.89 18.29
C ALA D 327 -7.86 -24.95 19.50
N HIS D 328 -7.93 -25.52 20.70
CA HIS D 328 -7.80 -24.74 21.96
C HIS D 328 -6.84 -25.44 22.88
N VAL D 329 -6.03 -24.68 23.60
CA VAL D 329 -5.24 -25.27 24.67
C VAL D 329 -6.21 -25.49 25.84
N VAL D 330 -6.31 -26.72 26.34
CA VAL D 330 -7.23 -27.02 27.44
C VAL D 330 -6.54 -27.47 28.74
N GLY D 331 -5.26 -27.80 28.66
CA GLY D 331 -4.50 -28.12 29.86
C GLY D 331 -2.99 -28.08 29.67
N ALA D 332 -2.28 -27.93 30.78
CA ALA D 332 -0.82 -27.99 30.79
C ALA D 332 -0.31 -28.63 32.10
N LYS D 333 0.68 -29.51 31.97
CA LYS D 333 1.28 -30.17 33.12
C LYS D 333 2.76 -30.41 32.86
N ARG D 334 3.58 -30.20 33.88
CA ARG D 334 5.02 -30.35 33.73
C ARG D 334 5.38 -31.81 34.01
N ILE D 335 5.93 -32.48 33.02
CA ILE D 335 6.30 -33.87 33.15
C ILE D 335 7.76 -34.04 32.80
N ALA D 336 8.61 -33.98 33.82
CA ALA D 336 10.04 -34.19 33.62
C ALA D 336 10.55 -32.98 32.84
N ASP D 337 11.24 -33.24 31.73
CA ASP D 337 11.81 -32.18 30.91
C ASP D 337 10.89 -31.59 29.87
N ASP D 338 9.59 -31.88 29.98
CA ASP D 338 8.63 -31.37 29.04
C ASP D 338 7.47 -30.62 29.70
N THR D 339 7.07 -29.52 29.13
CA THR D 339 5.76 -28.96 29.42
C THR D 339 4.80 -29.65 28.48
N ARG D 340 3.86 -30.41 29.04
CA ARG D 340 2.94 -31.18 28.22
C ARG D 340 1.61 -30.43 28.09
N VAL D 341 1.32 -30.00 26.86
CA VAL D 341 0.14 -29.18 26.58
C VAL D 341 -0.95 -30.07 26.03
N THR D 342 -2.12 -30.03 26.66
CA THR D 342 -3.27 -30.75 26.12
C THR D 342 -4.05 -29.83 25.16
N VAL D 343 -4.19 -30.30 23.92
CA VAL D 343 -4.84 -29.53 22.87
C VAL D 343 -6.13 -30.22 22.45
N TYR D 344 -7.21 -29.45 22.37
CA TYR D 344 -8.46 -29.99 21.84
C TYR D 344 -8.63 -29.57 20.38
N SER D 345 -8.76 -30.56 19.50
CA SER D 345 -8.99 -30.31 18.08
C SER D 345 -10.48 -30.32 17.80
N MET D 346 -11.03 -29.17 17.42
CA MET D 346 -12.44 -29.09 17.01
C MET D 346 -12.77 -29.95 15.77
N ALA D 347 -11.80 -30.10 14.86
CA ALA D 347 -12.07 -30.80 13.62
C ALA D 347 -12.33 -32.27 13.88
N ARG D 348 -11.54 -32.85 14.78
CA ARG D 348 -11.67 -34.27 15.11
C ARG D 348 -12.43 -34.51 16.41
N GLU D 349 -12.70 -33.43 17.14
CA GLU D 349 -13.41 -33.54 18.41
C GLU D 349 -12.75 -34.50 19.39
N GLU D 350 -11.43 -34.35 19.55
CA GLU D 350 -10.66 -35.17 20.47
C GLU D 350 -9.40 -34.42 20.88
N SER D 351 -8.91 -34.69 22.09
CA SER D 351 -7.75 -33.97 22.58
C SER D 351 -6.49 -34.81 22.43
N TYR D 352 -5.34 -34.16 22.52
CA TYR D 352 -4.07 -34.85 22.40
C TYR D 352 -3.01 -33.99 23.03
N ASP D 353 -1.83 -34.58 23.22
CA ASP D 353 -0.76 -33.91 23.97
C ASP D 353 0.34 -33.42 23.04
N LEU D 354 0.94 -32.30 23.42
CA LEU D 354 2.01 -31.72 22.66
C LEU D 354 3.09 -31.35 23.68
N ASP D 355 4.30 -31.81 23.44
CA ASP D 355 5.42 -31.54 24.33
C ASP D 355 6.28 -30.37 23.81
N VAL D 356 6.51 -29.40 24.69
CA VAL D 356 7.30 -28.25 24.38
C VAL D 356 8.07 -27.89 25.63
N ASP D 357 8.91 -26.87 25.58
CA ASP D 357 9.62 -26.37 26.75
C ASP D 357 8.79 -25.35 27.51
N VAL D 358 8.11 -24.49 26.75
CA VAL D 358 7.27 -23.45 27.33
C VAL D 358 5.92 -23.28 26.61
N LEU D 359 4.88 -23.06 27.39
CA LEU D 359 3.57 -22.68 26.86
C LEU D 359 3.35 -21.20 27.19
N VAL D 360 3.21 -20.37 26.14
CA VAL D 360 2.81 -18.98 26.33
C VAL D 360 1.32 -18.86 25.97
N CYS D 361 0.53 -18.41 26.92
CA CYS D 361 -0.90 -18.21 26.67
C CYS D 361 -1.12 -16.74 26.31
N ALA D 362 -1.35 -16.49 25.02
CA ALA D 362 -1.68 -15.14 24.58
C ALA D 362 -3.20 -15.12 24.46
N THR D 363 -3.88 -15.41 25.58
CA THR D 363 -5.32 -15.67 25.55
C THR D 363 -6.14 -14.48 26.02
N GLY D 364 -5.51 -13.32 26.08
CA GLY D 364 -6.25 -12.07 26.23
C GLY D 364 -6.42 -11.60 27.68
N TYR D 365 -7.36 -10.69 27.87
CA TYR D 365 -7.57 -10.01 29.14
C TYR D 365 -9.05 -9.88 29.45
N ASP D 366 -9.34 -9.68 30.72
CA ASP D 366 -10.68 -9.28 31.13
C ASP D 366 -10.67 -7.78 31.35
N PRO D 367 -11.84 -7.15 31.18
CA PRO D 367 -11.98 -5.70 31.44
C PRO D 367 -11.62 -5.37 32.88
N MET D 368 -11.16 -4.14 33.12
CA MET D 368 -11.04 -3.63 34.48
C MET D 368 -12.37 -3.78 35.21
N ASP D 369 -12.32 -4.15 36.49
CA ASP D 369 -13.54 -4.20 37.30
C ASP D 369 -13.26 -3.60 38.67
N PRO D 370 -13.90 -2.46 38.98
CA PRO D 370 -13.65 -1.70 40.23
C PRO D 370 -14.13 -2.45 41.48
N GLY D 371 -14.93 -3.51 41.29
CA GLY D 371 -15.49 -4.28 42.38
C GLY D 371 -14.59 -4.60 43.55
N ASP D 372 -13.48 -5.29 43.29
CA ASP D 372 -12.56 -5.69 44.37
C ASP D 372 -12.04 -4.49 45.17
N LEU D 373 -11.55 -3.48 44.48
CA LEU D 373 -11.04 -2.29 45.15
C LEU D 373 -12.11 -1.57 45.97
N LEU D 374 -13.36 -1.66 45.54
CA LEU D 374 -14.45 -0.89 46.16
C LEU D 374 -14.87 -1.42 47.53
N GLY D 375 -14.82 -2.74 47.71
CA GLY D 375 -15.21 -3.35 48.97
C GLY D 375 -16.59 -2.94 49.43
N GLU D 376 -16.69 -2.35 50.62
CA GLU D 376 -17.96 -1.97 51.21
C GLU D 376 -18.76 -1.00 50.36
N LEU D 377 -18.06 -0.11 49.65
CA LEU D 377 -18.74 0.90 48.85
C LEU D 377 -19.61 0.26 47.78
N ALA D 378 -19.26 -0.96 47.38
CA ALA D 378 -19.97 -1.67 46.33
C ALA D 378 -21.47 -1.83 46.64
N GLU D 379 -21.78 -1.91 47.93
CA GLU D 379 -23.18 -2.02 48.36
C GLU D 379 -24.03 -0.85 47.84
N HIS D 380 -23.41 0.32 47.73
CA HIS D 380 -24.11 1.52 47.30
C HIS D 380 -24.08 1.73 45.78
N CYS D 381 -23.32 0.89 45.08
CA CYS D 381 -23.20 1.01 43.62
C CYS D 381 -24.26 0.15 42.95
N VAL D 382 -25.00 0.76 42.04
CA VAL D 382 -26.13 0.08 41.39
C VAL D 382 -25.71 -0.77 40.21
N GLN D 383 -26.27 -1.98 40.13
CA GLN D 383 -26.00 -2.90 39.03
C GLN D 383 -27.15 -2.92 38.04
N ASP D 384 -26.89 -3.42 36.82
CA ASP D 384 -27.93 -3.56 35.81
C ASP D 384 -28.55 -4.95 35.86
N ALA D 385 -29.35 -5.26 34.85
CA ALA D 385 -29.98 -6.59 34.71
C ALA D 385 -28.94 -7.72 34.72
N GLU D 386 -27.94 -7.62 33.86
CA GLU D 386 -26.93 -8.67 33.73
C GLU D 386 -25.88 -8.63 34.87
N GLY D 387 -26.14 -7.80 35.88
CA GLY D 387 -25.29 -7.76 37.07
C GLY D 387 -23.97 -7.01 36.87
N ARG D 388 -23.96 -6.02 35.99
CA ARG D 388 -22.79 -5.18 35.79
C ARG D 388 -23.03 -3.81 36.41
N TRP D 389 -21.95 -3.05 36.62
CA TRP D 389 -22.06 -1.73 37.22
C TRP D 389 -22.77 -0.76 36.28
N GLN D 390 -23.73 0.00 36.81
CA GLN D 390 -24.36 1.07 36.04
C GLN D 390 -23.48 2.32 36.09
N VAL D 391 -23.17 2.89 34.92
CA VAL D 391 -22.28 4.03 34.84
C VAL D 391 -22.94 5.14 34.03
N ASP D 392 -22.82 6.37 34.52
CA ASP D 392 -23.35 7.53 33.80
C ASP D 392 -22.48 7.93 32.61
N ARG D 393 -23.04 8.78 31.76
CA ARG D 393 -22.36 9.20 30.56
C ARG D 393 -21.01 9.83 30.86
N ASP D 394 -20.91 10.51 31.99
CA ASP D 394 -19.65 11.14 32.40
C ASP D 394 -18.70 10.16 33.13
N TYR D 395 -18.92 8.85 32.94
CA TYR D 395 -18.03 7.82 33.47
C TYR D 395 -18.10 7.62 34.99
N ARG D 396 -19.11 8.20 35.60
CA ARG D 396 -19.35 8.12 37.01
C ARG D 396 -20.26 6.98 37.36
N MET D 397 -19.82 6.09 38.23
CA MET D 397 -20.69 4.99 38.66
C MET D 397 -21.99 5.52 39.24
N VAL D 398 -23.08 4.84 38.92
CA VAL D 398 -24.37 5.15 39.53
C VAL D 398 -24.40 4.62 40.96
N THR D 399 -24.71 5.51 41.91
CA THR D 399 -24.78 5.11 43.31
C THR D 399 -26.12 5.52 43.92
N THR D 400 -26.49 4.86 45.01
CA THR D 400 -27.66 5.27 45.78
C THR D 400 -27.33 6.61 46.42
N PRO D 401 -28.35 7.23 47.00
CA PRO D 401 -28.19 8.55 47.64
C PRO D 401 -27.24 8.49 48.83
N ASP D 402 -27.03 7.29 49.38
CA ASP D 402 -26.15 7.11 50.53
C ASP D 402 -24.71 7.45 50.18
N LEU D 403 -24.43 7.56 48.89
CA LEU D 403 -23.08 7.87 48.41
C LEU D 403 -23.11 9.09 47.51
N ARG D 404 -22.41 10.14 47.91
CA ARG D 404 -22.39 11.38 47.16
C ARG D 404 -21.02 11.61 46.50
N CYS D 405 -20.02 10.87 46.94
CA CYS D 405 -18.68 11.03 46.38
C CYS D 405 -18.63 10.42 44.97
N GLY D 406 -17.85 11.03 44.08
CA GLY D 406 -17.75 10.56 42.70
C GLY D 406 -16.77 9.41 42.51
N ILE D 407 -17.25 8.31 41.94
CA ILE D 407 -16.37 7.19 41.58
C ILE D 407 -16.36 7.03 40.04
N TYR D 408 -15.27 7.46 39.41
CA TYR D 408 -15.17 7.41 37.96
C TYR D 408 -14.32 6.24 37.47
N LEU D 409 -14.68 5.71 36.30
CA LEU D 409 -14.02 4.53 35.72
C LEU D 409 -13.39 4.87 34.38
N GLN D 410 -12.07 4.69 34.28
CA GLN D 410 -11.39 4.71 32.99
C GLN D 410 -10.94 3.29 32.76
N GLY D 411 -11.73 2.57 31.96
CA GLY D 411 -11.62 1.13 31.85
C GLY D 411 -12.89 0.58 32.48
N GLY D 412 -13.23 -0.68 32.18
CA GLY D 412 -14.42 -1.31 32.76
C GLY D 412 -15.75 -0.72 32.29
N THR D 413 -15.75 0.04 31.20
CA THR D 413 -16.99 0.61 30.68
C THR D 413 -17.40 0.05 29.33
N GLU D 414 -16.82 -1.09 28.96
CA GLU D 414 -17.12 -1.73 27.67
C GLU D 414 -18.64 -1.83 27.45
N HIS D 415 -19.37 -2.13 28.52
CA HIS D 415 -20.80 -2.41 28.40
C HIS D 415 -21.67 -1.16 28.40
N THR D 416 -21.11 -0.01 28.79
CA THR D 416 -21.89 1.22 28.86
C THR D 416 -21.45 2.24 27.82
N HIS D 417 -20.13 2.34 27.62
CA HIS D 417 -19.57 3.35 26.73
C HIS D 417 -19.01 2.76 25.43
N GLY D 418 -18.76 1.45 25.41
CA GLY D 418 -18.37 0.79 24.17
C GLY D 418 -16.91 0.43 24.01
N LEU D 419 -16.53 0.04 22.80
CA LEU D 419 -15.23 -0.56 22.53
C LEU D 419 -14.02 0.34 22.78
N SER D 420 -14.20 1.65 22.88
CA SER D 420 -13.05 2.52 23.15
C SER D 420 -12.56 2.43 24.59
N SER D 421 -13.35 1.78 25.46
CA SER D 421 -13.11 1.85 26.91
C SER D 421 -11.71 1.44 27.39
N SER D 422 -11.19 0.32 26.88
CA SER D 422 -9.88 -0.17 27.33
C SER D 422 -8.74 0.34 26.45
N LEU D 423 -9.07 1.16 25.45
CA LEU D 423 -8.15 1.53 24.40
C LEU D 423 -7.61 2.95 24.56
N LEU D 424 -6.72 3.34 23.66
CA LEU D 424 -6.12 4.68 23.66
C LEU D 424 -6.88 5.65 22.75
N SER D 425 -7.95 5.17 22.12
CA SER D 425 -8.67 5.94 21.12
C SER D 425 -9.21 7.26 21.64
N ASN D 426 -9.68 7.24 22.89
CA ASN D 426 -10.40 8.38 23.43
C ASN D 426 -9.94 8.82 24.81
N LEU D 427 -8.62 8.88 24.99
CA LEU D 427 -8.04 9.37 26.24
C LEU D 427 -8.36 10.83 26.47
N ALA D 428 -8.17 11.64 25.43
CA ALA D 428 -8.27 13.09 25.56
C ALA D 428 -9.68 13.53 25.94
N THR D 429 -10.67 12.98 25.25
CA THR D 429 -12.04 13.40 25.49
C THR D 429 -12.57 12.87 26.81
N ARG D 430 -12.28 11.60 27.13
CA ARG D 430 -12.79 11.03 28.39
C ARG D 430 -12.18 11.76 29.58
N SER D 431 -10.86 11.94 29.58
CA SER D 431 -10.23 12.63 30.69
C SER D 431 -10.85 14.04 30.84
N GLY D 432 -11.08 14.73 29.73
CA GLY D 432 -11.65 16.07 29.77
C GLY D 432 -13.05 16.07 30.36
N GLU D 433 -13.84 15.06 29.98
CA GLU D 433 -15.20 14.92 30.49
C GLU D 433 -15.21 14.64 31.99
N ILE D 434 -14.30 13.79 32.45
CA ILE D 434 -14.22 13.46 33.85
C ILE D 434 -13.86 14.71 34.67
N VAL D 435 -12.83 15.43 34.24
CA VAL D 435 -12.44 16.67 34.89
C VAL D 435 -13.62 17.64 34.96
N SER D 436 -14.31 17.84 33.84
CA SER D 436 -15.49 18.70 33.79
C SER D 436 -16.59 18.25 34.73
N SER D 437 -16.85 16.94 34.77
CA SER D 437 -17.85 16.43 35.70
C SER D 437 -17.50 16.80 37.15
N ILE D 438 -16.25 16.58 37.53
CA ILE D 438 -15.78 16.89 38.88
C ILE D 438 -15.90 18.40 39.20
N GLU D 439 -15.46 19.26 38.29
CA GLU D 439 -15.59 20.72 38.49
C GLU D 439 -17.05 21.13 38.64
N ARG D 440 -17.91 20.55 37.81
CA ARG D 440 -19.34 20.86 37.84
C ARG D 440 -19.98 20.52 39.19
N ARG D 441 -19.53 19.43 39.79
CA ARG D 441 -20.04 19.01 41.10
C ARG D 441 -19.45 19.84 42.23
N LYS D 442 -18.12 19.93 42.30
CA LYS D 442 -17.49 20.68 43.37
C LYS D 442 -18.30 21.95 43.53
N SER D 443 -18.19 22.83 42.54
CA SER D 443 -18.91 24.09 42.56
C SER D 443 -20.42 23.86 42.63
#